data_1U4M
# 
_entry.id   1U4M 
# 
_audit_conform.dict_name       mmcif_pdbx.dic 
_audit_conform.dict_version    5.398 
_audit_conform.dict_location   http://mmcif.pdb.org/dictionaries/ascii/mmcif_pdbx.dic 
# 
loop_
_database_2.database_id 
_database_2.database_code 
_database_2.pdbx_database_accession 
_database_2.pdbx_DOI 
PDB   1U4M         pdb_00001u4m 10.2210/pdb1u4m/pdb 
RCSB  RCSB023238   ?            ?                   
WWPDB D_1000023238 ?            ?                   
# 
loop_
_pdbx_audit_revision_history.ordinal 
_pdbx_audit_revision_history.data_content_type 
_pdbx_audit_revision_history.major_revision 
_pdbx_audit_revision_history.minor_revision 
_pdbx_audit_revision_history.revision_date 
1 'Structure model' 1 0 2004-11-09 
2 'Structure model' 1 1 2008-04-30 
3 'Structure model' 1 2 2011-07-13 
4 'Structure model' 2 0 2020-07-29 
5 'Structure model' 2 1 2023-08-23 
6 'Structure model' 2 2 2024-11-13 
# 
loop_
_pdbx_audit_revision_details.ordinal 
_pdbx_audit_revision_details.revision_ordinal 
_pdbx_audit_revision_details.data_content_type 
_pdbx_audit_revision_details.provider 
_pdbx_audit_revision_details.type 
_pdbx_audit_revision_details.description 
_pdbx_audit_revision_details.details 
1 1 'Structure model' repository 'Initial release' ?                          ? 
2 4 'Structure model' repository Remediation       'Carbohydrate remediation' ? 
# 
loop_
_pdbx_audit_revision_group.ordinal 
_pdbx_audit_revision_group.revision_ordinal 
_pdbx_audit_revision_group.data_content_type 
_pdbx_audit_revision_group.group 
1  2 'Structure model' 'Version format compliance' 
2  3 'Structure model' 'Version format compliance' 
3  4 'Structure model' 'Atomic model'              
4  4 'Structure model' 'Data collection'           
5  4 'Structure model' 'Derived calculations'      
6  4 'Structure model' 'Non-polymer description'   
7  4 'Structure model' 'Structure summary'         
8  5 'Structure model' 'Data collection'           
9  5 'Structure model' 'Database references'       
10 5 'Structure model' 'Refinement description'    
11 5 'Structure model' 'Structure summary'         
12 6 'Structure model' 'Structure summary'         
# 
loop_
_pdbx_audit_revision_category.ordinal 
_pdbx_audit_revision_category.revision_ordinal 
_pdbx_audit_revision_category.data_content_type 
_pdbx_audit_revision_category.category 
1  4 'Structure model' atom_site                     
2  4 'Structure model' chem_comp                     
3  4 'Structure model' entity                        
4  4 'Structure model' entity_name_com               
5  4 'Structure model' pdbx_branch_scheme            
6  4 'Structure model' pdbx_chem_comp_identifier     
7  4 'Structure model' pdbx_entity_branch            
8  4 'Structure model' pdbx_entity_branch_descriptor 
9  4 'Structure model' pdbx_entity_branch_link       
10 4 'Structure model' pdbx_entity_branch_list       
11 4 'Structure model' pdbx_entity_nonpoly           
12 4 'Structure model' pdbx_molecule_features        
13 4 'Structure model' pdbx_nonpoly_scheme           
14 4 'Structure model' struct_conn                   
15 4 'Structure model' struct_conn_type              
16 4 'Structure model' struct_site                   
17 4 'Structure model' struct_site_gen               
18 5 'Structure model' chem_comp                     
19 5 'Structure model' chem_comp_atom                
20 5 'Structure model' chem_comp_bond                
21 5 'Structure model' database_2                    
22 5 'Structure model' pdbx_initial_refinement_model 
23 6 'Structure model' pdbx_entry_details            
24 6 'Structure model' pdbx_modification_feature     
# 
loop_
_pdbx_audit_revision_item.ordinal 
_pdbx_audit_revision_item.revision_ordinal 
_pdbx_audit_revision_item.data_content_type 
_pdbx_audit_revision_item.item 
1  4 'Structure model' '_atom_site.B_iso_or_equiv'           
2  4 'Structure model' '_atom_site.Cartn_x'                  
3  4 'Structure model' '_atom_site.Cartn_y'                  
4  4 'Structure model' '_atom_site.Cartn_z'                  
5  4 'Structure model' '_atom_site.auth_asym_id'             
6  4 'Structure model' '_atom_site.auth_atom_id'             
7  4 'Structure model' '_atom_site.auth_comp_id'             
8  4 'Structure model' '_atom_site.auth_seq_id'              
9  4 'Structure model' '_atom_site.label_atom_id'            
10 4 'Structure model' '_atom_site.label_comp_id'            
11 4 'Structure model' '_atom_site.type_symbol'              
12 4 'Structure model' '_chem_comp.formula'                  
13 4 'Structure model' '_chem_comp.formula_weight'           
14 4 'Structure model' '_chem_comp.id'                       
15 4 'Structure model' '_chem_comp.mon_nstd_flag'            
16 4 'Structure model' '_chem_comp.name'                     
17 4 'Structure model' '_chem_comp.type'                     
18 4 'Structure model' '_entity.formula_weight'              
19 4 'Structure model' '_entity.pdbx_description'            
20 4 'Structure model' '_entity.src_method'                  
21 4 'Structure model' '_entity.type'                        
22 5 'Structure model' '_chem_comp.pdbx_synonyms'            
23 5 'Structure model' '_database_2.pdbx_DOI'                
24 5 'Structure model' '_database_2.pdbx_database_accession' 
# 
_pdbx_database_status.status_code                     REL 
_pdbx_database_status.entry_id                        1U4M 
_pdbx_database_status.recvd_initial_deposition_date   2004-07-26 
_pdbx_database_status.deposit_site                    RCSB 
_pdbx_database_status.process_site                    RCSB 
_pdbx_database_status.SG_entry                        . 
_pdbx_database_status.pdb_format_compatible           Y 
_pdbx_database_status.status_code_mr                  ? 
_pdbx_database_status.status_code_sf                  ? 
_pdbx_database_status.status_code_cs                  ? 
_pdbx_database_status.status_code_nmr_data            ? 
_pdbx_database_status.methods_development_category    ? 
# 
loop_
_pdbx_database_related.db_name 
_pdbx_database_related.db_id 
_pdbx_database_related.details 
_pdbx_database_related.content_type 
PDB 1hrj . unspecified 
PDB 1rtn . unspecified 
PDB 1rto . unspecified 
PDB 1b3a . unspecified 
PDB 1eqt . unspecified 
PDB 1u4r . unspecified 
PDB 1u4l . unspecified 
PDB 1u4p . unspecified 
# 
loop_
_audit_author.name 
_audit_author.pdbx_ordinal 
'Shaw, J.P.'        1 
'Johnson, Z.'       2 
'Borlat, F.'        3 
'Zwahlen, C.'       4 
'Kungl, A.'         5 
'Roulin, K.'        6 
'Harrenga, A.'      7 
'Wells, T.N.C.'     8 
'Proudfoot, A.E.I.' 9 
# 
_citation.id                        primary 
_citation.title                     
'The X-ray structure of RANTES: heparin-derived disaccharides allows the rational design of chemokine inhibitors.' 
_citation.journal_abbrev            Structure 
_citation.journal_volume            12 
_citation.page_first                2081 
_citation.page_last                 2093 
_citation.year                      2004 
_citation.journal_id_ASTM           STRUE6 
_citation.country                   UK 
_citation.journal_id_ISSN           0969-2126 
_citation.journal_id_CSD            2005 
_citation.book_publisher            ? 
_citation.pdbx_database_id_PubMed   15530372 
_citation.pdbx_database_id_DOI      10.1016/j.str.2004.08.014 
# 
loop_
_citation_author.citation_id 
_citation_author.name 
_citation_author.ordinal 
_citation_author.identifier_ORCID 
primary 'Shaw, J.P.'      1 ? 
primary 'Johnson, Z.'     2 ? 
primary 'Borlat, F.'      3 ? 
primary 'Zwahlen, C.'     4 ? 
primary 'Kungl, A.'       5 ? 
primary 'Roulin, K.'      6 ? 
primary 'Harrenga, A.'    7 ? 
primary 'Wells, T.N.'     8 ? 
primary 'Proudfoot, A.E.' 9 ? 
# 
loop_
_entity.id 
_entity.type 
_entity.src_method 
_entity.pdbx_description 
_entity.formula_weight 
_entity.pdbx_number_of_molecules 
_entity.pdbx_ec 
_entity.pdbx_mutation 
_entity.pdbx_fragment 
_entity.details 
1 polymer     man 'Small inducible cytokine A5'                                                                                  
7862.011 2   ? ? ? ? 
2 branched    man '4-deoxy-2-O-sulfo-alpha-L-threo-hex-4-enopyranuronic acid-(1-4)-2-deoxy-2-(sulfoamino)-alpha-D-glucopyranose' 
497.406  1   ? ? ? ? 
3 non-polymer syn 'ACETIC ACID'                                                                                                  
60.052   1   ? ? ? ? 
4 water       nat water                                                                                                          
18.015   150 ? ? ? ? 
# 
loop_
_entity_name_com.entity_id 
_entity_name_com.name 
1 'CCL5, T-cell specific RANTES protein, SIS-delta, T cell-specific protein P228, TCP228' 
2 'HEPARIN DISACCHARIDE III-S'                                                            
# 
_entity_poly.entity_id                      1 
_entity_poly.type                           'polypeptide(L)' 
_entity_poly.nstd_linkage                   no 
_entity_poly.nstd_monomer                   no 
_entity_poly.pdbx_seq_one_letter_code       SPYSSDTTPCCFAYIARPLPRAHIKEYFYTSGKCSNPAVVFVTRKNRQVCANPEKKWVREYINSLEMS 
_entity_poly.pdbx_seq_one_letter_code_can   SPYSSDTTPCCFAYIARPLPRAHIKEYFYTSGKCSNPAVVFVTRKNRQVCANPEKKWVREYINSLEMS 
_entity_poly.pdbx_strand_id                 A,B 
_entity_poly.pdbx_target_identifier         ? 
# 
loop_
_pdbx_entity_nonpoly.entity_id 
_pdbx_entity_nonpoly.name 
_pdbx_entity_nonpoly.comp_id 
3 'ACETIC ACID' ACY 
4 water         HOH 
# 
loop_
_entity_poly_seq.entity_id 
_entity_poly_seq.num 
_entity_poly_seq.mon_id 
_entity_poly_seq.hetero 
1 1  SER n 
1 2  PRO n 
1 3  TYR n 
1 4  SER n 
1 5  SER n 
1 6  ASP n 
1 7  THR n 
1 8  THR n 
1 9  PRO n 
1 10 CYS n 
1 11 CYS n 
1 12 PHE n 
1 13 ALA n 
1 14 TYR n 
1 15 ILE n 
1 16 ALA n 
1 17 ARG n 
1 18 PRO n 
1 19 LEU n 
1 20 PRO n 
1 21 ARG n 
1 22 ALA n 
1 23 HIS n 
1 24 ILE n 
1 25 LYS n 
1 26 GLU n 
1 27 TYR n 
1 28 PHE n 
1 29 TYR n 
1 30 THR n 
1 31 SER n 
1 32 GLY n 
1 33 LYS n 
1 34 CYS n 
1 35 SER n 
1 36 ASN n 
1 37 PRO n 
1 38 ALA n 
1 39 VAL n 
1 40 VAL n 
1 41 PHE n 
1 42 VAL n 
1 43 THR n 
1 44 ARG n 
1 45 LYS n 
1 46 ASN n 
1 47 ARG n 
1 48 GLN n 
1 49 VAL n 
1 50 CYS n 
1 51 ALA n 
1 52 ASN n 
1 53 PRO n 
1 54 GLU n 
1 55 LYS n 
1 56 LYS n 
1 57 TRP n 
1 58 VAL n 
1 59 ARG n 
1 60 GLU n 
1 61 TYR n 
1 62 ILE n 
1 63 ASN n 
1 64 SER n 
1 65 LEU n 
1 66 GLU n 
1 67 MET n 
1 68 SER n 
# 
_entity_src_gen.entity_id                          1 
_entity_src_gen.pdbx_src_id                        1 
_entity_src_gen.pdbx_alt_source_flag               sample 
_entity_src_gen.pdbx_seq_type                      ? 
_entity_src_gen.pdbx_beg_seq_num                   ? 
_entity_src_gen.pdbx_end_seq_num                   ? 
_entity_src_gen.gene_src_common_name               human 
_entity_src_gen.gene_src_genus                     Homo 
_entity_src_gen.pdbx_gene_src_gene                 'CCL5, SCYA5' 
_entity_src_gen.gene_src_species                   ? 
_entity_src_gen.gene_src_strain                    ? 
_entity_src_gen.gene_src_tissue                    ? 
_entity_src_gen.gene_src_tissue_fraction           ? 
_entity_src_gen.gene_src_details                   ? 
_entity_src_gen.pdbx_gene_src_fragment             ? 
_entity_src_gen.pdbx_gene_src_scientific_name      'Homo sapiens' 
_entity_src_gen.pdbx_gene_src_ncbi_taxonomy_id     9606 
_entity_src_gen.pdbx_gene_src_variant              ? 
_entity_src_gen.pdbx_gene_src_cell_line            ? 
_entity_src_gen.pdbx_gene_src_atcc                 ? 
_entity_src_gen.pdbx_gene_src_organ                ? 
_entity_src_gen.pdbx_gene_src_organelle            ? 
_entity_src_gen.pdbx_gene_src_cell                 ? 
_entity_src_gen.pdbx_gene_src_cellular_location    ? 
_entity_src_gen.host_org_common_name               ? 
_entity_src_gen.pdbx_host_org_scientific_name      'Escherichia coli BL21(DE3)' 
_entity_src_gen.pdbx_host_org_ncbi_taxonomy_id     469008 
_entity_src_gen.host_org_genus                     Escherichia 
_entity_src_gen.pdbx_host_org_gene                 ? 
_entity_src_gen.pdbx_host_org_organ                ? 
_entity_src_gen.host_org_species                   'Escherichia coli' 
_entity_src_gen.pdbx_host_org_tissue               ? 
_entity_src_gen.pdbx_host_org_tissue_fraction      ? 
_entity_src_gen.pdbx_host_org_strain               'BL21 (DE3)' 
_entity_src_gen.pdbx_host_org_variant              ? 
_entity_src_gen.pdbx_host_org_cell_line            ? 
_entity_src_gen.pdbx_host_org_atcc                 ? 
_entity_src_gen.pdbx_host_org_culture_collection   ? 
_entity_src_gen.pdbx_host_org_cell                 ? 
_entity_src_gen.pdbx_host_org_organelle            ? 
_entity_src_gen.pdbx_host_org_cellular_location    ? 
_entity_src_gen.pdbx_host_org_vector_type          Plasmid 
_entity_src_gen.pdbx_host_org_vector               ? 
_entity_src_gen.host_org_details                   ? 
_entity_src_gen.expression_system_id               ? 
_entity_src_gen.plasmid_name                       pET32a 
_entity_src_gen.plasmid_details                    ? 
_entity_src_gen.pdbx_description                   ? 
# 
_pdbx_entity_branch.entity_id   2 
_pdbx_entity_branch.type        oligosaccharide 
# 
loop_
_pdbx_entity_branch_descriptor.ordinal 
_pdbx_entity_branch_descriptor.entity_id 
_pdbx_entity_branch_descriptor.descriptor 
_pdbx_entity_branch_descriptor.type 
_pdbx_entity_branch_descriptor.program 
_pdbx_entity_branch_descriptor.program_version 
1 2 'WURCS=2.0/2,2,1/[a2122h-1a_1-5_2*NSO/3=O/3=O][a21eEA-1a_1-5_2*OSO/3=O/3=O]/1-2/a4-b1' WURCS  PDB2Glycan 1.1.0 
2 2 '[][a-D-GlcpNSO3]{[(4+1)][a-L-4-deoxy-IdopA2SO3]{}}'                                   LINUCS PDB-CARE   ?     
# 
_pdbx_entity_branch_link.link_id                    1 
_pdbx_entity_branch_link.entity_id                  2 
_pdbx_entity_branch_link.entity_branch_list_num_1   2 
_pdbx_entity_branch_link.comp_id_1                  UAP 
_pdbx_entity_branch_link.atom_id_1                  C1 
_pdbx_entity_branch_link.leaving_atom_id_1          O1 
_pdbx_entity_branch_link.entity_branch_list_num_2   1 
_pdbx_entity_branch_link.comp_id_2                  GNS 
_pdbx_entity_branch_link.atom_id_2                  O4 
_pdbx_entity_branch_link.leaving_atom_id_2          HO4 
_pdbx_entity_branch_link.value_order                sing 
_pdbx_entity_branch_link.details                    ? 
# 
loop_
_chem_comp.id 
_chem_comp.type 
_chem_comp.mon_nstd_flag 
_chem_comp.name 
_chem_comp.pdbx_synonyms 
_chem_comp.formula 
_chem_comp.formula_weight 
ACY non-polymer                   . 'ACETIC ACID'                                               ? 'C2 H4 O2'       60.052  
ALA 'L-peptide linking'           y ALANINE                                                     ? 'C3 H7 N O2'     89.093  
ARG 'L-peptide linking'           y ARGININE                                                    ? 'C6 H15 N4 O2 1' 175.209 
ASN 'L-peptide linking'           y ASPARAGINE                                                  ? 'C4 H8 N2 O3'    132.118 
ASP 'L-peptide linking'           y 'ASPARTIC ACID'                                             ? 'C4 H7 N O4'     133.103 
CYS 'L-peptide linking'           y CYSTEINE                                                    ? 'C3 H7 N O2 S'   121.158 
GLN 'L-peptide linking'           y GLUTAMINE                                                   ? 'C5 H10 N2 O3'   146.144 
GLU 'L-peptide linking'           y 'GLUTAMIC ACID'                                             ? 'C5 H9 N O4'     147.129 
GLY 'peptide linking'             y GLYCINE                                                     ? 'C2 H5 N O2'     75.067  
GNS 'D-saccharide, alpha linking' n '2-deoxy-2-(sulfoamino)-alpha-D-glucopyranose'              
;N-SULFO-ALPHA-D-GLUCOSAMINE; 2-deoxy-2-(sulfoamino)-alpha-D-glucose; 2-deoxy-2-(sulfoamino)-D-glucose; 2-deoxy-2-(sulfoamino)-glucose
;
'C6 H13 N O8 S'  259.234 
HIS 'L-peptide linking'           y HISTIDINE                                                   ? 'C6 H10 N3 O2 1' 156.162 
HOH non-polymer                   . WATER                                                       ? 'H2 O'           18.015  
ILE 'L-peptide linking'           y ISOLEUCINE                                                  ? 'C6 H13 N O2'    131.173 
LEU 'L-peptide linking'           y LEUCINE                                                     ? 'C6 H13 N O2'    131.173 
LYS 'L-peptide linking'           y LYSINE                                                      ? 'C6 H15 N2 O2 1' 147.195 
MET 'L-peptide linking'           y METHIONINE                                                  ? 'C5 H11 N O2 S'  149.211 
PHE 'L-peptide linking'           y PHENYLALANINE                                               ? 'C9 H11 N O2'    165.189 
PRO 'L-peptide linking'           y PROLINE                                                     ? 'C5 H9 N O2'     115.130 
SER 'L-peptide linking'           y SERINE                                                      ? 'C3 H7 N O3'     105.093 
THR 'L-peptide linking'           y THREONINE                                                   ? 'C4 H9 N O3'     119.119 
TRP 'L-peptide linking'           y TRYPTOPHAN                                                  ? 'C11 H12 N2 O2'  204.225 
TYR 'L-peptide linking'           y TYROSINE                                                    ? 'C9 H11 N O3'    181.189 
UAP 'L-saccharide, alpha linking' . '4-deoxy-2-O-sulfo-alpha-L-threo-hex-4-enopyranuronic acid' 
;4-deoxy-2-O-sulfo-alpha-L-threo-hex-4-enuronic acid; 4-deoxy-2-O-sulfo-L-threo-hex-4-enuronic acid; 4-deoxy-2-O-sulfo-threo-hex-4-enuronic acid
;
'C6 H8 O9 S'     256.187 
VAL 'L-peptide linking'           y VALINE                                                      ? 'C5 H11 N O2'    117.146 
# 
loop_
_pdbx_chem_comp_identifier.comp_id 
_pdbx_chem_comp_identifier.type 
_pdbx_chem_comp_identifier.program 
_pdbx_chem_comp_identifier.program_version 
_pdbx_chem_comp_identifier.identifier 
GNS 'CONDENSED IUPAC CARBOHYDRATE SYMBOL' GMML     1.0 DGlcpNSa                  
GNS 'COMMON NAME'                         GMML     1.0 N-sulfo-a-D-glucopyranose 
GNS 'IUPAC CARBOHYDRATE SYMBOL'           PDB-CARE 1.0 a-D-GlcpNSO3              
UAP 'IUPAC CARBOHYDRATE SYMBOL'           PDB-CARE 1.0 b-D-4-deoxy-GlcpA2SO3     
# 
loop_
_pdbx_poly_seq_scheme.asym_id 
_pdbx_poly_seq_scheme.entity_id 
_pdbx_poly_seq_scheme.seq_id 
_pdbx_poly_seq_scheme.mon_id 
_pdbx_poly_seq_scheme.ndb_seq_num 
_pdbx_poly_seq_scheme.pdb_seq_num 
_pdbx_poly_seq_scheme.auth_seq_num 
_pdbx_poly_seq_scheme.pdb_mon_id 
_pdbx_poly_seq_scheme.auth_mon_id 
_pdbx_poly_seq_scheme.pdb_strand_id 
_pdbx_poly_seq_scheme.pdb_ins_code 
_pdbx_poly_seq_scheme.hetero 
A 1 1  SER 1  1  ?  ?   ?   A . n 
A 1 2  PRO 2  2  2  PRO PRO A . n 
A 1 3  TYR 3  3  3  TYR TYR A . n 
A 1 4  SER 4  4  4  SER SER A . n 
A 1 5  SER 5  5  5  SER SER A . n 
A 1 6  ASP 6  6  6  ASP ASP A . n 
A 1 7  THR 7  7  7  THR THR A . n 
A 1 8  THR 8  8  8  THR THR A . n 
A 1 9  PRO 9  9  9  PRO PRO A . n 
A 1 10 CYS 10 10 10 CYS CYS A . n 
A 1 11 CYS 11 11 11 CYS CYS A . n 
A 1 12 PHE 12 12 12 PHE PHE A . n 
A 1 13 ALA 13 13 13 ALA ALA A . n 
A 1 14 TYR 14 14 14 TYR TYR A . n 
A 1 15 ILE 15 15 15 ILE ILE A . n 
A 1 16 ALA 16 16 16 ALA ALA A . n 
A 1 17 ARG 17 17 17 ARG ALA A . n 
A 1 18 PRO 18 18 18 PRO PRO A . n 
A 1 19 LEU 19 19 19 LEU LEU A . n 
A 1 20 PRO 20 20 20 PRO PRO A . n 
A 1 21 ARG 21 21 21 ARG ARG A . n 
A 1 22 ALA 22 22 22 ALA ALA A . n 
A 1 23 HIS 23 23 23 HIS HIS A . n 
A 1 24 ILE 24 24 24 ILE ILE A . n 
A 1 25 LYS 25 25 25 LYS LYS A . n 
A 1 26 GLU 26 26 26 GLU GLU A . n 
A 1 27 TYR 27 27 27 TYR TYR A . n 
A 1 28 PHE 28 28 28 PHE PHE A . n 
A 1 29 TYR 29 29 29 TYR TYR A . n 
A 1 30 THR 30 30 30 THR THR A . n 
A 1 31 SER 31 31 31 SER SER A . n 
A 1 32 GLY 32 32 32 GLY GLY A . n 
A 1 33 LYS 33 33 33 LYS LYS A . n 
A 1 34 CYS 34 34 34 CYS CYS A . n 
A 1 35 SER 35 35 35 SER SER A . n 
A 1 36 ASN 36 36 36 ASN ASN A . n 
A 1 37 PRO 37 37 37 PRO PRO A . n 
A 1 38 ALA 38 38 38 ALA ALA A . n 
A 1 39 VAL 39 39 39 VAL VAL A . n 
A 1 40 VAL 40 40 40 VAL VAL A . n 
A 1 41 PHE 41 41 41 PHE PHE A . n 
A 1 42 VAL 42 42 42 VAL VAL A . n 
A 1 43 THR 43 43 43 THR THR A . n 
A 1 44 ARG 44 44 44 ARG ARG A . n 
A 1 45 LYS 45 45 45 LYS ALA A . n 
A 1 46 ASN 46 46 46 ASN ASN A . n 
A 1 47 ARG 47 47 47 ARG ARG A . n 
A 1 48 GLN 48 48 48 GLN GLN A . n 
A 1 49 VAL 49 49 49 VAL VAL A . n 
A 1 50 CYS 50 50 50 CYS CYS A . n 
A 1 51 ALA 51 51 51 ALA ALA A . n 
A 1 52 ASN 52 52 52 ASN ASN A . n 
A 1 53 PRO 53 53 53 PRO PRO A . n 
A 1 54 GLU 54 54 54 GLU ALA A . n 
A 1 55 LYS 55 55 55 LYS LYS A . n 
A 1 56 LYS 56 56 56 LYS LYS A . n 
A 1 57 TRP 57 57 57 TRP TRP A . n 
A 1 58 VAL 58 58 58 VAL VAL A . n 
A 1 59 ARG 59 59 59 ARG ARG A . n 
A 1 60 GLU 60 60 60 GLU GLU A . n 
A 1 61 TYR 61 61 61 TYR TYR A . n 
A 1 62 ILE 62 62 62 ILE ILE A . n 
A 1 63 ASN 63 63 63 ASN ASN A . n 
A 1 64 SER 64 64 64 SER SER A . n 
A 1 65 LEU 65 65 65 LEU LEU A . n 
A 1 66 GLU 66 66 66 GLU GLU A . n 
A 1 67 MET 67 67 67 MET MET A . n 
A 1 68 SER 68 68 68 SER SER A . n 
B 1 1  SER 1  1  ?  ?   ?   B . n 
B 1 2  PRO 2  2  ?  ?   ?   B . n 
B 1 3  TYR 3  3  ?  ?   ?   B . n 
B 1 4  SER 4  4  4  SER SER B . n 
B 1 5  SER 5  5  5  SER SER B . n 
B 1 6  ASP 6  6  6  ASP ASP B . n 
B 1 7  THR 7  7  7  THR THR B . n 
B 1 8  THR 8  8  8  THR THR B . n 
B 1 9  PRO 9  9  9  PRO PRO B . n 
B 1 10 CYS 10 10 10 CYS CYS B . n 
B 1 11 CYS 11 11 11 CYS CYS B . n 
B 1 12 PHE 12 12 12 PHE PHE B . n 
B 1 13 ALA 13 13 13 ALA ALA B . n 
B 1 14 TYR 14 14 14 TYR TYR B . n 
B 1 15 ILE 15 15 15 ILE ILE B . n 
B 1 16 ALA 16 16 16 ALA ALA B . n 
B 1 17 ARG 17 17 17 ARG ALA B . n 
B 1 18 PRO 18 18 18 PRO PRO B . n 
B 1 19 LEU 19 19 19 LEU LEU B . n 
B 1 20 PRO 20 20 20 PRO PRO B . n 
B 1 21 ARG 21 21 21 ARG ARG B . n 
B 1 22 ALA 22 22 22 ALA ALA B . n 
B 1 23 HIS 23 23 23 HIS HIS B . n 
B 1 24 ILE 24 24 24 ILE ILE B . n 
B 1 25 LYS 25 25 25 LYS LYS B . n 
B 1 26 GLU 26 26 26 GLU GLU B . n 
B 1 27 TYR 27 27 27 TYR TYR B . n 
B 1 28 PHE 28 28 28 PHE PHE B . n 
B 1 29 TYR 29 29 29 TYR TYR B . n 
B 1 30 THR 30 30 30 THR THR B . n 
B 1 31 SER 31 31 31 SER SER B . n 
B 1 32 GLY 32 32 32 GLY GLY B . n 
B 1 33 LYS 33 33 33 LYS LYS B . n 
B 1 34 CYS 34 34 34 CYS CYS B . n 
B 1 35 SER 35 35 35 SER SER B . n 
B 1 36 ASN 36 36 36 ASN ASN B . n 
B 1 37 PRO 37 37 37 PRO PRO B . n 
B 1 38 ALA 38 38 38 ALA ALA B . n 
B 1 39 VAL 39 39 39 VAL VAL B . n 
B 1 40 VAL 40 40 40 VAL VAL B . n 
B 1 41 PHE 41 41 41 PHE PHE B . n 
B 1 42 VAL 42 42 42 VAL VAL B . n 
B 1 43 THR 43 43 43 THR THR B . n 
B 1 44 ARG 44 44 44 ARG ARG B . n 
B 1 45 LYS 45 45 45 LYS LYS B . n 
B 1 46 ASN 46 46 46 ASN ASN B . n 
B 1 47 ARG 47 47 47 ARG ARG B . n 
B 1 48 GLN 48 48 48 GLN GLN B . n 
B 1 49 VAL 49 49 49 VAL VAL B . n 
B 1 50 CYS 50 50 50 CYS CYS B . n 
B 1 51 ALA 51 51 51 ALA ALA B . n 
B 1 52 ASN 52 52 52 ASN ASN B . n 
B 1 53 PRO 53 53 53 PRO PRO B . n 
B 1 54 GLU 54 54 54 GLU ALA B . n 
B 1 55 LYS 55 55 55 LYS ALA B . n 
B 1 56 LYS 56 56 56 LYS LYS B . n 
B 1 57 TRP 57 57 57 TRP TRP B . n 
B 1 58 VAL 58 58 58 VAL VAL B . n 
B 1 59 ARG 59 59 59 ARG ALA B . n 
B 1 60 GLU 60 60 60 GLU GLU B . n 
B 1 61 TYR 61 61 61 TYR TYR B . n 
B 1 62 ILE 62 62 62 ILE ILE B . n 
B 1 63 ASN 63 63 63 ASN ASN B . n 
B 1 64 SER 64 64 64 SER SER B . n 
B 1 65 LEU 65 65 65 LEU LEU B . n 
B 1 66 GLU 66 66 66 GLU GLU B . n 
B 1 67 MET 67 67 67 MET MET B . n 
B 1 68 SER 68 68 68 SER SER B . n 
# 
loop_
_pdbx_branch_scheme.asym_id 
_pdbx_branch_scheme.entity_id 
_pdbx_branch_scheme.mon_id 
_pdbx_branch_scheme.num 
_pdbx_branch_scheme.pdb_asym_id 
_pdbx_branch_scheme.pdb_mon_id 
_pdbx_branch_scheme.pdb_seq_num 
_pdbx_branch_scheme.auth_asym_id 
_pdbx_branch_scheme.auth_mon_id 
_pdbx_branch_scheme.auth_seq_num 
_pdbx_branch_scheme.hetero 
C 2 GNS 1 C GNS 1 H H3S 1 n 
C 2 UAP 2 C UAP 2 H H3S 1 n 
# 
loop_
_pdbx_nonpoly_scheme.asym_id 
_pdbx_nonpoly_scheme.entity_id 
_pdbx_nonpoly_scheme.mon_id 
_pdbx_nonpoly_scheme.ndb_seq_num 
_pdbx_nonpoly_scheme.pdb_seq_num 
_pdbx_nonpoly_scheme.auth_seq_num 
_pdbx_nonpoly_scheme.pdb_mon_id 
_pdbx_nonpoly_scheme.auth_mon_id 
_pdbx_nonpoly_scheme.pdb_strand_id 
_pdbx_nonpoly_scheme.pdb_ins_code 
D 3 ACY 1  201 1   ACY ACY B . 
E 4 HOH 1  302 1   HOH WAT A . 
E 4 HOH 2  303 2   HOH WAT A . 
E 4 HOH 3  304 3   HOH WAT A . 
E 4 HOH 4  305 5   HOH WAT A . 
E 4 HOH 5  306 8   HOH WAT A . 
E 4 HOH 6  307 9   HOH WAT A . 
E 4 HOH 7  308 10  HOH WAT A . 
E 4 HOH 8  309 13  HOH WAT A . 
E 4 HOH 9  310 14  HOH WAT A . 
E 4 HOH 10 311 17  HOH WAT A . 
E 4 HOH 11 312 24  HOH WAT A . 
E 4 HOH 12 313 28  HOH WAT A . 
E 4 HOH 13 314 31  HOH WAT A . 
E 4 HOH 14 315 33  HOH WAT A . 
E 4 HOH 15 316 34  HOH WAT A . 
E 4 HOH 16 317 35  HOH WAT A . 
E 4 HOH 17 318 36  HOH WAT A . 
E 4 HOH 18 319 38  HOH WAT A . 
E 4 HOH 19 320 39  HOH WAT A . 
E 4 HOH 20 321 40  HOH WAT A . 
E 4 HOH 21 322 41  HOH WAT A . 
E 4 HOH 22 323 43  HOH WAT A . 
E 4 HOH 23 324 48  HOH WAT A . 
E 4 HOH 24 325 53  HOH WAT A . 
E 4 HOH 25 326 54  HOH WAT A . 
E 4 HOH 26 327 56  HOH WAT A . 
E 4 HOH 27 328 60  HOH WAT A . 
E 4 HOH 28 329 64  HOH WAT A . 
E 4 HOH 29 330 65  HOH WAT A . 
E 4 HOH 30 331 66  HOH WAT A . 
E 4 HOH 31 332 67  HOH WAT A . 
E 4 HOH 32 333 68  HOH WAT A . 
E 4 HOH 33 334 69  HOH WAT A . 
E 4 HOH 34 335 71  HOH WAT A . 
E 4 HOH 35 336 72  HOH WAT A . 
E 4 HOH 36 337 73  HOH WAT A . 
E 4 HOH 37 338 74  HOH WAT A . 
E 4 HOH 38 339 75  HOH WAT A . 
E 4 HOH 39 340 78  HOH WAT A . 
E 4 HOH 40 341 80  HOH WAT A . 
E 4 HOH 41 342 81  HOH WAT A . 
E 4 HOH 42 343 83  HOH WAT A . 
E 4 HOH 43 344 84  HOH WAT A . 
E 4 HOH 44 345 85  HOH WAT A . 
E 4 HOH 45 346 86  HOH WAT A . 
E 4 HOH 46 347 88  HOH WAT A . 
E 4 HOH 47 348 89  HOH WAT A . 
E 4 HOH 48 349 90  HOH WAT A . 
E 4 HOH 49 350 93  HOH WAT A . 
E 4 HOH 50 351 94  HOH WAT A . 
E 4 HOH 51 352 96  HOH WAT A . 
E 4 HOH 52 353 99  HOH WAT A . 
E 4 HOH 53 354 101 HOH WAT A . 
E 4 HOH 54 355 104 HOH WAT A . 
E 4 HOH 55 356 109 HOH WAT A . 
E 4 HOH 56 357 110 HOH WAT A . 
E 4 HOH 57 358 115 HOH WAT A . 
E 4 HOH 58 359 116 HOH WAT A . 
E 4 HOH 59 360 117 HOH WAT A . 
E 4 HOH 60 361 118 HOH WAT A . 
E 4 HOH 61 362 124 HOH WAT A . 
E 4 HOH 62 363 125 HOH WAT A . 
E 4 HOH 63 364 126 HOH WAT A . 
E 4 HOH 64 365 127 HOH WAT A . 
E 4 HOH 65 366 129 HOH WAT A . 
E 4 HOH 66 367 132 HOH WAT A . 
E 4 HOH 67 368 133 HOH WAT A . 
E 4 HOH 68 369 134 HOH WAT A . 
E 4 HOH 69 370 135 HOH WAT A . 
E 4 HOH 70 371 136 HOH WAT A . 
E 4 HOH 71 372 138 HOH WAT A . 
E 4 HOH 72 373 139 HOH WAT A . 
E 4 HOH 73 374 141 HOH WAT A . 
E 4 HOH 74 375 143 HOH WAT A . 
E 4 HOH 75 376 145 HOH WAT A . 
E 4 HOH 76 377 147 HOH WAT A . 
E 4 HOH 77 378 149 HOH WAT A . 
F 4 HOH 1  202 4   HOH WAT B . 
F 4 HOH 2  203 6   HOH WAT B . 
F 4 HOH 3  204 7   HOH WAT B . 
F 4 HOH 4  205 11  HOH WAT B . 
F 4 HOH 5  206 12  HOH WAT B . 
F 4 HOH 6  207 15  HOH WAT B . 
F 4 HOH 7  208 16  HOH WAT B . 
F 4 HOH 8  209 18  HOH WAT B . 
F 4 HOH 9  210 19  HOH WAT B . 
F 4 HOH 10 211 20  HOH WAT B . 
F 4 HOH 11 212 21  HOH WAT B . 
F 4 HOH 12 213 22  HOH WAT B . 
F 4 HOH 13 214 23  HOH WAT B . 
F 4 HOH 14 215 25  HOH WAT B . 
F 4 HOH 15 216 26  HOH WAT B . 
F 4 HOH 16 217 27  HOH WAT B . 
F 4 HOH 17 218 29  HOH WAT B . 
F 4 HOH 18 219 30  HOH WAT B . 
F 4 HOH 19 220 32  HOH WAT B . 
F 4 HOH 20 221 37  HOH WAT B . 
F 4 HOH 21 222 42  HOH WAT B . 
F 4 HOH 22 223 44  HOH WAT B . 
F 4 HOH 23 224 45  HOH WAT B . 
F 4 HOH 24 225 46  HOH WAT B . 
F 4 HOH 25 226 47  HOH WAT B . 
F 4 HOH 26 227 49  HOH WAT B . 
F 4 HOH 27 228 50  HOH WAT B . 
F 4 HOH 28 229 51  HOH WAT B . 
F 4 HOH 29 230 52  HOH WAT B . 
F 4 HOH 30 231 55  HOH WAT B . 
F 4 HOH 31 232 57  HOH WAT B . 
F 4 HOH 32 233 58  HOH WAT B . 
F 4 HOH 33 234 59  HOH WAT B . 
F 4 HOH 34 235 61  HOH WAT B . 
F 4 HOH 35 236 62  HOH WAT B . 
F 4 HOH 36 237 63  HOH WAT B . 
F 4 HOH 37 238 70  HOH WAT B . 
F 4 HOH 38 239 76  HOH WAT B . 
F 4 HOH 39 240 77  HOH WAT B . 
F 4 HOH 40 241 79  HOH WAT B . 
F 4 HOH 41 242 82  HOH WAT B . 
F 4 HOH 42 243 87  HOH WAT B . 
F 4 HOH 43 244 91  HOH WAT B . 
F 4 HOH 44 245 92  HOH WAT B . 
F 4 HOH 45 246 95  HOH WAT B . 
F 4 HOH 46 247 97  HOH WAT B . 
F 4 HOH 47 248 98  HOH WAT B . 
F 4 HOH 48 249 100 HOH WAT B . 
F 4 HOH 49 250 102 HOH WAT B . 
F 4 HOH 50 251 103 HOH WAT B . 
F 4 HOH 51 252 105 HOH WAT B . 
F 4 HOH 52 253 106 HOH WAT B . 
F 4 HOH 53 254 107 HOH WAT B . 
F 4 HOH 54 255 108 HOH WAT B . 
F 4 HOH 55 256 111 HOH WAT B . 
F 4 HOH 56 257 112 HOH WAT B . 
F 4 HOH 57 258 113 HOH WAT B . 
F 4 HOH 58 259 114 HOH WAT B . 
F 4 HOH 59 260 119 HOH WAT B . 
F 4 HOH 60 261 120 HOH WAT B . 
F 4 HOH 61 262 121 HOH WAT B . 
F 4 HOH 62 263 122 HOH WAT B . 
F 4 HOH 63 264 123 HOH WAT B . 
F 4 HOH 64 265 128 HOH WAT B . 
F 4 HOH 65 266 130 HOH WAT B . 
F 4 HOH 66 267 131 HOH WAT B . 
F 4 HOH 67 268 137 HOH WAT B . 
F 4 HOH 68 269 140 HOH WAT B . 
F 4 HOH 69 270 142 HOH WAT B . 
F 4 HOH 70 271 144 HOH WAT B . 
F 4 HOH 71 272 146 HOH WAT B . 
F 4 HOH 72 273 148 HOH WAT B . 
F 4 HOH 73 274 150 HOH WAT B . 
# 
loop_
_pdbx_unobs_or_zero_occ_atoms.id 
_pdbx_unobs_or_zero_occ_atoms.PDB_model_num 
_pdbx_unobs_or_zero_occ_atoms.polymer_flag 
_pdbx_unobs_or_zero_occ_atoms.occupancy_flag 
_pdbx_unobs_or_zero_occ_atoms.auth_asym_id 
_pdbx_unobs_or_zero_occ_atoms.auth_comp_id 
_pdbx_unobs_or_zero_occ_atoms.auth_seq_id 
_pdbx_unobs_or_zero_occ_atoms.PDB_ins_code 
_pdbx_unobs_or_zero_occ_atoms.auth_atom_id 
_pdbx_unobs_or_zero_occ_atoms.label_alt_id 
_pdbx_unobs_or_zero_occ_atoms.label_asym_id 
_pdbx_unobs_or_zero_occ_atoms.label_comp_id 
_pdbx_unobs_or_zero_occ_atoms.label_seq_id 
_pdbx_unobs_or_zero_occ_atoms.label_atom_id 
1  1 Y 1 A ARG 17 ? CG  ? A ARG 17 CG  
2  1 Y 1 A ARG 17 ? CD  ? A ARG 17 CD  
3  1 Y 1 A ARG 17 ? NE  ? A ARG 17 NE  
4  1 Y 1 A ARG 17 ? CZ  ? A ARG 17 CZ  
5  1 Y 1 A ARG 17 ? NH1 ? A ARG 17 NH1 
6  1 Y 1 A ARG 17 ? NH2 ? A ARG 17 NH2 
7  1 Y 1 A LYS 45 ? CG  ? A LYS 45 CG  
8  1 Y 1 A LYS 45 ? CD  ? A LYS 45 CD  
9  1 Y 1 A LYS 45 ? CE  ? A LYS 45 CE  
10 1 Y 1 A LYS 45 ? NZ  ? A LYS 45 NZ  
11 1 Y 1 A GLU 54 ? CG  ? A GLU 54 CG  
12 1 Y 1 A GLU 54 ? CD  ? A GLU 54 CD  
13 1 Y 1 A GLU 54 ? OE1 ? A GLU 54 OE1 
14 1 Y 1 A GLU 54 ? OE2 ? A GLU 54 OE2 
15 1 Y 1 B ARG 17 ? CG  ? B ARG 17 CG  
16 1 Y 1 B ARG 17 ? CD  ? B ARG 17 CD  
17 1 Y 1 B ARG 17 ? NE  ? B ARG 17 NE  
18 1 Y 1 B ARG 17 ? CZ  ? B ARG 17 CZ  
19 1 Y 1 B ARG 17 ? NH1 ? B ARG 17 NH1 
20 1 Y 1 B ARG 17 ? NH2 ? B ARG 17 NH2 
21 1 Y 1 B GLU 54 ? CG  ? B GLU 54 CG  
22 1 Y 1 B GLU 54 ? CD  ? B GLU 54 CD  
23 1 Y 1 B GLU 54 ? OE1 ? B GLU 54 OE1 
24 1 Y 1 B GLU 54 ? OE2 ? B GLU 54 OE2 
25 1 Y 1 B LYS 55 ? CG  ? B LYS 55 CG  
26 1 Y 1 B LYS 55 ? CD  ? B LYS 55 CD  
27 1 Y 1 B LYS 55 ? CE  ? B LYS 55 CE  
28 1 Y 1 B LYS 55 ? NZ  ? B LYS 55 NZ  
29 1 Y 1 B ARG 59 ? CG  ? B ARG 59 CG  
30 1 Y 1 B ARG 59 ? CD  ? B ARG 59 CD  
31 1 Y 1 B ARG 59 ? NE  ? B ARG 59 NE  
32 1 Y 1 B ARG 59 ? CZ  ? B ARG 59 CZ  
33 1 Y 1 B ARG 59 ? NH1 ? B ARG 59 NH1 
34 1 Y 1 B ARG 59 ? NH2 ? B ARG 59 NH2 
# 
loop_
_software.name 
_software.classification 
_software.version 
_software.citation_id 
_software.pdbx_ordinal 
CNX       refinement       2002 ? 1 
DENZO     'data reduction' .    ? 2 
SCALEPACK 'data scaling'   .    ? 3 
AMoRE     phasing          .    ? 4 
# 
_cell.entry_id           1U4M 
_cell.length_a           24.074 
_cell.length_b           56.415 
_cell.length_c           94.354 
_cell.angle_alpha        90.00 
_cell.angle_beta         90.00 
_cell.angle_gamma        90.00 
_cell.Z_PDB              8 
_cell.pdbx_unique_axis   ? 
# 
_symmetry.entry_id                         1U4M 
_symmetry.space_group_name_H-M             'P 21 21 21' 
_symmetry.pdbx_full_space_group_name_H-M   ? 
_symmetry.cell_setting                     ? 
_symmetry.Int_Tables_number                19 
_symmetry.space_group_name_Hall            ? 
# 
_exptl.entry_id          1U4M 
_exptl.method            'X-RAY DIFFRACTION' 
_exptl.crystals_number   1 
# 
_exptl_crystal.id                    1 
_exptl_crystal.density_meas          ? 
_exptl_crystal.density_Matthews      2.0 
_exptl_crystal.density_percent_sol   37.9 
_exptl_crystal.description           ? 
_exptl_crystal.F_000                 ? 
_exptl_crystal.preparation           ? 
# 
_exptl_crystal_grow.crystal_id      1 
_exptl_crystal_grow.method          'VAPOR DIFFUSION, HANGING DROP' 
_exptl_crystal_grow.temp            293 
_exptl_crystal_grow.temp_details    ? 
_exptl_crystal_grow.pH              4.5 
_exptl_crystal_grow.pdbx_details    
;15% (w/v) PEG 400, 100mM acetate buffer, 1mM Heparin Disaccharide III-S, 10% (w/v) glycerol, pH 4.5, VAPOR DIFFUSION, HANGING DROP, temperature 293K
;
_exptl_crystal_grow.pdbx_pH_range   . 
# 
_diffrn.id                     1 
_diffrn.ambient_temp           100 
_diffrn.ambient_temp_details   ? 
_diffrn.crystal_id             1 
# 
_diffrn_detector.diffrn_id              1 
_diffrn_detector.detector               'AREA DETECTOR' 
_diffrn_detector.type                   MARRESEARCH 
_diffrn_detector.pdbx_collection_date   2000-10-13 
_diffrn_detector.details                mirrors 
# 
_diffrn_radiation.diffrn_id                        1 
_diffrn_radiation.wavelength_id                    1 
_diffrn_radiation.pdbx_monochromatic_or_laue_m_l   M 
_diffrn_radiation.monochromator                    'Osmic MaxFlux Confocal Mirrors' 
_diffrn_radiation.pdbx_diffrn_protocol             'SINGLE WAVELENGTH' 
_diffrn_radiation.pdbx_scattering_type             x-ray 
# 
_diffrn_radiation_wavelength.id           1 
_diffrn_radiation_wavelength.wavelength   1.5418 
_diffrn_radiation_wavelength.wt           1.0 
# 
_diffrn_source.diffrn_id                   1 
_diffrn_source.source                      'ROTATING ANODE' 
_diffrn_source.type                        'ENRAF-NONIUS FR571' 
_diffrn_source.pdbx_synchrotron_site       ? 
_diffrn_source.pdbx_synchrotron_beamline   ? 
_diffrn_source.pdbx_wavelength             ? 
_diffrn_source.pdbx_wavelength_list        1.5418 
# 
_reflns.entry_id                     1U4M 
_reflns.observed_criterion_sigma_I   1 
_reflns.observed_criterion_sigma_F   0 
_reflns.d_resolution_low             20.0 
_reflns.d_resolution_high            1.9 
_reflns.number_obs                   10362 
_reflns.number_all                   ? 
_reflns.percent_possible_obs         96 
_reflns.pdbx_Rmerge_I_obs            0.047 
_reflns.pdbx_Rsym_value              ? 
_reflns.pdbx_netI_over_sigmaI        31.5 
_reflns.B_iso_Wilson_estimate        9.8 
_reflns.pdbx_redundancy              6.3 
_reflns.R_free_details               ? 
_reflns.limit_h_max                  ? 
_reflns.limit_h_min                  ? 
_reflns.limit_k_max                  ? 
_reflns.limit_k_min                  ? 
_reflns.limit_l_max                  ? 
_reflns.limit_l_min                  ? 
_reflns.observed_criterion_F_max     ? 
_reflns.observed_criterion_F_min     ? 
_reflns.pdbx_chi_squared             ? 
_reflns.pdbx_scaling_rejects         ? 
_reflns.pdbx_diffrn_id               1 
_reflns.pdbx_ordinal                 1 
# 
_reflns_shell.d_res_high             1.90 
_reflns_shell.d_res_low              1.97 
_reflns_shell.percent_possible_all   90.9 
_reflns_shell.Rmerge_I_obs           0.164 
_reflns_shell.pdbx_Rsym_value        ? 
_reflns_shell.meanI_over_sigI_obs    9.5 
_reflns_shell.pdbx_redundancy        ? 
_reflns_shell.percent_possible_obs   ? 
_reflns_shell.number_unique_all      954 
_reflns_shell.number_measured_all    ? 
_reflns_shell.number_measured_obs    ? 
_reflns_shell.number_unique_obs      ? 
_reflns_shell.pdbx_chi_squared       ? 
_reflns_shell.pdbx_diffrn_id         ? 
_reflns_shell.pdbx_ordinal           1 
# 
_refine.entry_id                                 1U4M 
_refine.ls_number_reflns_obs                     8929 
_refine.ls_number_reflns_all                     9232 
_refine.pdbx_ls_sigma_I                          ? 
_refine.pdbx_ls_sigma_F                          0.0 
_refine.pdbx_data_cutoff_high_absF               1088991.84 
_refine.pdbx_data_cutoff_low_absF                0.000000 
_refine.pdbx_data_cutoff_high_rms_absF           ? 
_refine.ls_d_res_low                             18.44 
_refine.ls_d_res_high                            2.00 
_refine.ls_percent_reflns_obs                    96.9 
_refine.ls_R_factor_obs                          ? 
_refine.ls_R_factor_all                          ? 
_refine.ls_R_factor_R_work                       0.2 
_refine.ls_R_factor_R_free                       0.252 
_refine.ls_R_factor_R_free_error                 0.011 
_refine.ls_R_factor_R_free_error_details         ? 
_refine.ls_percent_reflns_R_free                 5.4 
_refine.ls_number_reflns_R_free                  483 
_refine.ls_number_parameters                     ? 
_refine.ls_number_restraints                     ? 
_refine.occupancy_min                            ? 
_refine.occupancy_max                            ? 
_refine.correlation_coeff_Fo_to_Fc               ? 
_refine.correlation_coeff_Fo_to_Fc_free          ? 
_refine.B_iso_mean                               21.9 
_refine.aniso_B[1][1]                            6.98 
_refine.aniso_B[2][2]                            -2.90 
_refine.aniso_B[3][3]                            -4.08 
_refine.aniso_B[1][2]                            0.00 
_refine.aniso_B[1][3]                            0.00 
_refine.aniso_B[2][3]                            0.00 
_refine.solvent_model_details                    BABINET 
_refine.solvent_model_param_ksol                 ? 
_refine.solvent_model_param_bsol                 280.0 
_refine.pdbx_solvent_vdw_probe_radii             ? 
_refine.pdbx_solvent_ion_probe_radii             ? 
_refine.pdbx_solvent_shrinkage_radii             ? 
_refine.pdbx_ls_cross_valid_method               THROUGHOUT 
_refine.details                                  'BULK SOLVENT MODEL USED' 
_refine.pdbx_starting_model                      'PDB ENTRY 1EQT' 
_refine.pdbx_method_to_determine_struct          'MOLECULAR REPLACEMENT' 
_refine.pdbx_isotropic_thermal_model             RESTRAINED 
_refine.pdbx_stereochemistry_target_values       'Engh & Huber' 
_refine.pdbx_stereochem_target_val_spec_case     ? 
_refine.pdbx_R_Free_selection_details            RANDOM 
_refine.pdbx_overall_ESU_R                       ? 
_refine.pdbx_overall_ESU_R_Free                  ? 
_refine.overall_SU_ML                            ? 
_refine.overall_SU_B                             ? 
_refine.ls_redundancy_reflns_obs                 ? 
_refine.B_iso_min                                ? 
_refine.B_iso_max                                ? 
_refine.overall_SU_R_Cruickshank_DPI             ? 
_refine.overall_SU_R_free                        ? 
_refine.ls_wR_factor_R_free                      ? 
_refine.ls_wR_factor_R_work                      ? 
_refine.overall_FOM_free_R_set                   ? 
_refine.overall_FOM_work_R_set                   ? 
_refine.pdbx_refine_id                           'X-RAY DIFFRACTION' 
_refine.pdbx_diffrn_id                           1 
_refine.pdbx_TLS_residual_ADP_flag               ? 
_refine.pdbx_overall_phase_error                 ? 
_refine.pdbx_overall_SU_R_free_Cruickshank_DPI   ? 
_refine.pdbx_overall_SU_R_Blow_DPI               ? 
_refine.pdbx_overall_SU_R_free_Blow_DPI          ? 
# 
_refine_analyze.entry_id                        1U4M 
_refine_analyze.Luzzati_coordinate_error_obs    0.20 
_refine_analyze.Luzzati_sigma_a_obs             0.07 
_refine_analyze.Luzzati_d_res_low_obs           5.00 
_refine_analyze.Luzzati_coordinate_error_free   0.24 
_refine_analyze.Luzzati_sigma_a_free            0.11 
_refine_analyze.Luzzati_d_res_low_free          ? 
_refine_analyze.number_disordered_residues      ? 
_refine_analyze.occupancy_sum_hydrogen          ? 
_refine_analyze.occupancy_sum_non_hydrogen      ? 
_refine_analyze.pdbx_Luzzati_d_res_high_obs     ? 
_refine_analyze.pdbx_refine_id                  'X-RAY DIFFRACTION' 
# 
_refine_hist.pdbx_refine_id                   'X-RAY DIFFRACTION' 
_refine_hist.cycle_id                         LAST 
_refine_hist.pdbx_number_atoms_protein        1037 
_refine_hist.pdbx_number_atoms_nucleic_acid   0 
_refine_hist.pdbx_number_atoms_ligand         31 
_refine_hist.number_atoms_solvent             154 
_refine_hist.number_atoms_total               1222 
_refine_hist.d_res_high                       2.00 
_refine_hist.d_res_low                        18.44 
# 
loop_
_refine_ls_restr.type 
_refine_ls_restr.dev_ideal 
_refine_ls_restr.dev_ideal_target 
_refine_ls_restr.weight 
_refine_ls_restr.number 
_refine_ls_restr.pdbx_refine_id 
_refine_ls_restr.pdbx_restraint_function 
c_bond_d           0.005 ?    ? ? 'X-RAY DIFFRACTION' ? 
c_angle_deg        1.3   ?    ? ? 'X-RAY DIFFRACTION' ? 
c_dihedral_angle_d 23.5  ?    ? ? 'X-RAY DIFFRACTION' ? 
c_improper_angle_d 0.83  ?    ? ? 'X-RAY DIFFRACTION' ? 
c_mcbond_it        1.40  1.50 ? ? 'X-RAY DIFFRACTION' ? 
c_mcangle_it       2.16  2.00 ? ? 'X-RAY DIFFRACTION' ? 
c_scbond_it        2.03  2.00 ? ? 'X-RAY DIFFRACTION' ? 
c_scangle_it       2.91  2.50 ? ? 'X-RAY DIFFRACTION' ? 
# 
_refine_ls_shell.pdbx_total_number_of_bins_used   6 
_refine_ls_shell.d_res_high                       2.00 
_refine_ls_shell.d_res_low                        2.13 
_refine_ls_shell.number_reflns_R_work             1369 
_refine_ls_shell.R_factor_R_work                  0.205 
_refine_ls_shell.percent_reflns_obs               96.6 
_refine_ls_shell.R_factor_R_free                  0.269 
_refine_ls_shell.R_factor_R_free_error            0.034 
_refine_ls_shell.percent_reflns_R_free            4.5 
_refine_ls_shell.number_reflns_R_free             64 
_refine_ls_shell.number_reflns_obs                1433 
_refine_ls_shell.redundancy_reflns_obs            ? 
_refine_ls_shell.number_reflns_all                ? 
_refine_ls_shell.pdbx_refine_id                   'X-RAY DIFFRACTION' 
_refine_ls_shell.R_factor_all                     ? 
# 
loop_
_pdbx_xplor_file.serial_no 
_pdbx_xplor_file.param_file 
_pdbx_xplor_file.topol_file 
_pdbx_xplor_file.pdbx_refine_id 
1 PROTEIN_REP.PARAM PROTEIN.TOP 'X-RAY DIFFRACTION' 
2 WATER_REP.PARAM   WATER.TOP   'X-RAY DIFFRACTION' 
3 ION.PARAM         ION.TOP     'X-RAY DIFFRACTION' 
# 
_struct.entry_id                  1U4M 
_struct.title                     'human RANTES complexed to heparin-derived disaccharide III-S' 
_struct.pdbx_model_details        ? 
_struct.pdbx_CASP_flag            ? 
_struct.pdbx_model_type_details   ? 
# 
_struct_keywords.entry_id        1U4M 
_struct_keywords.pdbx_keywords   ATTRACTANT 
_struct_keywords.text            
'CHEMOATTRACTANT, CYTOKINE, CHEMOKINE, RANTES, GLYCOSAMINOGLYCAN, PROTEIN-HEPARIN DISACCHARIDE COMPLEX, ATTRACTANT' 
# 
loop_
_struct_asym.id 
_struct_asym.pdbx_blank_PDB_chainid_flag 
_struct_asym.pdbx_modified 
_struct_asym.entity_id 
_struct_asym.details 
A N N 1 ? 
B N N 1 ? 
C N N 2 ? 
D N N 3 ? 
E N N 4 ? 
F N N 4 ? 
# 
_struct_ref.id                         1 
_struct_ref.db_name                    UNP 
_struct_ref.db_code                    CCL5_HUMAN 
_struct_ref.pdbx_db_accession          P13501 
_struct_ref.entity_id                  1 
_struct_ref.pdbx_seq_one_letter_code   SPYSSDTTPCCFAYIARPLPRAHIKEYFYTSGKCSNPAVVFVTRKNRQVCANPEKKWVREYINSLEMS 
_struct_ref.pdbx_align_begin           24 
_struct_ref.pdbx_db_isoform            ? 
# 
loop_
_struct_ref_seq.align_id 
_struct_ref_seq.ref_id 
_struct_ref_seq.pdbx_PDB_id_code 
_struct_ref_seq.pdbx_strand_id 
_struct_ref_seq.seq_align_beg 
_struct_ref_seq.pdbx_seq_align_beg_ins_code 
_struct_ref_seq.seq_align_end 
_struct_ref_seq.pdbx_seq_align_end_ins_code 
_struct_ref_seq.pdbx_db_accession 
_struct_ref_seq.db_align_beg 
_struct_ref_seq.pdbx_db_align_beg_ins_code 
_struct_ref_seq.db_align_end 
_struct_ref_seq.pdbx_db_align_end_ins_code 
_struct_ref_seq.pdbx_auth_seq_align_beg 
_struct_ref_seq.pdbx_auth_seq_align_end 
1 1 1U4M A 1 ? 68 ? P13501 24 ? 91 ? 1 68 
2 1 1U4M B 1 ? 68 ? P13501 24 ? 91 ? 1 68 
# 
_pdbx_struct_assembly.id                   1 
_pdbx_struct_assembly.details              author_and_software_defined_assembly 
_pdbx_struct_assembly.method_details       PISA 
_pdbx_struct_assembly.oligomeric_details   dimeric 
_pdbx_struct_assembly.oligomeric_count     2 
# 
loop_
_pdbx_struct_assembly_prop.biol_id 
_pdbx_struct_assembly_prop.type 
_pdbx_struct_assembly_prop.value 
_pdbx_struct_assembly_prop.details 
1 'ABSA (A^2)' 1840 ? 
1 MORE         -20  ? 
1 'SSA (A^2)'  8140 ? 
# 
_pdbx_struct_assembly_gen.assembly_id       1 
_pdbx_struct_assembly_gen.oper_expression   1 
_pdbx_struct_assembly_gen.asym_id_list      A,B,C,D,E,F 
# 
_pdbx_struct_oper_list.id                   1 
_pdbx_struct_oper_list.type                 'identity operation' 
_pdbx_struct_oper_list.name                 1_555 
_pdbx_struct_oper_list.symmetry_operation   x,y,z 
_pdbx_struct_oper_list.matrix[1][1]         1.0000000000 
_pdbx_struct_oper_list.matrix[1][2]         0.0000000000 
_pdbx_struct_oper_list.matrix[1][3]         0.0000000000 
_pdbx_struct_oper_list.vector[1]            0.0000000000 
_pdbx_struct_oper_list.matrix[2][1]         0.0000000000 
_pdbx_struct_oper_list.matrix[2][2]         1.0000000000 
_pdbx_struct_oper_list.matrix[2][3]         0.0000000000 
_pdbx_struct_oper_list.vector[2]            0.0000000000 
_pdbx_struct_oper_list.matrix[3][1]         0.0000000000 
_pdbx_struct_oper_list.matrix[3][2]         0.0000000000 
_pdbx_struct_oper_list.matrix[3][3]         1.0000000000 
_pdbx_struct_oper_list.vector[3]            0.0000000000 
# 
_struct_biol.id                    1 
_struct_biol.pdbx_parent_biol_id   ? 
_struct_biol.details               ? 
# 
loop_
_struct_conf.conf_type_id 
_struct_conf.id 
_struct_conf.pdbx_PDB_helix_id 
_struct_conf.beg_label_comp_id 
_struct_conf.beg_label_asym_id 
_struct_conf.beg_label_seq_id 
_struct_conf.pdbx_beg_PDB_ins_code 
_struct_conf.end_label_comp_id 
_struct_conf.end_label_asym_id 
_struct_conf.end_label_seq_id 
_struct_conf.pdbx_end_PDB_ins_code 
_struct_conf.beg_auth_comp_id 
_struct_conf.beg_auth_asym_id 
_struct_conf.beg_auth_seq_id 
_struct_conf.end_auth_comp_id 
_struct_conf.end_auth_asym_id 
_struct_conf.end_auth_seq_id 
_struct_conf.pdbx_PDB_helix_class 
_struct_conf.details 
_struct_conf.pdbx_PDB_helix_length 
HELX_P HELX_P1 1 LYS A 56 ? LEU A 65 ? LYS A 56 LEU A 65 1 ? 10 
HELX_P HELX_P2 2 LYS B 56 ? MET B 67 ? LYS B 56 MET B 67 1 ? 12 
# 
_struct_conf_type.id          HELX_P 
_struct_conf_type.criteria    ? 
_struct_conf_type.reference   ? 
# 
loop_
_struct_conn.id 
_struct_conn.conn_type_id 
_struct_conn.pdbx_leaving_atom_flag 
_struct_conn.pdbx_PDB_id 
_struct_conn.ptnr1_label_asym_id 
_struct_conn.ptnr1_label_comp_id 
_struct_conn.ptnr1_label_seq_id 
_struct_conn.ptnr1_label_atom_id 
_struct_conn.pdbx_ptnr1_label_alt_id 
_struct_conn.pdbx_ptnr1_PDB_ins_code 
_struct_conn.pdbx_ptnr1_standard_comp_id 
_struct_conn.ptnr1_symmetry 
_struct_conn.ptnr2_label_asym_id 
_struct_conn.ptnr2_label_comp_id 
_struct_conn.ptnr2_label_seq_id 
_struct_conn.ptnr2_label_atom_id 
_struct_conn.pdbx_ptnr2_label_alt_id 
_struct_conn.pdbx_ptnr2_PDB_ins_code 
_struct_conn.ptnr1_auth_asym_id 
_struct_conn.ptnr1_auth_comp_id 
_struct_conn.ptnr1_auth_seq_id 
_struct_conn.ptnr2_auth_asym_id 
_struct_conn.ptnr2_auth_comp_id 
_struct_conn.ptnr2_auth_seq_id 
_struct_conn.ptnr2_symmetry 
_struct_conn.pdbx_ptnr3_label_atom_id 
_struct_conn.pdbx_ptnr3_label_seq_id 
_struct_conn.pdbx_ptnr3_label_comp_id 
_struct_conn.pdbx_ptnr3_label_asym_id 
_struct_conn.pdbx_ptnr3_label_alt_id 
_struct_conn.pdbx_ptnr3_PDB_ins_code 
_struct_conn.details 
_struct_conn.pdbx_dist_value 
_struct_conn.pdbx_value_order 
_struct_conn.pdbx_role 
disulf1 disulf ?    ? A CYS 10 SG ? ? ? 1_555 A CYS 34 SG ? ? A CYS 10 A CYS 34 1_555 ? ? ? ? ? ? ? 2.028 ?    ? 
disulf2 disulf ?    ? A CYS 11 SG ? ? ? 1_555 A CYS 50 SG ? ? A CYS 11 A CYS 50 1_555 ? ? ? ? ? ? ? 2.023 ?    ? 
disulf3 disulf ?    ? B CYS 10 SG ? ? ? 1_555 B CYS 34 SG ? ? B CYS 10 B CYS 34 1_555 ? ? ? ? ? ? ? 2.033 ?    ? 
disulf4 disulf ?    ? B CYS 11 SG ? ? ? 1_555 B CYS 50 SG ? ? B CYS 11 B CYS 50 1_555 ? ? ? ? ? ? ? 2.026 ?    ? 
covale1 covale both ? C GNS .  O4 ? ? ? 1_555 C UAP .  C1 ? ? C GNS 1  C UAP 2  1_555 ? ? ? ? ? ? ? 1.492 sing ? 
# 
loop_
_struct_conn_type.id 
_struct_conn_type.criteria 
_struct_conn_type.reference 
disulf ? ? 
covale ? ? 
# 
loop_
_pdbx_modification_feature.ordinal 
_pdbx_modification_feature.label_comp_id 
_pdbx_modification_feature.label_asym_id 
_pdbx_modification_feature.label_seq_id 
_pdbx_modification_feature.label_alt_id 
_pdbx_modification_feature.modified_residue_label_comp_id 
_pdbx_modification_feature.modified_residue_label_asym_id 
_pdbx_modification_feature.modified_residue_label_seq_id 
_pdbx_modification_feature.modified_residue_label_alt_id 
_pdbx_modification_feature.auth_comp_id 
_pdbx_modification_feature.auth_asym_id 
_pdbx_modification_feature.auth_seq_id 
_pdbx_modification_feature.PDB_ins_code 
_pdbx_modification_feature.symmetry 
_pdbx_modification_feature.modified_residue_auth_comp_id 
_pdbx_modification_feature.modified_residue_auth_asym_id 
_pdbx_modification_feature.modified_residue_auth_seq_id 
_pdbx_modification_feature.modified_residue_PDB_ins_code 
_pdbx_modification_feature.modified_residue_symmetry 
_pdbx_modification_feature.comp_id_linking_atom 
_pdbx_modification_feature.modified_residue_id_linking_atom 
_pdbx_modification_feature.modified_residue_id 
_pdbx_modification_feature.ref_pcm_id 
_pdbx_modification_feature.ref_comp_id 
_pdbx_modification_feature.type 
_pdbx_modification_feature.category 
1 CYS A 10 ? CYS A 34 ? CYS A 10 ? 1_555 CYS A 34 ? 1_555 SG SG . . . None 'Disulfide bridge' 
2 CYS A 11 ? CYS A 50 ? CYS A 11 ? 1_555 CYS A 50 ? 1_555 SG SG . . . None 'Disulfide bridge' 
3 CYS B 10 ? CYS B 34 ? CYS B 10 ? 1_555 CYS B 34 ? 1_555 SG SG . . . None 'Disulfide bridge' 
4 CYS B 11 ? CYS B 50 ? CYS B 11 ? 1_555 CYS B 50 ? 1_555 SG SG . . . None 'Disulfide bridge' 
# 
loop_
_struct_sheet.id 
_struct_sheet.type 
_struct_sheet.number_strands 
_struct_sheet.details 
1 ? 1 ? 
2 ? 1 ? 
3 ? 1 ? 
4 ? 1 ? 
5 ? 1 ? 
6 ? 1 ? 
7 ? 1 ? 
8 ? 1 ? 
# 
loop_
_struct_sheet_range.sheet_id 
_struct_sheet_range.id 
_struct_sheet_range.beg_label_comp_id 
_struct_sheet_range.beg_label_asym_id 
_struct_sheet_range.beg_label_seq_id 
_struct_sheet_range.pdbx_beg_PDB_ins_code 
_struct_sheet_range.end_label_comp_id 
_struct_sheet_range.end_label_asym_id 
_struct_sheet_range.end_label_seq_id 
_struct_sheet_range.pdbx_end_PDB_ins_code 
_struct_sheet_range.beg_auth_comp_id 
_struct_sheet_range.beg_auth_asym_id 
_struct_sheet_range.beg_auth_seq_id 
_struct_sheet_range.end_auth_comp_id 
_struct_sheet_range.end_auth_asym_id 
_struct_sheet_range.end_auth_seq_id 
1 1 THR A 8  ? CYS A 10 ? THR A 8  CYS A 10 
2 1 ILE A 24 ? TYR A 29 ? ILE A 24 TYR A 29 
3 1 VAL A 39 ? THR A 43 ? VAL A 39 THR A 43 
4 1 GLN A 48 ? ALA A 51 ? GLN A 48 ALA A 51 
5 1 THR B 8  ? CYS B 10 ? THR B 8  CYS B 10 
6 1 ILE B 24 ? TYR B 29 ? ILE B 24 TYR B 29 
7 1 VAL B 39 ? THR B 43 ? VAL B 39 THR B 43 
8 1 GLN B 48 ? ALA B 51 ? GLN B 48 ALA B 51 
# 
_pdbx_entry_details.entry_id                   1U4M 
_pdbx_entry_details.compound_details           ? 
_pdbx_entry_details.source_details             ? 
_pdbx_entry_details.nonpolymer_details         ? 
_pdbx_entry_details.sequence_details           ? 
_pdbx_entry_details.has_ligand_of_interest     ? 
_pdbx_entry_details.has_protein_modification   Y 
# 
_pdbx_molecule_features.prd_id    PRD_900094 
_pdbx_molecule_features.name      'HEPARIN DISACCHARIDE III-S' 
_pdbx_molecule_features.type      Oligosaccharide 
_pdbx_molecule_features.class     'Substrate analog' 
_pdbx_molecule_features.details   'oligosaccharide with ring modification on monosaccharide components' 
# 
_pdbx_molecule.instance_id   1 
_pdbx_molecule.prd_id        PRD_900094 
_pdbx_molecule.asym_id       C 
# 
loop_
_pdbx_unobs_or_zero_occ_residues.id 
_pdbx_unobs_or_zero_occ_residues.PDB_model_num 
_pdbx_unobs_or_zero_occ_residues.polymer_flag 
_pdbx_unobs_or_zero_occ_residues.occupancy_flag 
_pdbx_unobs_or_zero_occ_residues.auth_asym_id 
_pdbx_unobs_or_zero_occ_residues.auth_comp_id 
_pdbx_unobs_or_zero_occ_residues.auth_seq_id 
_pdbx_unobs_or_zero_occ_residues.PDB_ins_code 
_pdbx_unobs_or_zero_occ_residues.label_asym_id 
_pdbx_unobs_or_zero_occ_residues.label_comp_id 
_pdbx_unobs_or_zero_occ_residues.label_seq_id 
1 1 Y 1 A SER 1 ? A SER 1 
2 1 Y 1 B SER 1 ? B SER 1 
3 1 Y 1 B PRO 2 ? B PRO 2 
4 1 Y 1 B TYR 3 ? B TYR 3 
# 
loop_
_chem_comp_atom.comp_id 
_chem_comp_atom.atom_id 
_chem_comp_atom.type_symbol 
_chem_comp_atom.pdbx_aromatic_flag 
_chem_comp_atom.pdbx_stereo_config 
_chem_comp_atom.pdbx_ordinal 
ACY C    C N N 1   
ACY O    O N N 2   
ACY OXT  O N N 3   
ACY CH3  C N N 4   
ACY HXT  H N N 5   
ACY H1   H N N 6   
ACY H2   H N N 7   
ACY H3   H N N 8   
ALA N    N N N 9   
ALA CA   C N S 10  
ALA C    C N N 11  
ALA O    O N N 12  
ALA CB   C N N 13  
ALA OXT  O N N 14  
ALA H    H N N 15  
ALA H2   H N N 16  
ALA HA   H N N 17  
ALA HB1  H N N 18  
ALA HB2  H N N 19  
ALA HB3  H N N 20  
ALA HXT  H N N 21  
ARG N    N N N 22  
ARG CA   C N S 23  
ARG C    C N N 24  
ARG O    O N N 25  
ARG CB   C N N 26  
ARG CG   C N N 27  
ARG CD   C N N 28  
ARG NE   N N N 29  
ARG CZ   C N N 30  
ARG NH1  N N N 31  
ARG NH2  N N N 32  
ARG OXT  O N N 33  
ARG H    H N N 34  
ARG H2   H N N 35  
ARG HA   H N N 36  
ARG HB2  H N N 37  
ARG HB3  H N N 38  
ARG HG2  H N N 39  
ARG HG3  H N N 40  
ARG HD2  H N N 41  
ARG HD3  H N N 42  
ARG HE   H N N 43  
ARG HH11 H N N 44  
ARG HH12 H N N 45  
ARG HH21 H N N 46  
ARG HH22 H N N 47  
ARG HXT  H N N 48  
ASN N    N N N 49  
ASN CA   C N S 50  
ASN C    C N N 51  
ASN O    O N N 52  
ASN CB   C N N 53  
ASN CG   C N N 54  
ASN OD1  O N N 55  
ASN ND2  N N N 56  
ASN OXT  O N N 57  
ASN H    H N N 58  
ASN H2   H N N 59  
ASN HA   H N N 60  
ASN HB2  H N N 61  
ASN HB3  H N N 62  
ASN HD21 H N N 63  
ASN HD22 H N N 64  
ASN HXT  H N N 65  
ASP N    N N N 66  
ASP CA   C N S 67  
ASP C    C N N 68  
ASP O    O N N 69  
ASP CB   C N N 70  
ASP CG   C N N 71  
ASP OD1  O N N 72  
ASP OD2  O N N 73  
ASP OXT  O N N 74  
ASP H    H N N 75  
ASP H2   H N N 76  
ASP HA   H N N 77  
ASP HB2  H N N 78  
ASP HB3  H N N 79  
ASP HD2  H N N 80  
ASP HXT  H N N 81  
CYS N    N N N 82  
CYS CA   C N R 83  
CYS C    C N N 84  
CYS O    O N N 85  
CYS CB   C N N 86  
CYS SG   S N N 87  
CYS OXT  O N N 88  
CYS H    H N N 89  
CYS H2   H N N 90  
CYS HA   H N N 91  
CYS HB2  H N N 92  
CYS HB3  H N N 93  
CYS HG   H N N 94  
CYS HXT  H N N 95  
GLN N    N N N 96  
GLN CA   C N S 97  
GLN C    C N N 98  
GLN O    O N N 99  
GLN CB   C N N 100 
GLN CG   C N N 101 
GLN CD   C N N 102 
GLN OE1  O N N 103 
GLN NE2  N N N 104 
GLN OXT  O N N 105 
GLN H    H N N 106 
GLN H2   H N N 107 
GLN HA   H N N 108 
GLN HB2  H N N 109 
GLN HB3  H N N 110 
GLN HG2  H N N 111 
GLN HG3  H N N 112 
GLN HE21 H N N 113 
GLN HE22 H N N 114 
GLN HXT  H N N 115 
GLU N    N N N 116 
GLU CA   C N S 117 
GLU C    C N N 118 
GLU O    O N N 119 
GLU CB   C N N 120 
GLU CG   C N N 121 
GLU CD   C N N 122 
GLU OE1  O N N 123 
GLU OE2  O N N 124 
GLU OXT  O N N 125 
GLU H    H N N 126 
GLU H2   H N N 127 
GLU HA   H N N 128 
GLU HB2  H N N 129 
GLU HB3  H N N 130 
GLU HG2  H N N 131 
GLU HG3  H N N 132 
GLU HE2  H N N 133 
GLU HXT  H N N 134 
GLY N    N N N 135 
GLY CA   C N N 136 
GLY C    C N N 137 
GLY O    O N N 138 
GLY OXT  O N N 139 
GLY H    H N N 140 
GLY H2   H N N 141 
GLY HA2  H N N 142 
GLY HA3  H N N 143 
GLY HXT  H N N 144 
GNS C1   C N S 145 
GNS C2   C N R 146 
GNS N2   N N N 147 
GNS S1   S N N 148 
GNS O1S  O N N 149 
GNS O2S  O N N 150 
GNS O3S  O N N 151 
GNS C3   C N R 152 
GNS O3   O N N 153 
GNS C4   C N S 154 
GNS C5   C N R 155 
GNS O5   O N N 156 
GNS C6   C N N 157 
GNS O6   O N N 158 
GNS O4   O N N 159 
GNS O1   O N N 160 
GNS H1   H N N 161 
GNS H2   H N N 162 
GNS HN21 H N N 163 
GNS H1S  H N N 164 
GNS H3   H N N 165 
GNS HO3  H N N 166 
GNS H4   H N N 167 
GNS H5   H N N 168 
GNS H61  H N N 169 
GNS H62  H N N 170 
GNS HO6  H N N 171 
GNS HO4  H N N 172 
GNS HO1  H N N 173 
HIS N    N N N 174 
HIS CA   C N S 175 
HIS C    C N N 176 
HIS O    O N N 177 
HIS CB   C N N 178 
HIS CG   C Y N 179 
HIS ND1  N Y N 180 
HIS CD2  C Y N 181 
HIS CE1  C Y N 182 
HIS NE2  N Y N 183 
HIS OXT  O N N 184 
HIS H    H N N 185 
HIS H2   H N N 186 
HIS HA   H N N 187 
HIS HB2  H N N 188 
HIS HB3  H N N 189 
HIS HD1  H N N 190 
HIS HD2  H N N 191 
HIS HE1  H N N 192 
HIS HE2  H N N 193 
HIS HXT  H N N 194 
HOH O    O N N 195 
HOH H1   H N N 196 
HOH H2   H N N 197 
ILE N    N N N 198 
ILE CA   C N S 199 
ILE C    C N N 200 
ILE O    O N N 201 
ILE CB   C N S 202 
ILE CG1  C N N 203 
ILE CG2  C N N 204 
ILE CD1  C N N 205 
ILE OXT  O N N 206 
ILE H    H N N 207 
ILE H2   H N N 208 
ILE HA   H N N 209 
ILE HB   H N N 210 
ILE HG12 H N N 211 
ILE HG13 H N N 212 
ILE HG21 H N N 213 
ILE HG22 H N N 214 
ILE HG23 H N N 215 
ILE HD11 H N N 216 
ILE HD12 H N N 217 
ILE HD13 H N N 218 
ILE HXT  H N N 219 
LEU N    N N N 220 
LEU CA   C N S 221 
LEU C    C N N 222 
LEU O    O N N 223 
LEU CB   C N N 224 
LEU CG   C N N 225 
LEU CD1  C N N 226 
LEU CD2  C N N 227 
LEU OXT  O N N 228 
LEU H    H N N 229 
LEU H2   H N N 230 
LEU HA   H N N 231 
LEU HB2  H N N 232 
LEU HB3  H N N 233 
LEU HG   H N N 234 
LEU HD11 H N N 235 
LEU HD12 H N N 236 
LEU HD13 H N N 237 
LEU HD21 H N N 238 
LEU HD22 H N N 239 
LEU HD23 H N N 240 
LEU HXT  H N N 241 
LYS N    N N N 242 
LYS CA   C N S 243 
LYS C    C N N 244 
LYS O    O N N 245 
LYS CB   C N N 246 
LYS CG   C N N 247 
LYS CD   C N N 248 
LYS CE   C N N 249 
LYS NZ   N N N 250 
LYS OXT  O N N 251 
LYS H    H N N 252 
LYS H2   H N N 253 
LYS HA   H N N 254 
LYS HB2  H N N 255 
LYS HB3  H N N 256 
LYS HG2  H N N 257 
LYS HG3  H N N 258 
LYS HD2  H N N 259 
LYS HD3  H N N 260 
LYS HE2  H N N 261 
LYS HE3  H N N 262 
LYS HZ1  H N N 263 
LYS HZ2  H N N 264 
LYS HZ3  H N N 265 
LYS HXT  H N N 266 
MET N    N N N 267 
MET CA   C N S 268 
MET C    C N N 269 
MET O    O N N 270 
MET CB   C N N 271 
MET CG   C N N 272 
MET SD   S N N 273 
MET CE   C N N 274 
MET OXT  O N N 275 
MET H    H N N 276 
MET H2   H N N 277 
MET HA   H N N 278 
MET HB2  H N N 279 
MET HB3  H N N 280 
MET HG2  H N N 281 
MET HG3  H N N 282 
MET HE1  H N N 283 
MET HE2  H N N 284 
MET HE3  H N N 285 
MET HXT  H N N 286 
PHE N    N N N 287 
PHE CA   C N S 288 
PHE C    C N N 289 
PHE O    O N N 290 
PHE CB   C N N 291 
PHE CG   C Y N 292 
PHE CD1  C Y N 293 
PHE CD2  C Y N 294 
PHE CE1  C Y N 295 
PHE CE2  C Y N 296 
PHE CZ   C Y N 297 
PHE OXT  O N N 298 
PHE H    H N N 299 
PHE H2   H N N 300 
PHE HA   H N N 301 
PHE HB2  H N N 302 
PHE HB3  H N N 303 
PHE HD1  H N N 304 
PHE HD2  H N N 305 
PHE HE1  H N N 306 
PHE HE2  H N N 307 
PHE HZ   H N N 308 
PHE HXT  H N N 309 
PRO N    N N N 310 
PRO CA   C N S 311 
PRO C    C N N 312 
PRO O    O N N 313 
PRO CB   C N N 314 
PRO CG   C N N 315 
PRO CD   C N N 316 
PRO OXT  O N N 317 
PRO H    H N N 318 
PRO HA   H N N 319 
PRO HB2  H N N 320 
PRO HB3  H N N 321 
PRO HG2  H N N 322 
PRO HG3  H N N 323 
PRO HD2  H N N 324 
PRO HD3  H N N 325 
PRO HXT  H N N 326 
SER N    N N N 327 
SER CA   C N S 328 
SER C    C N N 329 
SER O    O N N 330 
SER CB   C N N 331 
SER OG   O N N 332 
SER OXT  O N N 333 
SER H    H N N 334 
SER H2   H N N 335 
SER HA   H N N 336 
SER HB2  H N N 337 
SER HB3  H N N 338 
SER HG   H N N 339 
SER HXT  H N N 340 
THR N    N N N 341 
THR CA   C N S 342 
THR C    C N N 343 
THR O    O N N 344 
THR CB   C N R 345 
THR OG1  O N N 346 
THR CG2  C N N 347 
THR OXT  O N N 348 
THR H    H N N 349 
THR H2   H N N 350 
THR HA   H N N 351 
THR HB   H N N 352 
THR HG1  H N N 353 
THR HG21 H N N 354 
THR HG22 H N N 355 
THR HG23 H N N 356 
THR HXT  H N N 357 
TRP N    N N N 358 
TRP CA   C N S 359 
TRP C    C N N 360 
TRP O    O N N 361 
TRP CB   C N N 362 
TRP CG   C Y N 363 
TRP CD1  C Y N 364 
TRP CD2  C Y N 365 
TRP NE1  N Y N 366 
TRP CE2  C Y N 367 
TRP CE3  C Y N 368 
TRP CZ2  C Y N 369 
TRP CZ3  C Y N 370 
TRP CH2  C Y N 371 
TRP OXT  O N N 372 
TRP H    H N N 373 
TRP H2   H N N 374 
TRP HA   H N N 375 
TRP HB2  H N N 376 
TRP HB3  H N N 377 
TRP HD1  H N N 378 
TRP HE1  H N N 379 
TRP HE3  H N N 380 
TRP HZ2  H N N 381 
TRP HZ3  H N N 382 
TRP HH2  H N N 383 
TRP HXT  H N N 384 
TYR N    N N N 385 
TYR CA   C N S 386 
TYR C    C N N 387 
TYR O    O N N 388 
TYR CB   C N N 389 
TYR CG   C Y N 390 
TYR CD1  C Y N 391 
TYR CD2  C Y N 392 
TYR CE1  C Y N 393 
TYR CE2  C Y N 394 
TYR CZ   C Y N 395 
TYR OH   O N N 396 
TYR OXT  O N N 397 
TYR H    H N N 398 
TYR H2   H N N 399 
TYR HA   H N N 400 
TYR HB2  H N N 401 
TYR HB3  H N N 402 
TYR HD1  H N N 403 
TYR HD2  H N N 404 
TYR HE1  H N N 405 
TYR HE2  H N N 406 
TYR HH   H N N 407 
TYR HXT  H N N 408 
UAP S    S N N 409 
UAP C1   C N R 410 
UAP O1   O N N 411 
UAP C2   C N R 412 
UAP O2   O N N 413 
UAP C3   C N S 414 
UAP O3   O N N 415 
UAP C4   C N N 416 
UAP C5   C N N 417 
UAP O5   O N N 418 
UAP C6   C N N 419 
UAP O1S  O N N 420 
UAP O2S  O N N 421 
UAP O3S  O N N 422 
UAP O6B  O N N 423 
UAP O6A  O N N 424 
UAP H1   H N N 425 
UAP HO1  H N N 426 
UAP H2   H N N 427 
UAP H3   H N N 428 
UAP HO3  H N N 429 
UAP H4   H N N 430 
UAP HO1S H N N 431 
UAP HO6B H N N 432 
VAL N    N N N 433 
VAL CA   C N S 434 
VAL C    C N N 435 
VAL O    O N N 436 
VAL CB   C N N 437 
VAL CG1  C N N 438 
VAL CG2  C N N 439 
VAL OXT  O N N 440 
VAL H    H N N 441 
VAL H2   H N N 442 
VAL HA   H N N 443 
VAL HB   H N N 444 
VAL HG11 H N N 445 
VAL HG12 H N N 446 
VAL HG13 H N N 447 
VAL HG21 H N N 448 
VAL HG22 H N N 449 
VAL HG23 H N N 450 
VAL HXT  H N N 451 
# 
loop_
_chem_comp_bond.comp_id 
_chem_comp_bond.atom_id_1 
_chem_comp_bond.atom_id_2 
_chem_comp_bond.value_order 
_chem_comp_bond.pdbx_aromatic_flag 
_chem_comp_bond.pdbx_stereo_config 
_chem_comp_bond.pdbx_ordinal 
ACY C   O    doub N N 1   
ACY C   OXT  sing N N 2   
ACY C   CH3  sing N N 3   
ACY OXT HXT  sing N N 4   
ACY CH3 H1   sing N N 5   
ACY CH3 H2   sing N N 6   
ACY CH3 H3   sing N N 7   
ALA N   CA   sing N N 8   
ALA N   H    sing N N 9   
ALA N   H2   sing N N 10  
ALA CA  C    sing N N 11  
ALA CA  CB   sing N N 12  
ALA CA  HA   sing N N 13  
ALA C   O    doub N N 14  
ALA C   OXT  sing N N 15  
ALA CB  HB1  sing N N 16  
ALA CB  HB2  sing N N 17  
ALA CB  HB3  sing N N 18  
ALA OXT HXT  sing N N 19  
ARG N   CA   sing N N 20  
ARG N   H    sing N N 21  
ARG N   H2   sing N N 22  
ARG CA  C    sing N N 23  
ARG CA  CB   sing N N 24  
ARG CA  HA   sing N N 25  
ARG C   O    doub N N 26  
ARG C   OXT  sing N N 27  
ARG CB  CG   sing N N 28  
ARG CB  HB2  sing N N 29  
ARG CB  HB3  sing N N 30  
ARG CG  CD   sing N N 31  
ARG CG  HG2  sing N N 32  
ARG CG  HG3  sing N N 33  
ARG CD  NE   sing N N 34  
ARG CD  HD2  sing N N 35  
ARG CD  HD3  sing N N 36  
ARG NE  CZ   sing N N 37  
ARG NE  HE   sing N N 38  
ARG CZ  NH1  sing N N 39  
ARG CZ  NH2  doub N N 40  
ARG NH1 HH11 sing N N 41  
ARG NH1 HH12 sing N N 42  
ARG NH2 HH21 sing N N 43  
ARG NH2 HH22 sing N N 44  
ARG OXT HXT  sing N N 45  
ASN N   CA   sing N N 46  
ASN N   H    sing N N 47  
ASN N   H2   sing N N 48  
ASN CA  C    sing N N 49  
ASN CA  CB   sing N N 50  
ASN CA  HA   sing N N 51  
ASN C   O    doub N N 52  
ASN C   OXT  sing N N 53  
ASN CB  CG   sing N N 54  
ASN CB  HB2  sing N N 55  
ASN CB  HB3  sing N N 56  
ASN CG  OD1  doub N N 57  
ASN CG  ND2  sing N N 58  
ASN ND2 HD21 sing N N 59  
ASN ND2 HD22 sing N N 60  
ASN OXT HXT  sing N N 61  
ASP N   CA   sing N N 62  
ASP N   H    sing N N 63  
ASP N   H2   sing N N 64  
ASP CA  C    sing N N 65  
ASP CA  CB   sing N N 66  
ASP CA  HA   sing N N 67  
ASP C   O    doub N N 68  
ASP C   OXT  sing N N 69  
ASP CB  CG   sing N N 70  
ASP CB  HB2  sing N N 71  
ASP CB  HB3  sing N N 72  
ASP CG  OD1  doub N N 73  
ASP CG  OD2  sing N N 74  
ASP OD2 HD2  sing N N 75  
ASP OXT HXT  sing N N 76  
CYS N   CA   sing N N 77  
CYS N   H    sing N N 78  
CYS N   H2   sing N N 79  
CYS CA  C    sing N N 80  
CYS CA  CB   sing N N 81  
CYS CA  HA   sing N N 82  
CYS C   O    doub N N 83  
CYS C   OXT  sing N N 84  
CYS CB  SG   sing N N 85  
CYS CB  HB2  sing N N 86  
CYS CB  HB3  sing N N 87  
CYS SG  HG   sing N N 88  
CYS OXT HXT  sing N N 89  
GLN N   CA   sing N N 90  
GLN N   H    sing N N 91  
GLN N   H2   sing N N 92  
GLN CA  C    sing N N 93  
GLN CA  CB   sing N N 94  
GLN CA  HA   sing N N 95  
GLN C   O    doub N N 96  
GLN C   OXT  sing N N 97  
GLN CB  CG   sing N N 98  
GLN CB  HB2  sing N N 99  
GLN CB  HB3  sing N N 100 
GLN CG  CD   sing N N 101 
GLN CG  HG2  sing N N 102 
GLN CG  HG3  sing N N 103 
GLN CD  OE1  doub N N 104 
GLN CD  NE2  sing N N 105 
GLN NE2 HE21 sing N N 106 
GLN NE2 HE22 sing N N 107 
GLN OXT HXT  sing N N 108 
GLU N   CA   sing N N 109 
GLU N   H    sing N N 110 
GLU N   H2   sing N N 111 
GLU CA  C    sing N N 112 
GLU CA  CB   sing N N 113 
GLU CA  HA   sing N N 114 
GLU C   O    doub N N 115 
GLU C   OXT  sing N N 116 
GLU CB  CG   sing N N 117 
GLU CB  HB2  sing N N 118 
GLU CB  HB3  sing N N 119 
GLU CG  CD   sing N N 120 
GLU CG  HG2  sing N N 121 
GLU CG  HG3  sing N N 122 
GLU CD  OE1  doub N N 123 
GLU CD  OE2  sing N N 124 
GLU OE2 HE2  sing N N 125 
GLU OXT HXT  sing N N 126 
GLY N   CA   sing N N 127 
GLY N   H    sing N N 128 
GLY N   H2   sing N N 129 
GLY CA  C    sing N N 130 
GLY CA  HA2  sing N N 131 
GLY CA  HA3  sing N N 132 
GLY C   O    doub N N 133 
GLY C   OXT  sing N N 134 
GLY OXT HXT  sing N N 135 
GNS C1  C2   sing N N 136 
GNS C1  O5   sing N N 137 
GNS C1  O1   sing N N 138 
GNS C1  H1   sing N N 139 
GNS C2  N2   sing N N 140 
GNS C2  C3   sing N N 141 
GNS C2  H2   sing N N 142 
GNS N2  S1   sing N N 143 
GNS N2  HN21 sing N N 144 
GNS S1  O1S  sing N N 145 
GNS S1  O2S  doub N N 146 
GNS S1  O3S  doub N N 147 
GNS O1S H1S  sing N N 148 
GNS C3  O3   sing N N 149 
GNS C3  C4   sing N N 150 
GNS C3  H3   sing N N 151 
GNS O3  HO3  sing N N 152 
GNS C4  C5   sing N N 153 
GNS C4  O4   sing N N 154 
GNS C4  H4   sing N N 155 
GNS C5  O5   sing N N 156 
GNS C5  C6   sing N N 157 
GNS C5  H5   sing N N 158 
GNS C6  O6   sing N N 159 
GNS C6  H61  sing N N 160 
GNS C6  H62  sing N N 161 
GNS O6  HO6  sing N N 162 
GNS O4  HO4  sing N N 163 
GNS O1  HO1  sing N N 164 
HIS N   CA   sing N N 165 
HIS N   H    sing N N 166 
HIS N   H2   sing N N 167 
HIS CA  C    sing N N 168 
HIS CA  CB   sing N N 169 
HIS CA  HA   sing N N 170 
HIS C   O    doub N N 171 
HIS C   OXT  sing N N 172 
HIS CB  CG   sing N N 173 
HIS CB  HB2  sing N N 174 
HIS CB  HB3  sing N N 175 
HIS CG  ND1  sing Y N 176 
HIS CG  CD2  doub Y N 177 
HIS ND1 CE1  doub Y N 178 
HIS ND1 HD1  sing N N 179 
HIS CD2 NE2  sing Y N 180 
HIS CD2 HD2  sing N N 181 
HIS CE1 NE2  sing Y N 182 
HIS CE1 HE1  sing N N 183 
HIS NE2 HE2  sing N N 184 
HIS OXT HXT  sing N N 185 
HOH O   H1   sing N N 186 
HOH O   H2   sing N N 187 
ILE N   CA   sing N N 188 
ILE N   H    sing N N 189 
ILE N   H2   sing N N 190 
ILE CA  C    sing N N 191 
ILE CA  CB   sing N N 192 
ILE CA  HA   sing N N 193 
ILE C   O    doub N N 194 
ILE C   OXT  sing N N 195 
ILE CB  CG1  sing N N 196 
ILE CB  CG2  sing N N 197 
ILE CB  HB   sing N N 198 
ILE CG1 CD1  sing N N 199 
ILE CG1 HG12 sing N N 200 
ILE CG1 HG13 sing N N 201 
ILE CG2 HG21 sing N N 202 
ILE CG2 HG22 sing N N 203 
ILE CG2 HG23 sing N N 204 
ILE CD1 HD11 sing N N 205 
ILE CD1 HD12 sing N N 206 
ILE CD1 HD13 sing N N 207 
ILE OXT HXT  sing N N 208 
LEU N   CA   sing N N 209 
LEU N   H    sing N N 210 
LEU N   H2   sing N N 211 
LEU CA  C    sing N N 212 
LEU CA  CB   sing N N 213 
LEU CA  HA   sing N N 214 
LEU C   O    doub N N 215 
LEU C   OXT  sing N N 216 
LEU CB  CG   sing N N 217 
LEU CB  HB2  sing N N 218 
LEU CB  HB3  sing N N 219 
LEU CG  CD1  sing N N 220 
LEU CG  CD2  sing N N 221 
LEU CG  HG   sing N N 222 
LEU CD1 HD11 sing N N 223 
LEU CD1 HD12 sing N N 224 
LEU CD1 HD13 sing N N 225 
LEU CD2 HD21 sing N N 226 
LEU CD2 HD22 sing N N 227 
LEU CD2 HD23 sing N N 228 
LEU OXT HXT  sing N N 229 
LYS N   CA   sing N N 230 
LYS N   H    sing N N 231 
LYS N   H2   sing N N 232 
LYS CA  C    sing N N 233 
LYS CA  CB   sing N N 234 
LYS CA  HA   sing N N 235 
LYS C   O    doub N N 236 
LYS C   OXT  sing N N 237 
LYS CB  CG   sing N N 238 
LYS CB  HB2  sing N N 239 
LYS CB  HB3  sing N N 240 
LYS CG  CD   sing N N 241 
LYS CG  HG2  sing N N 242 
LYS CG  HG3  sing N N 243 
LYS CD  CE   sing N N 244 
LYS CD  HD2  sing N N 245 
LYS CD  HD3  sing N N 246 
LYS CE  NZ   sing N N 247 
LYS CE  HE2  sing N N 248 
LYS CE  HE3  sing N N 249 
LYS NZ  HZ1  sing N N 250 
LYS NZ  HZ2  sing N N 251 
LYS NZ  HZ3  sing N N 252 
LYS OXT HXT  sing N N 253 
MET N   CA   sing N N 254 
MET N   H    sing N N 255 
MET N   H2   sing N N 256 
MET CA  C    sing N N 257 
MET CA  CB   sing N N 258 
MET CA  HA   sing N N 259 
MET C   O    doub N N 260 
MET C   OXT  sing N N 261 
MET CB  CG   sing N N 262 
MET CB  HB2  sing N N 263 
MET CB  HB3  sing N N 264 
MET CG  SD   sing N N 265 
MET CG  HG2  sing N N 266 
MET CG  HG3  sing N N 267 
MET SD  CE   sing N N 268 
MET CE  HE1  sing N N 269 
MET CE  HE2  sing N N 270 
MET CE  HE3  sing N N 271 
MET OXT HXT  sing N N 272 
PHE N   CA   sing N N 273 
PHE N   H    sing N N 274 
PHE N   H2   sing N N 275 
PHE CA  C    sing N N 276 
PHE CA  CB   sing N N 277 
PHE CA  HA   sing N N 278 
PHE C   O    doub N N 279 
PHE C   OXT  sing N N 280 
PHE CB  CG   sing N N 281 
PHE CB  HB2  sing N N 282 
PHE CB  HB3  sing N N 283 
PHE CG  CD1  doub Y N 284 
PHE CG  CD2  sing Y N 285 
PHE CD1 CE1  sing Y N 286 
PHE CD1 HD1  sing N N 287 
PHE CD2 CE2  doub Y N 288 
PHE CD2 HD2  sing N N 289 
PHE CE1 CZ   doub Y N 290 
PHE CE1 HE1  sing N N 291 
PHE CE2 CZ   sing Y N 292 
PHE CE2 HE2  sing N N 293 
PHE CZ  HZ   sing N N 294 
PHE OXT HXT  sing N N 295 
PRO N   CA   sing N N 296 
PRO N   CD   sing N N 297 
PRO N   H    sing N N 298 
PRO CA  C    sing N N 299 
PRO CA  CB   sing N N 300 
PRO CA  HA   sing N N 301 
PRO C   O    doub N N 302 
PRO C   OXT  sing N N 303 
PRO CB  CG   sing N N 304 
PRO CB  HB2  sing N N 305 
PRO CB  HB3  sing N N 306 
PRO CG  CD   sing N N 307 
PRO CG  HG2  sing N N 308 
PRO CG  HG3  sing N N 309 
PRO CD  HD2  sing N N 310 
PRO CD  HD3  sing N N 311 
PRO OXT HXT  sing N N 312 
SER N   CA   sing N N 313 
SER N   H    sing N N 314 
SER N   H2   sing N N 315 
SER CA  C    sing N N 316 
SER CA  CB   sing N N 317 
SER CA  HA   sing N N 318 
SER C   O    doub N N 319 
SER C   OXT  sing N N 320 
SER CB  OG   sing N N 321 
SER CB  HB2  sing N N 322 
SER CB  HB3  sing N N 323 
SER OG  HG   sing N N 324 
SER OXT HXT  sing N N 325 
THR N   CA   sing N N 326 
THR N   H    sing N N 327 
THR N   H2   sing N N 328 
THR CA  C    sing N N 329 
THR CA  CB   sing N N 330 
THR CA  HA   sing N N 331 
THR C   O    doub N N 332 
THR C   OXT  sing N N 333 
THR CB  OG1  sing N N 334 
THR CB  CG2  sing N N 335 
THR CB  HB   sing N N 336 
THR OG1 HG1  sing N N 337 
THR CG2 HG21 sing N N 338 
THR CG2 HG22 sing N N 339 
THR CG2 HG23 sing N N 340 
THR OXT HXT  sing N N 341 
TRP N   CA   sing N N 342 
TRP N   H    sing N N 343 
TRP N   H2   sing N N 344 
TRP CA  C    sing N N 345 
TRP CA  CB   sing N N 346 
TRP CA  HA   sing N N 347 
TRP C   O    doub N N 348 
TRP C   OXT  sing N N 349 
TRP CB  CG   sing N N 350 
TRP CB  HB2  sing N N 351 
TRP CB  HB3  sing N N 352 
TRP CG  CD1  doub Y N 353 
TRP CG  CD2  sing Y N 354 
TRP CD1 NE1  sing Y N 355 
TRP CD1 HD1  sing N N 356 
TRP CD2 CE2  doub Y N 357 
TRP CD2 CE3  sing Y N 358 
TRP NE1 CE2  sing Y N 359 
TRP NE1 HE1  sing N N 360 
TRP CE2 CZ2  sing Y N 361 
TRP CE3 CZ3  doub Y N 362 
TRP CE3 HE3  sing N N 363 
TRP CZ2 CH2  doub Y N 364 
TRP CZ2 HZ2  sing N N 365 
TRP CZ3 CH2  sing Y N 366 
TRP CZ3 HZ3  sing N N 367 
TRP CH2 HH2  sing N N 368 
TRP OXT HXT  sing N N 369 
TYR N   CA   sing N N 370 
TYR N   H    sing N N 371 
TYR N   H2   sing N N 372 
TYR CA  C    sing N N 373 
TYR CA  CB   sing N N 374 
TYR CA  HA   sing N N 375 
TYR C   O    doub N N 376 
TYR C   OXT  sing N N 377 
TYR CB  CG   sing N N 378 
TYR CB  HB2  sing N N 379 
TYR CB  HB3  sing N N 380 
TYR CG  CD1  doub Y N 381 
TYR CG  CD2  sing Y N 382 
TYR CD1 CE1  sing Y N 383 
TYR CD1 HD1  sing N N 384 
TYR CD2 CE2  doub Y N 385 
TYR CD2 HD2  sing N N 386 
TYR CE1 CZ   doub Y N 387 
TYR CE1 HE1  sing N N 388 
TYR CE2 CZ   sing Y N 389 
TYR CE2 HE2  sing N N 390 
TYR CZ  OH   sing N N 391 
TYR OH  HH   sing N N 392 
TYR OXT HXT  sing N N 393 
UAP O2  S    sing N N 394 
UAP S   O2S  doub N N 395 
UAP S   O3S  doub N N 396 
UAP S   O1S  sing N N 397 
UAP O5  C1   sing N N 398 
UAP O1  C1   sing N N 399 
UAP C1  C2   sing N N 400 
UAP C1  H1   sing N N 401 
UAP O1  HO1  sing N N 402 
UAP C3  C2   sing N N 403 
UAP C2  O2   sing N N 404 
UAP C2  H2   sing N N 405 
UAP C4  C3   sing N N 406 
UAP O3  C3   sing N N 407 
UAP C3  H3   sing N N 408 
UAP O3  HO3  sing N N 409 
UAP C5  C4   doub N N 410 
UAP C4  H4   sing N N 411 
UAP C6  C5   sing N N 412 
UAP C5  O5   sing N N 413 
UAP O6A C6   doub N N 414 
UAP O6B C6   sing N N 415 
UAP O1S HO1S sing N N 416 
UAP O6B HO6B sing N N 417 
VAL N   CA   sing N N 418 
VAL N   H    sing N N 419 
VAL N   H2   sing N N 420 
VAL CA  C    sing N N 421 
VAL CA  CB   sing N N 422 
VAL CA  HA   sing N N 423 
VAL C   O    doub N N 424 
VAL C   OXT  sing N N 425 
VAL CB  CG1  sing N N 426 
VAL CB  CG2  sing N N 427 
VAL CB  HB   sing N N 428 
VAL CG1 HG11 sing N N 429 
VAL CG1 HG12 sing N N 430 
VAL CG1 HG13 sing N N 431 
VAL CG2 HG21 sing N N 432 
VAL CG2 HG22 sing N N 433 
VAL CG2 HG23 sing N N 434 
VAL OXT HXT  sing N N 435 
# 
loop_
_pdbx_entity_branch_list.entity_id 
_pdbx_entity_branch_list.comp_id 
_pdbx_entity_branch_list.num 
_pdbx_entity_branch_list.hetero 
2 GNS 1 n 
2 UAP 2 n 
# 
_pdbx_initial_refinement_model.id               1 
_pdbx_initial_refinement_model.entity_id_list   ? 
_pdbx_initial_refinement_model.type             'experimental model' 
_pdbx_initial_refinement_model.source_name      PDB 
_pdbx_initial_refinement_model.accession_code   1EQT 
_pdbx_initial_refinement_model.details          'PDB ENTRY 1EQT' 
# 
_atom_sites.entry_id                    1U4M 
_atom_sites.fract_transf_matrix[1][1]   -0.00528748 
_atom_sites.fract_transf_matrix[1][2]   -0.01999614 
_atom_sites.fract_transf_matrix[1][3]   -0.03602340 
_atom_sites.fract_transf_matrix[2][1]   -0.00565072 
_atom_sites.fract_transf_matrix[2][2]   -0.01432417 
_atom_sites.fract_transf_matrix[2][3]   0.00878058 
_atom_sites.fract_transf_matrix[3][1]   -0.00995409 
_atom_sites.fract_transf_matrix[3][2]   0.00359809 
_atom_sites.fract_transf_matrix[3][3]   -0.00053620 
_atom_sites.fract_transf_vector[1]      0.258175 
_atom_sites.fract_transf_vector[2]      0.179276 
_atom_sites.fract_transf_vector[3]      0.379725 
# 
loop_
_atom_type.symbol 
C 
N 
O 
S 
# 
loop_
_atom_site.group_PDB 
_atom_site.id 
_atom_site.type_symbol 
_atom_site.label_atom_id 
_atom_site.label_alt_id 
_atom_site.label_comp_id 
_atom_site.label_asym_id 
_atom_site.label_entity_id 
_atom_site.label_seq_id 
_atom_site.pdbx_PDB_ins_code 
_atom_site.Cartn_x 
_atom_site.Cartn_y 
_atom_site.Cartn_z 
_atom_site.occupancy 
_atom_site.B_iso_or_equiv 
_atom_site.pdbx_formal_charge 
_atom_site.auth_seq_id 
_atom_site.auth_comp_id 
_atom_site.auth_asym_id 
_atom_site.auth_atom_id 
_atom_site.pdbx_PDB_model_num 
ATOM   1    N N   . PRO A 1 2  ? -1.397  7.175   -16.741 1.00 35.09 ? 2   PRO A N   1 
ATOM   2    C CA  . PRO A 1 2  ? -2.539  6.924   -15.833 1.00 33.93 ? 2   PRO A CA  1 
ATOM   3    C C   . PRO A 1 2  ? -2.256  5.726   -14.934 1.00 32.66 ? 2   PRO A C   1 
ATOM   4    O O   . PRO A 1 2  ? -1.417  4.883   -15.253 1.00 32.22 ? 2   PRO A O   1 
ATOM   5    C CB  . PRO A 1 2  ? -3.749  6.660   -16.713 1.00 35.76 ? 2   PRO A CB  1 
ATOM   6    C CG  . PRO A 1 2  ? -3.082  6.067   -17.952 1.00 36.15 ? 2   PRO A CG  1 
ATOM   7    C CD  . PRO A 1 2  ? -1.801  6.907   -18.133 1.00 36.47 ? 2   PRO A CD  1 
ATOM   8    N N   . TYR A 1 3  ? -2.963  5.655   -13.812 1.00 29.35 ? 3   TYR A N   1 
ATOM   9    C CA  . TYR A 1 3  ? -2.785  4.558   -12.867 1.00 28.09 ? 3   TYR A CA  1 
ATOM   10   C C   . TYR A 1 3  ? -3.953  4.569   -11.888 1.00 25.53 ? 3   TYR A C   1 
ATOM   11   O O   . TYR A 1 3  ? -4.703  5.539   -11.814 1.00 25.13 ? 3   TYR A O   1 
ATOM   12   C CB  . TYR A 1 3  ? -1.479  4.745   -12.091 1.00 28.54 ? 3   TYR A CB  1 
ATOM   13   C CG  . TYR A 1 3  ? -0.946  3.486   -11.452 1.00 29.74 ? 3   TYR A CG  1 
ATOM   14   C CD1 . TYR A 1 3  ? -0.279  2.534   -12.212 1.00 31.07 ? 3   TYR A CD1 1 
ATOM   15   C CD2 . TYR A 1 3  ? -1.109  3.246   -10.092 1.00 29.06 ? 3   TYR A CD2 1 
ATOM   16   C CE1 . TYR A 1 3  ? 0.214   1.379   -11.640 1.00 31.71 ? 3   TYR A CE1 1 
ATOM   17   C CE2 . TYR A 1 3  ? -0.621  2.088   -9.509  1.00 30.68 ? 3   TYR A CE2 1 
ATOM   18   C CZ  . TYR A 1 3  ? 0.040   1.159   -10.290 1.00 31.83 ? 3   TYR A CZ  1 
ATOM   19   O OH  . TYR A 1 3  ? 0.528   0.001   -9.735  1.00 31.41 ? 3   TYR A OH  1 
ATOM   20   N N   . SER A 1 4  ? -4.105  3.492   -11.131 1.00 23.33 ? 4   SER A N   1 
ATOM   21   C CA  . SER A 1 4  ? -5.177  3.427   -10.150 1.00 21.52 ? 4   SER A CA  1 
ATOM   22   C C   . SER A 1 4  ? -5.046  4.599   -9.178  1.00 21.52 ? 4   SER A C   1 
ATOM   23   O O   . SER A 1 4  ? -3.937  4.962   -8.776  1.00 19.01 ? 4   SER A O   1 
ATOM   24   C CB  . SER A 1 4  ? -5.097  2.110   -9.376  1.00 22.18 ? 4   SER A CB  1 
ATOM   25   O OG  . SER A 1 4  ? -5.988  2.113   -8.273  1.00 23.65 ? 4   SER A OG  1 
ATOM   26   N N   . SER A 1 5  ? -6.173  5.202   -8.817  1.00 19.46 ? 5   SER A N   1 
ATOM   27   C CA  . SER A 1 5  ? -6.159  6.301   -7.865  1.00 19.99 ? 5   SER A CA  1 
ATOM   28   C C   . SER A 1 5  ? -6.399  5.738   -6.468  1.00 18.04 ? 5   SER A C   1 
ATOM   29   O O   . SER A 1 5  ? -6.580  6.481   -5.508  1.00 18.40 ? 5   SER A O   1 
ATOM   30   C CB  . SER A 1 5  ? -7.219  7.354   -8.219  1.00 19.79 ? 5   SER A CB  1 
ATOM   31   O OG  . SER A 1 5  ? -8.465  6.757   -8.531  1.00 25.48 ? 5   SER A OG  1 
ATOM   32   N N   . ASP A 1 6  ? -6.412  4.412   -6.364  1.00 17.42 ? 6   ASP A N   1 
ATOM   33   C CA  . ASP A 1 6  ? -6.581  3.754   -5.073  1.00 18.38 ? 6   ASP A CA  1 
ATOM   34   C C   . ASP A 1 6  ? -5.159  3.574   -4.550  1.00 17.77 ? 6   ASP A C   1 
ATOM   35   O O   . ASP A 1 6  ? -4.207  3.612   -5.328  1.00 17.61 ? 6   ASP A O   1 
ATOM   36   C CB  . ASP A 1 6  ? -7.253  2.382   -5.244  1.00 21.35 ? 6   ASP A CB  1 
ATOM   37   C CG  . ASP A 1 6  ? -8.776  2.446   -5.134  1.00 23.49 ? 6   ASP A CG  1 
ATOM   38   O OD1 . ASP A 1 6  ? -9.364  3.509   -5.429  1.00 23.86 ? 6   ASP A OD1 1 
ATOM   39   O OD2 . ASP A 1 6  ? -9.387  1.419   -4.759  1.00 21.48 ? 6   ASP A OD2 1 
ATOM   40   N N   . THR A 1 7  ? -4.999  3.398   -3.246  1.00 16.08 ? 7   THR A N   1 
ATOM   41   C CA  . THR A 1 7  ? -3.666  3.202   -2.698  1.00 15.80 ? 7   THR A CA  1 
ATOM   42   C C   . THR A 1 7  ? -3.071  1.897   -3.223  1.00 16.58 ? 7   THR A C   1 
ATOM   43   O O   . THR A 1 7  ? -3.792  0.961   -3.585  1.00 14.90 ? 7   THR A O   1 
ATOM   44   C CB  . THR A 1 7  ? -3.676  3.128   -1.156  1.00 16.60 ? 7   THR A CB  1 
ATOM   45   O OG1 . THR A 1 7  ? -4.579  2.098   -0.731  1.00 13.79 ? 7   THR A OG1 1 
ATOM   46   C CG2 . THR A 1 7  ? -4.089  4.470   -0.558  1.00 12.23 ? 7   THR A CG2 1 
ATOM   47   N N   . THR A 1 8  ? -1.746  1.854   -3.260  1.00 15.12 ? 8   THR A N   1 
ATOM   48   C CA  . THR A 1 8  ? -1.013  0.683   -3.715  1.00 14.95 ? 8   THR A CA  1 
ATOM   49   C C   . THR A 1 8  ? 0.045   0.409   -2.656  1.00 12.69 ? 8   THR A C   1 
ATOM   50   O O   . THR A 1 8  ? 0.705   1.330   -2.177  1.00 10.53 ? 8   THR A O   1 
ATOM   51   C CB  . THR A 1 8  ? -0.316  0.954   -5.065  1.00 18.48 ? 8   THR A CB  1 
ATOM   52   O OG1 . THR A 1 8  ? -1.266  1.506   -5.989  1.00 22.33 ? 8   THR A OG1 1 
ATOM   53   C CG2 . THR A 1 8  ? 0.239   -0.339  -5.638  1.00 18.60 ? 8   THR A CG2 1 
ATOM   54   N N   . PRO A 1 9  ? 0.222   -0.861  -2.273  1.00 12.41 ? 9   PRO A N   1 
ATOM   55   C CA  . PRO A 1 9  ? 1.225   -1.166  -1.255  1.00 11.21 ? 9   PRO A CA  1 
ATOM   56   C C   . PRO A 1 9  ? 2.678   -1.079  -1.720  1.00 12.00 ? 9   PRO A C   1 
ATOM   57   O O   . PRO A 1 9  ? 3.028   -1.520  -2.817  1.00 10.30 ? 9   PRO A O   1 
ATOM   58   C CB  . PRO A 1 9  ? 0.839   -2.574  -0.812  1.00 11.43 ? 9   PRO A CB  1 
ATOM   59   C CG  . PRO A 1 9  ? 0.312   -3.181  -2.091  1.00 14.45 ? 9   PRO A CG  1 
ATOM   60   C CD  . PRO A 1 9  ? -0.547  -2.066  -2.646  1.00 12.47 ? 9   PRO A CD  1 
ATOM   61   N N   . CYS A 1 10 ? 3.516   -0.488  -0.875  1.00 10.45 ? 10  CYS A N   1 
ATOM   62   C CA  . CYS A 1 10 ? 4.943   -0.369  -1.147  1.00 11.44 ? 10  CYS A CA  1 
ATOM   63   C C   . CYS A 1 10 ? 5.699   -0.800  0.107   1.00 12.78 ? 10  CYS A C   1 
ATOM   64   O O   . CYS A 1 10 ? 5.149   -0.788  1.210   1.00 10.21 ? 10  CYS A O   1 
ATOM   65   C CB  . CYS A 1 10 ? 5.335   1.073   -1.486  1.00 12.20 ? 10  CYS A CB  1 
ATOM   66   S SG  . CYS A 1 10 ? 4.758   1.719   -3.089  1.00 11.56 ? 10  CYS A SG  1 
ATOM   67   N N   . CYS A 1 11 ? 6.962   -1.167  -0.075  1.00 12.61 ? 11  CYS A N   1 
ATOM   68   C CA  . CYS A 1 11 ? 7.824   -1.607  1.013   1.00 14.19 ? 11  CYS A CA  1 
ATOM   69   C C   . CYS A 1 11 ? 8.964   -0.624  1.247   1.00 16.17 ? 11  CYS A C   1 
ATOM   70   O O   . CYS A 1 11 ? 9.584   -0.146  0.295   1.00 16.11 ? 11  CYS A O   1 
ATOM   71   C CB  . CYS A 1 11 ? 8.431   -2.966  0.674   1.00 14.68 ? 11  CYS A CB  1 
ATOM   72   S SG  . CYS A 1 11 ? 7.273   -4.366  0.646   1.00 12.69 ? 11  CYS A SG  1 
ATOM   73   N N   . PHE A 1 12 ? 9.251   -0.337  2.513   1.00 17.08 ? 12  PHE A N   1 
ATOM   74   C CA  . PHE A 1 12 ? 10.331  0.583   2.846   1.00 18.77 ? 12  PHE A CA  1 
ATOM   75   C C   . PHE A 1 12 ? 11.376  -0.064  3.751   1.00 21.22 ? 12  PHE A C   1 
ATOM   76   O O   . PHE A 1 12 ? 12.318  0.590   4.205   1.00 22.09 ? 12  PHE A O   1 
ATOM   77   C CB  . PHE A 1 12 ? 9.767   1.851   3.492   1.00 17.51 ? 12  PHE A CB  1 
ATOM   78   C CG  . PHE A 1 12 ? 8.891   2.652   2.573   1.00 15.26 ? 12  PHE A CG  1 
ATOM   79   C CD1 . PHE A 1 12 ? 9.450   3.445   1.583   1.00 14.90 ? 12  PHE A CD1 1 
ATOM   80   C CD2 . PHE A 1 12 ? 7.512   2.576   2.664   1.00 15.82 ? 12  PHE A CD2 1 
ATOM   81   C CE1 . PHE A 1 12 ? 8.651   4.145   0.696   1.00 12.75 ? 12  PHE A CE1 1 
ATOM   82   C CE2 . PHE A 1 12 ? 6.703   3.277   1.779   1.00 16.89 ? 12  PHE A CE2 1 
ATOM   83   C CZ  . PHE A 1 12 ? 7.275   4.060   0.793   1.00 15.60 ? 12  PHE A CZ  1 
ATOM   84   N N   . ALA A 1 13 ? 11.202  -1.360  3.992   1.00 20.29 ? 13  ALA A N   1 
ATOM   85   C CA  . ALA A 1 13 ? 12.122  -2.138  4.812   1.00 19.91 ? 13  ALA A CA  1 
ATOM   86   C C   . ALA A 1 13 ? 11.991  -3.604  4.404   1.00 19.58 ? 13  ALA A C   1 
ATOM   87   O O   . ALA A 1 13 ? 10.942  -4.022  3.913   1.00 18.24 ? 13  ALA A O   1 
ATOM   88   C CB  . ALA A 1 13 ? 11.784  -1.976  6.284   1.00 20.34 ? 13  ALA A CB  1 
ATOM   89   N N   . TYR A 1 14 ? 13.056  -4.374  4.602   1.00 17.73 ? 14  TYR A N   1 
ATOM   90   C CA  . TYR A 1 14 ? 13.058  -5.795  4.262   1.00 17.04 ? 14  TYR A CA  1 
ATOM   91   C C   . TYR A 1 14 ? 13.298  -6.638  5.502   1.00 16.45 ? 14  TYR A C   1 
ATOM   92   O O   . TYR A 1 14 ? 14.136  -6.297  6.333   1.00 17.12 ? 14  TYR A O   1 
ATOM   93   C CB  . TYR A 1 14 ? 14.167  -6.113  3.261   1.00 17.00 ? 14  TYR A CB  1 
ATOM   94   C CG  . TYR A 1 14 ? 14.105  -5.341  1.968   1.00 18.69 ? 14  TYR A CG  1 
ATOM   95   C CD1 . TYR A 1 14 ? 12.977  -5.393  1.155   1.00 17.54 ? 14  TYR A CD1 1 
ATOM   96   C CD2 . TYR A 1 14 ? 15.191  -4.588  1.542   1.00 19.38 ? 14  TYR A CD2 1 
ATOM   97   C CE1 . TYR A 1 14 ? 12.936  -4.718  -0.048  1.00 19.67 ? 14  TYR A CE1 1 
ATOM   98   C CE2 . TYR A 1 14 ? 15.160  -3.910  0.339   1.00 22.45 ? 14  TYR A CE2 1 
ATOM   99   C CZ  . TYR A 1 14 ? 14.033  -3.979  -0.454  1.00 19.95 ? 14  TYR A CZ  1 
ATOM   100  O OH  . TYR A 1 14 ? 14.012  -3.315  -1.660  1.00 19.10 ? 14  TYR A OH  1 
ATOM   101  N N   . ILE A 1 15 ? 12.567  -7.741  5.633   1.00 15.73 ? 15  ILE A N   1 
ATOM   102  C CA  . ILE A 1 15 ? 12.767  -8.607  6.779   1.00 17.00 ? 15  ILE A CA  1 
ATOM   103  C C   . ILE A 1 15 ? 14.231  -9.054  6.703   1.00 16.39 ? 15  ILE A C   1 
ATOM   104  O O   . ILE A 1 15 ? 14.703  -9.496  5.657   1.00 16.43 ? 15  ILE A O   1 
ATOM   105  C CB  . ILE A 1 15 ? 11.789  -9.810  6.751   1.00 18.54 ? 15  ILE A CB  1 
ATOM   106  C CG1 . ILE A 1 15 ? 11.871  -10.576 8.072   1.00 21.16 ? 15  ILE A CG1 1 
ATOM   107  C CG2 . ILE A 1 15 ? 12.088  -10.712 5.569   1.00 18.79 ? 15  ILE A CG2 1 
ATOM   108  C CD1 . ILE A 1 15 ? 10.686  -11.486 8.308   1.00 23.39 ? 15  ILE A CD1 1 
ATOM   109  N N   . ALA A 1 16 ? 14.943  -8.903  7.813   1.00 15.86 ? 16  ALA A N   1 
ATOM   110  C CA  . ALA A 1 16 ? 16.367  -9.223  7.893   1.00 19.47 ? 16  ALA A CA  1 
ATOM   111  C C   . ALA A 1 16 ? 16.783  -10.667 7.630   1.00 20.52 ? 16  ALA A C   1 
ATOM   112  O O   . ALA A 1 16 ? 17.831  -10.910 7.036   1.00 20.20 ? 16  ALA A O   1 
ATOM   113  C CB  . ALA A 1 16 ? 16.914  -8.775  9.252   1.00 20.01 ? 16  ALA A CB  1 
ATOM   114  N N   . ARG A 1 17 ? 15.981  -11.623 8.081   1.00 21.71 ? 17  ARG A N   1 
ATOM   115  C CA  . ARG A 1 17 ? 16.312  -13.033 7.893   1.00 22.23 ? 17  ARG A CA  1 
ATOM   116  C C   . ARG A 1 17 ? 15.146  -13.796 7.278   1.00 21.26 ? 17  ARG A C   1 
ATOM   117  O O   . ARG A 1 17 ? 14.011  -13.326 7.282   1.00 20.42 ? 17  ARG A O   1 
ATOM   118  C CB  . ARG A 1 17 ? 16.709  -13.656 9.229   1.00 22.76 ? 17  ARG A CB  1 
ATOM   119  N N   . PRO A 1 18 ? 15.419  -14.994 6.744   1.00 22.14 ? 18  PRO A N   1 
ATOM   120  C CA  . PRO A 1 18 ? 14.405  -15.840 6.113   1.00 20.72 ? 18  PRO A CA  1 
ATOM   121  C C   . PRO A 1 18 ? 13.246  -16.217 7.026   1.00 20.53 ? 18  PRO A C   1 
ATOM   122  O O   . PRO A 1 18 ? 13.446  -16.597 8.183   1.00 19.06 ? 18  PRO A O   1 
ATOM   123  C CB  . PRO A 1 18 ? 15.202  -17.074 5.679   1.00 22.88 ? 18  PRO A CB  1 
ATOM   124  C CG  . PRO A 1 18 ? 16.598  -16.542 5.494   1.00 22.77 ? 18  PRO A CG  1 
ATOM   125  C CD  . PRO A 1 18 ? 16.746  -15.633 6.684   1.00 22.35 ? 18  PRO A CD  1 
ATOM   126  N N   . LEU A 1 19 ? 12.036  -16.098 6.494   1.00 19.16 ? 19  LEU A N   1 
ATOM   127  C CA  . LEU A 1 19 ? 10.826  -16.467 7.215   1.00 19.47 ? 19  LEU A CA  1 
ATOM   128  C C   . LEU A 1 19 ? 10.722  -17.979 7.063   1.00 18.32 ? 19  LEU A C   1 
ATOM   129  O O   . LEU A 1 19 ? 11.291  -18.549 6.135   1.00 18.56 ? 19  LEU A O   1 
ATOM   130  C CB  . LEU A 1 19 ? 9.597   -15.833 6.556   1.00 21.42 ? 19  LEU A CB  1 
ATOM   131  C CG  . LEU A 1 19 ? 9.351   -14.332 6.696   1.00 22.41 ? 19  LEU A CG  1 
ATOM   132  C CD1 . LEU A 1 19 ? 8.485   -13.835 5.546   1.00 23.62 ? 19  LEU A CD1 1 
ATOM   133  C CD2 . LEU A 1 19 ? 8.683   -14.066 8.033   1.00 23.51 ? 19  LEU A CD2 1 
ATOM   134  N N   . PRO A 1 20 ? 10.008  -18.651 7.977   1.00 18.74 ? 20  PRO A N   1 
ATOM   135  C CA  . PRO A 1 20 ? 9.883   -20.104 7.846   1.00 18.39 ? 20  PRO A CA  1 
ATOM   136  C C   . PRO A 1 20 ? 9.173   -20.399 6.523   1.00 17.40 ? 20  PRO A C   1 
ATOM   137  O O   . PRO A 1 20 ? 8.050   -19.940 6.302   1.00 16.18 ? 20  PRO A O   1 
ATOM   138  C CB  . PRO A 1 20 ? 9.032   -20.486 9.057   1.00 19.57 ? 20  PRO A CB  1 
ATOM   139  C CG  . PRO A 1 20 ? 9.399   -19.446 10.069  1.00 20.28 ? 20  PRO A CG  1 
ATOM   140  C CD  . PRO A 1 20 ? 9.411   -18.181 9.238   1.00 18.61 ? 20  PRO A CD  1 
ATOM   141  N N   . ARG A 1 21 ? 9.829   -21.146 5.643   1.00 16.40 ? 21  ARG A N   1 
ATOM   142  C CA  . ARG A 1 21 ? 9.243   -21.481 4.347   1.00 13.91 ? 21  ARG A CA  1 
ATOM   143  C C   . ARG A 1 21 ? 7.817   -22.024 4.448   1.00 14.26 ? 21  ARG A C   1 
ATOM   144  O O   . ARG A 1 21 ? 6.937   -21.617 3.686   1.00 13.18 ? 21  ARG A O   1 
ATOM   145  C CB  . ARG A 1 21 ? 10.117  -22.510 3.627   1.00 15.14 ? 21  ARG A CB  1 
ATOM   146  C CG  . ARG A 1 21 ? 9.475   -23.099 2.372   1.00 13.91 ? 21  ARG A CG  1 
ATOM   147  C CD  . ARG A 1 21 ? 9.350   -22.071 1.247   1.00 16.52 ? 21  ARG A CD  1 
ATOM   148  N NE  . ARG A 1 21 ? 8.670   -22.641 0.085   1.00 13.25 ? 21  ARG A NE  1 
ATOM   149  C CZ  . ARG A 1 21 ? 7.351   -22.658 -0.077  1.00 15.37 ? 21  ARG A CZ  1 
ATOM   150  N NH1 . ARG A 1 21 ? 6.561   -22.123 0.843   1.00 14.81 ? 21  ARG A NH1 1 
ATOM   151  N NH2 . ARG A 1 21 ? 6.817   -23.234 -1.148  1.00 14.84 ? 21  ARG A NH2 1 
ATOM   152  N N   . ALA A 1 22 ? 7.597   -22.945 5.385   1.00 11.47 ? 22  ALA A N   1 
ATOM   153  C CA  . ALA A 1 22 ? 6.287   -23.565 5.574   1.00 12.52 ? 22  ALA A CA  1 
ATOM   154  C C   . ALA A 1 22 ? 5.181   -22.607 6.015   1.00 13.11 ? 22  ALA A C   1 
ATOM   155  O O   . ALA A 1 22 ? 4.000   -22.956 5.977   1.00 14.40 ? 22  ALA A O   1 
ATOM   156  C CB  . ALA A 1 22 ? 6.401   -24.723 6.569   1.00 10.32 ? 22  ALA A CB  1 
ATOM   157  N N   . HIS A 1 23 ? 5.551   -21.406 6.440   1.00 13.00 ? 23  HIS A N   1 
ATOM   158  C CA  . HIS A 1 23 ? 4.554   -20.429 6.863   1.00 14.84 ? 23  HIS A CA  1 
ATOM   159  C C   . HIS A 1 23 ? 4.133   -19.536 5.700   1.00 14.79 ? 23  HIS A C   1 
ATOM   160  O O   . HIS A 1 23 ? 3.304   -18.650 5.877   1.00 16.04 ? 23  HIS A O   1 
ATOM   161  C CB  . HIS A 1 23 ? 5.102   -19.545 7.989   1.00 16.03 ? 23  HIS A CB  1 
ATOM   162  C CG  . HIS A 1 23 ? 5.296   -20.266 9.286   1.00 16.96 ? 23  HIS A CG  1 
ATOM   163  N ND1 . HIS A 1 23 ? 5.746   -19.637 10.426  1.00 19.09 ? 23  HIS A ND1 1 
ATOM   164  C CD2 . HIS A 1 23 ? 5.113   -21.566 9.620   1.00 17.94 ? 23  HIS A CD2 1 
ATOM   165  C CE1 . HIS A 1 23 ? 5.833   -20.518 11.407  1.00 20.21 ? 23  HIS A CE1 1 
ATOM   166  N NE2 . HIS A 1 23 ? 5.456   -21.695 10.944  1.00 19.51 ? 23  HIS A NE2 1 
ATOM   167  N N   . ILE A 1 24 ? 4.698   -19.773 4.519   1.00 13.64 ? 24  ILE A N   1 
ATOM   168  C CA  . ILE A 1 24 ? 4.384   -18.951 3.348   1.00 12.22 ? 24  ILE A CA  1 
ATOM   169  C C   . ILE A 1 24 ? 3.518   -19.659 2.311   1.00 13.36 ? 24  ILE A C   1 
ATOM   170  O O   . ILE A 1 24 ? 3.845   -20.757 1.844   1.00 13.21 ? 24  ILE A O   1 
ATOM   171  C CB  . ILE A 1 24 ? 5.674   -18.461 2.663   1.00 12.95 ? 24  ILE A CB  1 
ATOM   172  C CG1 . ILE A 1 24 ? 6.561   -17.756 3.694   1.00 12.73 ? 24  ILE A CG1 1 
ATOM   173  C CG2 . ILE A 1 24 ? 5.332   -17.507 1.513   1.00 11.73 ? 24  ILE A CG2 1 
ATOM   174  C CD1 . ILE A 1 24 ? 7.884   -17.278 3.132   1.00 16.86 ? 24  ILE A CD1 1 
ATOM   175  N N   . LYS A 1 25 ? 2.415   -19.020 1.939   1.00 11.96 ? 25  LYS A N   1 
ATOM   176  C CA  . LYS A 1 25 ? 1.505   -19.608 0.967   1.00 12.30 ? 25  LYS A CA  1 
ATOM   177  C C   . LYS A 1 25 ? 1.443   -18.860 -0.356  1.00 12.11 ? 25  LYS A C   1 
ATOM   178  O O   . LYS A 1 25 ? 1.116   -19.449 -1.384  1.00 12.50 ? 25  LYS A O   1 
ATOM   179  C CB  . LYS A 1 25 ? 0.095   -19.722 1.560   1.00 13.06 ? 25  LYS A CB  1 
ATOM   180  C CG  . LYS A 1 25 ? -0.549  -18.396 1.941   1.00 15.95 ? 25  LYS A CG  1 
ATOM   181  C CD  . LYS A 1 25 ? -1.970  -18.617 2.441   1.00 18.73 ? 25  LYS A CD  1 
ATOM   182  C CE  . LYS A 1 25 ? -2.661  -17.306 2.780   1.00 17.89 ? 25  LYS A CE  1 
ATOM   183  N NZ  . LYS A 1 25 ? -4.042  -17.539 3.284   1.00 18.19 ? 25  LYS A NZ  1 
ATOM   184  N N   . GLU A 1 26 ? 1.761   -17.570 -0.338  1.00 13.09 ? 26  GLU A N   1 
ATOM   185  C CA  . GLU A 1 26 ? 1.727   -16.763 -1.558  1.00 13.87 ? 26  GLU A CA  1 
ATOM   186  C C   . GLU A 1 26 ? 2.791   -15.672 -1.544  1.00 14.64 ? 26  GLU A C   1 
ATOM   187  O O   . GLU A 1 26 ? 3.445   -15.427 -0.526  1.00 12.43 ? 26  GLU A O   1 
ATOM   188  C CB  . GLU A 1 26 ? 0.370   -16.065 -1.715  1.00 14.56 ? 26  GLU A CB  1 
ATOM   189  C CG  . GLU A 1 26 ? -0.852  -16.952 -1.849  1.00 17.05 ? 26  GLU A CG  1 
ATOM   190  C CD  . GLU A 1 26 ? -2.140  -16.146 -1.747  1.00 21.00 ? 26  GLU A CD  1 
ATOM   191  O OE1 . GLU A 1 26 ? -2.305  -15.179 -2.524  1.00 23.80 ? 26  GLU A OE1 1 
ATOM   192  O OE2 . GLU A 1 26 ? -2.986  -16.469 -0.886  1.00 20.89 ? 26  GLU A OE2 1 
ATOM   193  N N   . TYR A 1 27 ? 2.941   -15.012 -2.688  1.00 14.44 ? 27  TYR A N   1 
ATOM   194  C CA  . TYR A 1 27 ? 3.877   -13.910 -2.827  1.00 15.72 ? 27  TYR A CA  1 
ATOM   195  C C   . TYR A 1 27 ? 3.479   -13.057 -4.027  1.00 15.46 ? 27  TYR A C   1 
ATOM   196  O O   . TYR A 1 27 ? 2.767   -13.514 -4.922  1.00 14.90 ? 27  TYR A O   1 
ATOM   197  C CB  . TYR A 1 27 ? 5.298   -14.429 -3.039  1.00 17.23 ? 27  TYR A CB  1 
ATOM   198  C CG  . TYR A 1 27 ? 5.633   -14.682 -4.491  1.00 20.04 ? 27  TYR A CG  1 
ATOM   199  C CD1 . TYR A 1 27 ? 5.294   -15.881 -5.102  1.00 21.04 ? 27  TYR A CD1 1 
ATOM   200  C CD2 . TYR A 1 27 ? 6.267   -13.710 -5.260  1.00 23.19 ? 27  TYR A CD2 1 
ATOM   201  C CE1 . TYR A 1 27 ? 5.574   -16.106 -6.441  1.00 25.13 ? 27  TYR A CE1 1 
ATOM   202  C CE2 . TYR A 1 27 ? 6.554   -13.929 -6.598  1.00 23.76 ? 27  TYR A CE2 1 
ATOM   203  C CZ  . TYR A 1 27 ? 6.204   -15.126 -7.180  1.00 24.78 ? 27  TYR A CZ  1 
ATOM   204  O OH  . TYR A 1 27 ? 6.482   -15.350 -8.507  1.00 30.00 ? 27  TYR A OH  1 
ATOM   205  N N   . PHE A 1 28 ? 3.932   -11.809 -4.027  1.00 15.40 ? 28  PHE A N   1 
ATOM   206  C CA  . PHE A 1 28 ? 3.688   -10.904 -5.139  1.00 15.46 ? 28  PHE A CA  1 
ATOM   207  C C   . PHE A 1 28 ? 4.737   -9.816  -5.085  1.00 17.50 ? 28  PHE A C   1 
ATOM   208  O O   . PHE A 1 28 ? 5.291   -9.527  -4.022  1.00 16.99 ? 28  PHE A O   1 
ATOM   209  C CB  . PHE A 1 28 ? 2.263   -10.314 -5.093  1.00 15.54 ? 28  PHE A CB  1 
ATOM   210  C CG  . PHE A 1 28 ? 2.006   -9.360  -3.949  1.00 15.69 ? 28  PHE A CG  1 
ATOM   211  C CD1 . PHE A 1 28 ? 2.307   -8.010  -4.066  1.00 15.48 ? 28  PHE A CD1 1 
ATOM   212  C CD2 . PHE A 1 28 ? 1.407   -9.804  -2.782  1.00 13.06 ? 28  PHE A CD2 1 
ATOM   213  C CE1 . PHE A 1 28 ? 2.012   -7.126  -3.045  1.00 14.49 ? 28  PHE A CE1 1 
ATOM   214  C CE2 . PHE A 1 28 ? 1.110   -8.925  -1.758  1.00 15.25 ? 28  PHE A CE2 1 
ATOM   215  C CZ  . PHE A 1 28 ? 1.411   -7.582  -1.892  1.00 12.17 ? 28  PHE A CZ  1 
ATOM   216  N N   . TYR A 1 29 ? 5.061   -9.258  -6.244  1.00 17.79 ? 29  TYR A N   1 
ATOM   217  C CA  . TYR A 1 29 ? 6.031   -8.181  -6.305  1.00 18.15 ? 29  TYR A CA  1 
ATOM   218  C C   . TYR A 1 29 ? 5.242   -6.889  -6.150  1.00 16.02 ? 29  TYR A C   1 
ATOM   219  O O   . TYR A 1 29 ? 4.133   -6.771  -6.668  1.00 14.51 ? 29  TYR A O   1 
ATOM   220  C CB  . TYR A 1 29 ? 6.765   -8.174  -7.649  1.00 19.68 ? 29  TYR A CB  1 
ATOM   221  C CG  . TYR A 1 29 ? 7.956   -9.105  -7.726  1.00 24.34 ? 29  TYR A CG  1 
ATOM   222  C CD1 . TYR A 1 29 ? 7.807   -10.442 -8.075  1.00 24.72 ? 29  TYR A CD1 1 
ATOM   223  C CD2 . TYR A 1 29 ? 9.236   -8.639  -7.458  1.00 25.54 ? 29  TYR A CD2 1 
ATOM   224  C CE1 . TYR A 1 29 ? 8.904   -11.289 -8.157  1.00 26.24 ? 29  TYR A CE1 1 
ATOM   225  C CE2 . TYR A 1 29 ? 10.335  -9.473  -7.536  1.00 28.04 ? 29  TYR A CE2 1 
ATOM   226  C CZ  . TYR A 1 29 ? 10.165  -10.793 -7.886  1.00 28.11 ? 29  TYR A CZ  1 
ATOM   227  O OH  . TYR A 1 29 ? 11.267  -11.612 -7.971  1.00 30.11 ? 29  TYR A OH  1 
ATOM   228  N N   . THR A 1 30 ? 5.789   -5.930  -5.419  1.00 14.09 ? 30  THR A N   1 
ATOM   229  C CA  . THR A 1 30 ? 5.093   -4.665  -5.261  1.00 13.24 ? 30  THR A CA  1 
ATOM   230  C C   . THR A 1 30 ? 5.182   -3.944  -6.602  1.00 13.04 ? 30  THR A C   1 
ATOM   231  O O   . THR A 1 30 ? 6.054   -4.250  -7.412  1.00 11.73 ? 30  THR A O   1 
ATOM   232  C CB  . THR A 1 30 ? 5.731   -3.810  -4.161  1.00 11.71 ? 30  THR A CB  1 
ATOM   233  O OG1 . THR A 1 30 ? 7.152   -3.825  -4.309  1.00 12.58 ? 30  THR A OG1 1 
ATOM   234  C CG2 . THR A 1 30 ? 5.365   -4.356  -2.785  1.00 14.68 ? 30  THR A CG2 1 
ATOM   235  N N   . SER A 1 31 ? 4.266   -3.009  -6.835  1.00 12.77 ? 31  SER A N   1 
ATOM   236  C CA  . SER A 1 31 ? 4.229   -2.239  -8.075  1.00 13.47 ? 31  SER A CA  1 
ATOM   237  C C   . SER A 1 31 ? 5.558   -1.573  -8.429  1.00 13.95 ? 31  SER A C   1 
ATOM   238  O O   . SER A 1 31 ? 6.290   -1.134  -7.546  1.00 11.51 ? 31  SER A O   1 
ATOM   239  C CB  . SER A 1 31 ? 3.156   -1.159  -7.978  1.00 13.68 ? 31  SER A CB  1 
ATOM   240  O OG  . SER A 1 31 ? 3.269   -0.251  -9.055  1.00 13.56 ? 31  SER A OG  1 
ATOM   241  N N   . GLY A 1 32 ? 5.850   -1.492  -9.727  1.00 13.94 ? 32  GLY A N   1 
ATOM   242  C CA  . GLY A 1 32 ? 7.080   -0.856  -10.178 1.00 12.77 ? 32  GLY A CA  1 
ATOM   243  C C   . GLY A 1 32 ? 7.061   0.640   -9.900  1.00 13.07 ? 32  GLY A C   1 
ATOM   244  O O   . GLY A 1 32 ? 8.074   1.326   -10.041 1.00 12.57 ? 32  GLY A O   1 
ATOM   245  N N   . LYS A 1 33 ? 5.896   1.146   -9.508  1.00 12.03 ? 33  LYS A N   1 
ATOM   246  C CA  . LYS A 1 33 ? 5.731   2.561   -9.181  1.00 12.53 ? 33  LYS A CA  1 
ATOM   247  C C   . LYS A 1 33 ? 6.435   2.886   -7.869  1.00 11.78 ? 33  LYS A C   1 
ATOM   248  O O   . LYS A 1 33 ? 6.824   4.027   -7.633  1.00 10.82 ? 33  LYS A O   1 
ATOM   249  C CB  . LYS A 1 33 ? 4.246   2.905   -9.035  1.00 15.79 ? 33  LYS A CB  1 
ATOM   250  C CG  . LYS A 1 33 ? 3.467   3.013   -10.343 1.00 18.50 ? 33  LYS A CG  1 
ATOM   251  C CD  . LYS A 1 33 ? 3.774   4.314   -11.048 1.00 20.57 ? 33  LYS A CD  1 
ATOM   252  C CE  . LYS A 1 33 ? 2.778   4.584   -12.167 1.00 23.36 ? 33  LYS A CE  1 
ATOM   253  N NZ  . LYS A 1 33 ? 3.040   5.904   -12.805 1.00 21.45 ? 33  LYS A NZ  1 
ATOM   254  N N   . CYS A 1 34 ? 6.582   1.878   -7.014  1.00 10.94 ? 34  CYS A N   1 
ATOM   255  C CA  . CYS A 1 34 ? 7.225   2.060   -5.714  1.00 11.84 ? 34  CYS A CA  1 
ATOM   256  C C   . CYS A 1 34 ? 8.708   2.392   -5.862  1.00 11.46 ? 34  CYS A C   1 
ATOM   257  O O   . CYS A 1 34 ? 9.336   2.013   -6.847  1.00 9.65  ? 34  CYS A O   1 
ATOM   258  C CB  . CYS A 1 34 ? 7.064   0.795   -4.861  1.00 12.08 ? 34  CYS A CB  1 
ATOM   259  S SG  . CYS A 1 34 ? 5.347   0.330   -4.444  1.00 11.54 ? 34  CYS A SG  1 
ATOM   260  N N   . SER A 1 35 ? 9.259   3.093   -4.873  1.00 11.07 ? 35  SER A N   1 
ATOM   261  C CA  . SER A 1 35 ? 10.663  3.492   -4.896  1.00 14.22 ? 35  SER A CA  1 
ATOM   262  C C   . SER A 1 35 ? 11.612  2.305   -4.775  1.00 15.14 ? 35  SER A C   1 
ATOM   263  O O   . SER A 1 35 ? 12.706  2.322   -5.334  1.00 14.75 ? 35  SER A O   1 
ATOM   264  C CB  . SER A 1 35 ? 10.953  4.494   -3.767  1.00 16.47 ? 35  SER A CB  1 
ATOM   265  O OG  . SER A 1 35 ? 10.677  3.929   -2.492  1.00 16.34 ? 35  SER A OG  1 
ATOM   266  N N   . ASN A 1 36 ? 11.184  1.282   -4.041  1.00 15.08 ? 36  ASN A N   1 
ATOM   267  C CA  . ASN A 1 36 ? 11.991  0.082   -3.837  1.00 16.25 ? 36  ASN A CA  1 
ATOM   268  C C   . ASN A 1 36 ? 11.364  -1.154  -4.457  1.00 16.07 ? 36  ASN A C   1 
ATOM   269  O O   . ASN A 1 36 ? 10.145  -1.336  -4.421  1.00 14.66 ? 36  ASN A O   1 
ATOM   270  C CB  . ASN A 1 36 ? 12.154  -0.222  -2.348  1.00 16.90 ? 36  ASN A CB  1 
ATOM   271  C CG  . ASN A 1 36 ? 12.896  0.853   -1.604  1.00 21.01 ? 36  ASN A CG  1 
ATOM   272  O OD1 . ASN A 1 36 ? 12.557  1.176   -0.464  1.00 24.09 ? 36  ASN A OD1 1 
ATOM   273  N ND2 . ASN A 1 36 ? 13.923  1.406   -2.230  1.00 20.49 ? 36  ASN A ND2 1 
ATOM   274  N N   . PRO A 1 37 ? 12.192  -2.012  -5.058  1.00 14.98 ? 37  PRO A N   1 
ATOM   275  C CA  . PRO A 1 37 ? 11.637  -3.228  -5.641  1.00 15.12 ? 37  PRO A CA  1 
ATOM   276  C C   . PRO A 1 37 ? 11.398  -4.087  -4.403  1.00 14.77 ? 37  PRO A C   1 
ATOM   277  O O   . PRO A 1 37 ? 12.060  -3.892  -3.378  1.00 14.99 ? 37  PRO A O   1 
ATOM   278  C CB  . PRO A 1 37 ? 12.780  -3.747  -6.510  1.00 16.57 ? 37  PRO A CB  1 
ATOM   279  C CG  . PRO A 1 37 ? 14.000  -3.270  -5.777  1.00 18.31 ? 37  PRO A CG  1 
ATOM   280  C CD  . PRO A 1 37 ? 13.621  -1.865  -5.386  1.00 15.81 ? 37  PRO A CD  1 
ATOM   281  N N   . ALA A 1 38 ? 10.454  -5.010  -4.457  1.00 13.16 ? 38  ALA A N   1 
ATOM   282  C CA  . ALA A 1 38 ? 10.214  -5.822  -3.275  1.00 13.57 ? 38  ALA A CA  1 
ATOM   283  C C   . ALA A 1 38 ? 9.315   -7.011  -3.511  1.00 13.09 ? 38  ALA A C   1 
ATOM   284  O O   . ALA A 1 38 ? 8.476   -7.020  -4.411  1.00 13.70 ? 38  ALA A O   1 
ATOM   285  C CB  . ALA A 1 38 ? 9.627   -4.955  -2.156  1.00 10.89 ? 38  ALA A CB  1 
ATOM   286  N N   . VAL A 1 39 ? 9.513   -8.020  -2.677  1.00 14.62 ? 39  VAL A N   1 
ATOM   287  C CA  . VAL A 1 39 ? 8.716   -9.228  -2.717  1.00 15.41 ? 39  VAL A CA  1 
ATOM   288  C C   . VAL A 1 39 ? 7.909   -9.227  -1.431  1.00 14.14 ? 39  VAL A C   1 
ATOM   289  O O   . VAL A 1 39 ? 8.454   -8.985  -0.357  1.00 15.60 ? 39  VAL A O   1 
ATOM   290  C CB  . VAL A 1 39 ? 9.596   -10.495 -2.725  1.00 16.61 ? 39  VAL A CB  1 
ATOM   291  C CG1 . VAL A 1 39 ? 8.716   -11.729 -2.576  1.00 17.30 ? 39  VAL A CG1 1 
ATOM   292  C CG2 . VAL A 1 39 ? 10.407  -10.562 -4.008  1.00 16.65 ? 39  VAL A CG2 1 
ATOM   293  N N   . VAL A 1 40 ? 6.611   -9.468  -1.540  1.00 14.34 ? 40  VAL A N   1 
ATOM   294  C CA  . VAL A 1 40 ? 5.769   -9.530  -0.360  1.00 14.11 ? 40  VAL A CA  1 
ATOM   295  C C   . VAL A 1 40 ? 5.287   -10.956 -0.190  1.00 13.36 ? 40  VAL A C   1 
ATOM   296  O O   . VAL A 1 40 ? 4.558   -11.477 -1.034  1.00 13.09 ? 40  VAL A O   1 
ATOM   297  C CB  . VAL A 1 40 ? 4.527   -8.624  -0.464  1.00 13.52 ? 40  VAL A CB  1 
ATOM   298  C CG1 . VAL A 1 40 ? 3.569   -8.952  0.676   1.00 12.22 ? 40  VAL A CG1 1 
ATOM   299  C CG2 . VAL A 1 40 ? 4.934   -7.163  -0.392  1.00 14.46 ? 40  VAL A CG2 1 
ATOM   300  N N   . PHE A 1 41 ? 5.710   -11.592 0.896   1.00 10.86 ? 41  PHE A N   1 
ATOM   301  C CA  . PHE A 1 41 ? 5.287   -12.954 1.175   1.00 11.24 ? 41  PHE A CA  1 
ATOM   302  C C   . PHE A 1 41 ? 4.044   -12.905 2.047   1.00 11.86 ? 41  PHE A C   1 
ATOM   303  O O   . PHE A 1 41 ? 3.974   -12.131 2.998   1.00 13.53 ? 41  PHE A O   1 
ATOM   304  C CB  . PHE A 1 41 ? 6.385   -13.726 1.907   1.00 11.12 ? 41  PHE A CB  1 
ATOM   305  C CG  . PHE A 1 41 ? 7.584   -14.027 1.059   1.00 10.86 ? 41  PHE A CG  1 
ATOM   306  C CD1 . PHE A 1 41 ? 7.464   -14.815 -0.072  1.00 10.83 ? 41  PHE A CD1 1 
ATOM   307  C CD2 . PHE A 1 41 ? 8.828   -13.519 1.389   1.00 11.16 ? 41  PHE A CD2 1 
ATOM   308  C CE1 . PHE A 1 41 ? 8.565   -15.091 -0.862  1.00 9.94  ? 41  PHE A CE1 1 
ATOM   309  C CE2 . PHE A 1 41 ? 9.933   -13.793 0.603   1.00 13.15 ? 41  PHE A CE2 1 
ATOM   310  C CZ  . PHE A 1 41 ? 9.800   -14.580 -0.523  1.00 12.17 ? 41  PHE A CZ  1 
ATOM   311  N N   . VAL A 1 42 ? 3.056   -13.723 1.707   1.00 12.18 ? 42  VAL A N   1 
ATOM   312  C CA  . VAL A 1 42 ? 1.824   -13.793 2.477   1.00 11.55 ? 42  VAL A CA  1 
ATOM   313  C C   . VAL A 1 42 ? 1.917   -15.062 3.310   1.00 11.68 ? 42  VAL A C   1 
ATOM   314  O O   . VAL A 1 42 ? 2.044   -16.160 2.761   1.00 10.64 ? 42  VAL A O   1 
ATOM   315  C CB  . VAL A 1 42 ? 0.588   -13.890 1.556   1.00 11.47 ? 42  VAL A CB  1 
ATOM   316  C CG1 . VAL A 1 42 ? -0.679  -13.921 2.394   1.00 10.06 ? 42  VAL A CG1 1 
ATOM   317  C CG2 . VAL A 1 42 ? 0.571   -12.714 0.581   1.00 11.71 ? 42  VAL A CG2 1 
ATOM   318  N N   . THR A 1 43 ? 1.881   -14.916 4.631   1.00 11.21 ? 43  THR A N   1 
ATOM   319  C CA  . THR A 1 43 ? 1.968   -16.080 5.508   1.00 14.12 ? 43  THR A CA  1 
ATOM   320  C C   . THR A 1 43 ? 0.603   -16.738 5.656   1.00 14.80 ? 43  THR A C   1 
ATOM   321  O O   . THR A 1 43 ? -0.418  -16.171 5.267   1.00 15.16 ? 43  THR A O   1 
ATOM   322  C CB  . THR A 1 43 ? 2.476   -15.706 6.905   1.00 14.49 ? 43  THR A CB  1 
ATOM   323  O OG1 . THR A 1 43 ? 1.441   -15.022 7.619   1.00 13.54 ? 43  THR A OG1 1 
ATOM   324  C CG2 . THR A 1 43 ? 3.699   -14.804 6.798   1.00 14.53 ? 43  THR A CG2 1 
ATOM   325  N N   . ARG A 1 44 ? 0.588   -17.940 6.217   1.00 15.42 ? 44  ARG A N   1 
ATOM   326  C CA  . ARG A 1 44 ? -0.658  -18.665 6.399   1.00 16.43 ? 44  ARG A CA  1 
ATOM   327  C C   . ARG A 1 44 ? -1.570  -18.019 7.435   1.00 18.11 ? 44  ARG A C   1 
ATOM   328  O O   . ARG A 1 44 ? -2.745  -18.367 7.538   1.00 18.76 ? 44  ARG A O   1 
ATOM   329  C CB  . ARG A 1 44 ? -0.357  -20.125 6.737   1.00 17.14 ? 44  ARG A CB  1 
ATOM   330  C CG  . ARG A 1 44 ? 0.286   -20.838 5.554   1.00 17.66 ? 44  ARG A CG  1 
ATOM   331  C CD  . ARG A 1 44 ? 0.577   -22.299 5.806   1.00 18.99 ? 44  ARG A CD  1 
ATOM   332  N NE  . ARG A 1 44 ? 1.153   -22.916 4.614   1.00 19.55 ? 44  ARG A NE  1 
ATOM   333  C CZ  . ARG A 1 44 ? 0.487   -23.132 3.484   1.00 22.29 ? 44  ARG A CZ  1 
ATOM   334  N NH1 . ARG A 1 44 ? -0.791  -22.786 3.384   1.00 23.68 ? 44  ARG A NH1 1 
ATOM   335  N NH2 . ARG A 1 44 ? 1.100   -23.685 2.448   1.00 21.60 ? 44  ARG A NH2 1 
ATOM   336  N N   . LYS A 1 45 ? -1.027  -17.073 8.195   1.00 17.86 ? 45  LYS A N   1 
ATOM   337  C CA  . LYS A 1 45 ? -1.813  -16.336 9.179   1.00 19.01 ? 45  LYS A CA  1 
ATOM   338  C C   . LYS A 1 45 ? -2.269  -15.073 8.448   1.00 17.53 ? 45  LYS A C   1 
ATOM   339  O O   . LYS A 1 45 ? -2.837  -14.158 9.036   1.00 17.54 ? 45  LYS A O   1 
ATOM   340  C CB  . LYS A 1 45 ? -0.959  -15.971 10.383  1.00 20.43 ? 45  LYS A CB  1 
ATOM   341  N N   . ASN A 1 46 ? -1.992  -15.051 7.148   1.00 17.72 ? 46  ASN A N   1 
ATOM   342  C CA  . ASN A 1 46 ? -2.356  -13.951 6.264   1.00 18.78 ? 46  ASN A CA  1 
ATOM   343  C C   . ASN A 1 46 ? -1.631  -12.629 6.491   1.00 19.62 ? 46  ASN A C   1 
ATOM   344  O O   . ASN A 1 46 ? -2.146  -11.562 6.153   1.00 20.73 ? 46  ASN A O   1 
ATOM   345  C CB  . ASN A 1 46 ? -3.870  -13.744 6.293   1.00 19.16 ? 46  ASN A CB  1 
ATOM   346  C CG  . ASN A 1 46 ? -4.612  -14.872 5.597   1.00 17.83 ? 46  ASN A CG  1 
ATOM   347  O OD1 . ASN A 1 46 ? -4.395  -15.127 4.411   1.00 15.31 ? 46  ASN A OD1 1 
ATOM   348  N ND2 . ASN A 1 46 ? -5.480  -15.557 6.329   1.00 16.83 ? 46  ASN A ND2 1 
ATOM   349  N N   . ARG A 1 47 ? -0.436  -12.707 7.062   1.00 19.27 ? 47  ARG A N   1 
ATOM   350  C CA  . ARG A 1 47 ? 0.379   -11.519 7.282   1.00 20.39 ? 47  ARG A CA  1 
ATOM   351  C C   . ARG A 1 47 ? 1.103   -11.244 5.974   1.00 18.15 ? 47  ARG A C   1 
ATOM   352  O O   . ARG A 1 47 ? 1.288   -12.148 5.159   1.00 18.44 ? 47  ARG A O   1 
ATOM   353  C CB  . ARG A 1 47 ? 1.441   -11.763 8.346   1.00 22.59 ? 47  ARG A CB  1 
ATOM   354  C CG  . ARG A 1 47 ? 0.976   -11.774 9.779   1.00 30.35 ? 47  ARG A CG  1 
ATOM   355  C CD  . ARG A 1 47 ? 2.213   -11.849 10.660  1.00 30.96 ? 47  ARG A CD  1 
ATOM   356  N NE  . ARG A 1 47 ? 3.167   -10.806 10.286  1.00 33.60 ? 47  ARG A NE  1 
ATOM   357  C CZ  . ARG A 1 47 ? 4.486   -10.966 10.263  1.00 34.34 ? 47  ARG A CZ  1 
ATOM   358  N NH1 . ARG A 1 47 ? 5.021   -12.134 10.592  1.00 36.36 ? 47  ARG A NH1 1 
ATOM   359  N NH2 . ARG A 1 47 ? 5.272   -9.956  9.913   1.00 35.78 ? 47  ARG A NH2 1 
ATOM   360  N N   . GLN A 1 48 ? 1.532   -10.005 5.781   1.00 16.53 ? 48  GLN A N   1 
ATOM   361  C CA  . GLN A 1 48 ? 2.257   -9.642  4.575   1.00 17.32 ? 48  GLN A CA  1 
ATOM   362  C C   . GLN A 1 48 ? 3.628   -9.112  4.975   1.00 16.67 ? 48  GLN A C   1 
ATOM   363  O O   . GLN A 1 48 ? 3.743   -8.118  5.695   1.00 16.87 ? 48  GLN A O   1 
ATOM   364  C CB  . GLN A 1 48 ? 1.459   -8.610  3.780   1.00 19.29 ? 48  GLN A CB  1 
ATOM   365  C CG  . GLN A 1 48 ? 0.110   -9.164  3.330   1.00 19.62 ? 48  GLN A CG  1 
ATOM   366  C CD  . GLN A 1 48 ? -0.700  -8.176  2.523   1.00 20.61 ? 48  GLN A CD  1 
ATOM   367  O OE1 . GLN A 1 48 ? -0.340  -7.832  1.399   1.00 21.08 ? 48  GLN A OE1 1 
ATOM   368  N NE2 . GLN A 1 48 ? -1.804  -7.710  3.096   1.00 21.61 ? 48  GLN A NE2 1 
ATOM   369  N N   . VAL A 1 49 ? 4.666   -9.798  4.511   1.00 16.15 ? 49  VAL A N   1 
ATOM   370  C CA  . VAL A 1 49 ? 6.037   -9.440  4.846   1.00 15.09 ? 49  VAL A CA  1 
ATOM   371  C C   . VAL A 1 49 ? 6.877   -9.014  3.652   1.00 13.75 ? 49  VAL A C   1 
ATOM   372  O O   . VAL A 1 49 ? 6.939   -9.717  2.639   1.00 12.78 ? 49  VAL A O   1 
ATOM   373  C CB  . VAL A 1 49 ? 6.738   -10.630 5.532   1.00 16.19 ? 49  VAL A CB  1 
ATOM   374  C CG1 . VAL A 1 49 ? 8.143   -10.240 5.948   1.00 14.15 ? 49  VAL A CG1 1 
ATOM   375  C CG2 . VAL A 1 49 ? 5.918   -11.083 6.740   1.00 17.13 ? 49  VAL A CG2 1 
ATOM   376  N N   . CYS A 1 50 ? 7.532   -7.866  3.786   1.00 10.59 ? 50  CYS A N   1 
ATOM   377  C CA  . CYS A 1 50 ? 8.386   -7.338  2.727   1.00 13.05 ? 50  CYS A CA  1 
ATOM   378  C C   . CYS A 1 50 ? 9.750   -8.029  2.755   1.00 11.86 ? 50  CYS A C   1 
ATOM   379  O O   . CYS A 1 50 ? 10.325  -8.237  3.824   1.00 14.43 ? 50  CYS A O   1 
ATOM   380  C CB  . CYS A 1 50 ? 8.583   -5.834  2.909   1.00 13.17 ? 50  CYS A CB  1 
ATOM   381  S SG  . CYS A 1 50 ? 7.116   -4.793  2.617   1.00 15.16 ? 50  CYS A SG  1 
ATOM   382  N N   . ALA A 1 51 ? 10.259  -8.374  1.579   1.00 13.04 ? 51  ALA A N   1 
ATOM   383  C CA  . ALA A 1 51 ? 11.546  -9.052  1.458   1.00 14.82 ? 51  ALA A CA  1 
ATOM   384  C C   . ALA A 1 51 ? 12.320  -8.522  0.258   1.00 16.32 ? 51  ALA A C   1 
ATOM   385  O O   . ALA A 1 51 ? 11.724  -8.036  -0.704  1.00 16.13 ? 51  ALA A O   1 
ATOM   386  C CB  . ALA A 1 51 ? 11.328  -10.554 1.316   1.00 13.32 ? 51  ALA A CB  1 
ATOM   387  N N   . ASN A 1 52 ? 13.646  -8.624  0.319   1.00 17.38 ? 52  ASN A N   1 
ATOM   388  C CA  . ASN A 1 52 ? 14.520  -8.146  -0.754  1.00 20.35 ? 52  ASN A CA  1 
ATOM   389  C C   . ASN A 1 52 ? 14.655  -9.193  -1.858  1.00 20.08 ? 52  ASN A C   1 
ATOM   390  O O   . ASN A 1 52 ? 15.192  -10.277 -1.637  1.00 21.70 ? 52  ASN A O   1 
ATOM   391  C CB  . ASN A 1 52 ? 15.908  -7.822  -0.193  1.00 22.55 ? 52  ASN A CB  1 
ATOM   392  C CG  . ASN A 1 52 ? 16.801  -7.115  -1.202  1.00 26.30 ? 52  ASN A CG  1 
ATOM   393  O OD1 . ASN A 1 52 ? 16.806  -7.444  -2.388  1.00 24.68 ? 52  ASN A OD1 1 
ATOM   394  N ND2 . ASN A 1 52 ? 17.573  -6.147  -0.725  1.00 27.79 ? 52  ASN A ND2 1 
ATOM   395  N N   . PRO A 1 53 ? 14.183  -8.870  -3.067  1.00 21.95 ? 53  PRO A N   1 
ATOM   396  C CA  . PRO A 1 53 ? 14.245  -9.780  -4.216  1.00 22.87 ? 53  PRO A CA  1 
ATOM   397  C C   . PRO A 1 53 ? 15.664  -10.117 -4.673  1.00 23.37 ? 53  PRO A C   1 
ATOM   398  O O   . PRO A 1 53 ? 15.857  -11.001 -5.505  1.00 24.27 ? 53  PRO A O   1 
ATOM   399  C CB  . PRO A 1 53 ? 13.450  -9.032  -5.285  1.00 24.09 ? 53  PRO A CB  1 
ATOM   400  C CG  . PRO A 1 53 ? 13.733  -7.600  -4.960  1.00 23.65 ? 53  PRO A CG  1 
ATOM   401  C CD  . PRO A 1 53 ? 13.597  -7.576  -3.455  1.00 22.13 ? 53  PRO A CD  1 
ATOM   402  N N   . GLU A 1 54 ? 16.653  -9.414  -4.129  1.00 24.07 ? 54  GLU A N   1 
ATOM   403  C CA  . GLU A 1 54 ? 18.045  -9.657  -4.491  1.00 26.41 ? 54  GLU A CA  1 
ATOM   404  C C   . GLU A 1 54 ? 18.670  -10.693 -3.564  1.00 26.95 ? 54  GLU A C   1 
ATOM   405  O O   . GLU A 1 54 ? 19.788  -11.151 -3.800  1.00 26.93 ? 54  GLU A O   1 
ATOM   406  C CB  . GLU A 1 54 ? 18.843  -8.354  -4.437  1.00 26.70 ? 54  GLU A CB  1 
ATOM   407  N N   . LYS A 1 55 ? 17.949  -11.053 -2.507  1.00 26.18 ? 55  LYS A N   1 
ATOM   408  C CA  . LYS A 1 55 ? 18.432  -12.044 -1.553  1.00 25.33 ? 55  LYS A CA  1 
ATOM   409  C C   . LYS A 1 55 ? 18.249  -13.450 -2.102  1.00 24.56 ? 55  LYS A C   1 
ATOM   410  O O   . LYS A 1 55 ? 17.224  -13.765 -2.711  1.00 23.39 ? 55  LYS A O   1 
ATOM   411  C CB  . LYS A 1 55 ? 17.688  -11.912 -0.223  1.00 28.23 ? 55  LYS A CB  1 
ATOM   412  C CG  . LYS A 1 55 ? 18.159  -10.763 0.648   1.00 30.06 ? 55  LYS A CG  1 
ATOM   413  C CD  . LYS A 1 55 ? 19.565  -11.014 1.171   1.00 33.57 ? 55  LYS A CD  1 
ATOM   414  C CE  . LYS A 1 55 ? 19.995  -9.919  2.134   1.00 35.00 ? 55  LYS A CE  1 
ATOM   415  N NZ  . LYS A 1 55 ? 21.344  -10.180 2.709   1.00 36.36 ? 55  LYS A NZ  1 
ATOM   416  N N   . LYS A 1 56 ? 19.245  -14.298 -1.877  1.00 23.59 ? 56  LYS A N   1 
ATOM   417  C CA  . LYS A 1 56 ? 19.200  -15.669 -2.357  1.00 23.53 ? 56  LYS A CA  1 
ATOM   418  C C   . LYS A 1 56 ? 17.995  -16.448 -1.828  1.00 21.41 ? 56  LYS A C   1 
ATOM   419  O O   . LYS A 1 56 ? 17.296  -17.110 -2.599  1.00 20.15 ? 56  LYS A O   1 
ATOM   420  C CB  . LYS A 1 56 ? 20.498  -16.392 -1.983  1.00 25.84 ? 56  LYS A CB  1 
ATOM   421  C CG  . LYS A 1 56 ? 20.572  -17.844 -2.435  1.00 29.99 ? 56  LYS A CG  1 
ATOM   422  C CD  . LYS A 1 56 ? 21.978  -18.399 -2.224  1.00 34.15 ? 56  LYS A CD  1 
ATOM   423  C CE  . LYS A 1 56 ? 22.035  -19.908 -2.411  1.00 36.21 ? 56  LYS A CE  1 
ATOM   424  N NZ  . LYS A 1 56 ? 21.278  -20.627 -1.348  1.00 39.39 ? 56  LYS A NZ  1 
ATOM   425  N N   . TRP A 1 57 ? 17.736  -16.372 -0.526  1.00 19.23 ? 57  TRP A N   1 
ATOM   426  C CA  . TRP A 1 57 ? 16.605  -17.112 0.021   1.00 18.99 ? 57  TRP A CA  1 
ATOM   427  C C   . TRP A 1 57 ? 15.278  -16.620 -0.558  1.00 17.20 ? 57  TRP A C   1 
ATOM   428  O O   . TRP A 1 57 ? 14.347  -17.402 -0.750  1.00 17.23 ? 57  TRP A O   1 
ATOM   429  C CB  . TRP A 1 57 ? 16.580  -17.040 1.556   1.00 19.56 ? 57  TRP A CB  1 
ATOM   430  C CG  . TRP A 1 57 ? 16.253  -15.696 2.149   1.00 19.11 ? 57  TRP A CG  1 
ATOM   431  C CD1 . TRP A 1 57 ? 17.134  -14.721 2.520   1.00 20.52 ? 57  TRP A CD1 1 
ATOM   432  C CD2 . TRP A 1 57 ? 14.948  -15.199 2.473   1.00 20.06 ? 57  TRP A CD2 1 
ATOM   433  N NE1 . TRP A 1 57 ? 16.459  -13.651 3.060   1.00 19.26 ? 57  TRP A NE1 1 
ATOM   434  C CE2 . TRP A 1 57 ? 15.115  -13.921 3.041   1.00 19.83 ? 57  TRP A CE2 1 
ATOM   435  C CE3 . TRP A 1 57 ? 13.652  -15.714 2.338   1.00 20.00 ? 57  TRP A CE3 1 
ATOM   436  C CZ2 . TRP A 1 57 ? 14.036  -13.147 3.477   1.00 20.60 ? 57  TRP A CZ2 1 
ATOM   437  C CZ3 . TRP A 1 57 ? 12.583  -14.946 2.770   1.00 21.28 ? 57  TRP A CZ3 1 
ATOM   438  C CH2 . TRP A 1 57 ? 12.782  -13.675 3.332   1.00 21.47 ? 57  TRP A CH2 1 
ATOM   439  N N   . VAL A 1 58 ? 15.192  -15.328 -0.853  1.00 16.71 ? 58  VAL A N   1 
ATOM   440  C CA  . VAL A 1 58 ? 13.969  -14.781 -1.418  1.00 16.28 ? 58  VAL A CA  1 
ATOM   441  C C   . VAL A 1 58 ? 13.704  -15.384 -2.788  1.00 16.93 ? 58  VAL A C   1 
ATOM   442  O O   . VAL A 1 58 ? 12.583  -15.801 -3.081  1.00 16.18 ? 58  VAL A O   1 
ATOM   443  C CB  . VAL A 1 58 ? 14.040  -13.248 -1.540  1.00 16.96 ? 58  VAL A CB  1 
ATOM   444  C CG1 . VAL A 1 58 ? 12.798  -12.723 -2.249  1.00 14.65 ? 58  VAL A CG1 1 
ATOM   445  C CG2 . VAL A 1 58 ? 14.153  -12.632 -0.154  1.00 18.12 ? 58  VAL A CG2 1 
ATOM   446  N N   . ARG A 1 59 ? 14.736  -15.442 -3.625  1.00 17.76 ? 59  ARG A N   1 
ATOM   447  C CA  . ARG A 1 59 ? 14.588  -16.016 -4.960  1.00 18.85 ? 59  ARG A CA  1 
ATOM   448  C C   . ARG A 1 59 ? 14.228  -17.495 -4.892  1.00 17.79 ? 59  ARG A C   1 
ATOM   449  O O   . ARG A 1 59 ? 13.414  -17.974 -5.679  1.00 17.44 ? 59  ARG A O   1 
ATOM   450  C CB  . ARG A 1 59 ? 15.876  -15.852 -5.778  1.00 21.42 ? 59  ARG A CB  1 
ATOM   451  C CG  . ARG A 1 59 ? 16.232  -14.408 -6.103  1.00 29.35 ? 59  ARG A CG  1 
ATOM   452  C CD  . ARG A 1 59 ? 17.335  -14.339 -7.156  1.00 32.78 ? 59  ARG A CD  1 
ATOM   453  N NE  . ARG A 1 59 ? 18.613  -14.836 -6.656  1.00 37.63 ? 59  ARG A NE  1 
ATOM   454  C CZ  . ARG A 1 59 ? 19.382  -14.174 -5.798  1.00 39.25 ? 59  ARG A CZ  1 
ATOM   455  N NH1 . ARG A 1 59 ? 19.001  -12.987 -5.347  1.00 39.97 ? 59  ARG A NH1 1 
ATOM   456  N NH2 . ARG A 1 59 ? 20.530  -14.696 -5.389  1.00 40.81 ? 59  ARG A NH2 1 
ATOM   457  N N   . GLU A 1 60 ? 14.840  -18.219 -3.960  1.00 18.49 ? 60  GLU A N   1 
ATOM   458  C CA  . GLU A 1 60 ? 14.563  -19.647 -3.817  1.00 20.72 ? 60  GLU A CA  1 
ATOM   459  C C   . GLU A 1 60 ? 13.114  -19.863 -3.368  1.00 19.68 ? 60  GLU A C   1 
ATOM   460  O O   . GLU A 1 60 ? 12.417  -20.727 -3.901  1.00 20.39 ? 60  GLU A O   1 
ATOM   461  C CB  . GLU A 1 60 ? 15.544  -20.284 -2.819  1.00 22.40 ? 60  GLU A CB  1 
ATOM   462  C CG  . GLU A 1 60 ? 17.014  -20.063 -3.191  1.00 25.17 ? 60  GLU A CG  1 
ATOM   463  C CD  . GLU A 1 60 ? 17.990  -20.790 -2.274  1.00 28.69 ? 60  GLU A CD  1 
ATOM   464  O OE1 . GLU A 1 60 ? 17.773  -20.795 -1.042  1.00 28.65 ? 60  GLU A OE1 1 
ATOM   465  O OE2 . GLU A 1 60 ? 18.987  -21.343 -2.786  1.00 28.05 ? 60  GLU A OE2 1 
ATOM   466  N N   . TYR A 1 61 ? 12.662  -19.077 -2.396  1.00 19.48 ? 61  TYR A N   1 
ATOM   467  C CA  . TYR A 1 61 ? 11.284  -19.191 -1.919  1.00 16.92 ? 61  TYR A CA  1 
ATOM   468  C C   . TYR A 1 61 ? 10.320  -18.965 -3.081  1.00 16.09 ? 61  TYR A C   1 
ATOM   469  O O   . TYR A 1 61 ? 9.323   -19.676 -3.226  1.00 13.83 ? 61  TYR A O   1 
ATOM   470  C CB  . TYR A 1 61 ? 11.020  -18.167 -0.808  1.00 16.78 ? 61  TYR A CB  1 
ATOM   471  C CG  . TYR A 1 61 ? 11.477  -18.608 0.567   1.00 16.48 ? 61  TYR A CG  1 
ATOM   472  C CD1 . TYR A 1 61 ? 12.487  -19.550 0.723   1.00 16.47 ? 61  TYR A CD1 1 
ATOM   473  C CD2 . TYR A 1 61 ? 10.904  -18.069 1.712   1.00 14.11 ? 61  TYR A CD2 1 
ATOM   474  C CE1 . TYR A 1 61 ? 12.910  -19.944 1.983   1.00 17.42 ? 61  TYR A CE1 1 
ATOM   475  C CE2 . TYR A 1 61 ? 11.323  -18.453 2.972   1.00 17.05 ? 61  TYR A CE2 1 
ATOM   476  C CZ  . TYR A 1 61 ? 12.323  -19.390 3.102   1.00 15.88 ? 61  TYR A CZ  1 
ATOM   477  O OH  . TYR A 1 61 ? 12.726  -19.778 4.354   1.00 19.61 ? 61  TYR A OH  1 
ATOM   478  N N   . ILE A 1 62 ? 10.617  -17.970 -3.914  1.00 16.45 ? 62  ILE A N   1 
ATOM   479  C CA  . ILE A 1 62 ? 9.771   -17.679 -5.067  1.00 16.00 ? 62  ILE A CA  1 
ATOM   480  C C   . ILE A 1 62 ? 9.746   -18.880 -6.007  1.00 17.41 ? 62  ILE A C   1 
ATOM   481  O O   . ILE A 1 62 ? 8.681   -19.321 -6.448  1.00 16.22 ? 62  ILE A O   1 
ATOM   482  C CB  . ILE A 1 62 ? 10.289  -16.443 -5.839  1.00 18.47 ? 62  ILE A CB  1 
ATOM   483  C CG1 . ILE A 1 62 ? 10.003  -15.174 -5.030  1.00 17.45 ? 62  ILE A CG1 1 
ATOM   484  C CG2 . ILE A 1 62 ? 9.644   -16.377 -7.220  1.00 19.09 ? 62  ILE A CG2 1 
ATOM   485  C CD1 . ILE A 1 62 ? 10.598  -13.923 -5.629  1.00 19.09 ? 62  ILE A CD1 1 
ATOM   486  N N   . ASN A 1 63 ? 10.928  -19.405 -6.313  1.00 17.54 ? 63  ASN A N   1 
ATOM   487  C CA  . ASN A 1 63 ? 11.044  -20.563 -7.191  1.00 17.83 ? 63  ASN A CA  1 
ATOM   488  C C   . ASN A 1 63 ? 10.238  -21.726 -6.604  1.00 19.04 ? 63  ASN A C   1 
ATOM   489  O O   . ASN A 1 63 ? 9.548   -22.451 -7.324  1.00 18.25 ? 63  ASN A O   1 
ATOM   490  C CB  . ASN A 1 63 ? 12.518  -20.961 -7.331  1.00 18.72 ? 63  ASN A CB  1 
ATOM   491  C CG  . ASN A 1 63 ? 13.323  -19.959 -8.151  1.00 20.10 ? 63  ASN A CG  1 
ATOM   492  O OD1 . ASN A 1 63 ? 14.554  -20.015 -8.182  1.00 21.27 ? 63  ASN A OD1 1 
ATOM   493  N ND2 . ASN A 1 63 ? 12.631  -19.049 -8.829  1.00 16.73 ? 63  ASN A ND2 1 
ATOM   494  N N   . SER A 1 64 ? 10.317  -21.891 -5.290  1.00 18.27 ? 64  SER A N   1 
ATOM   495  C CA  . SER A 1 64 ? 9.589   -22.962 -4.626  1.00 19.61 ? 64  SER A CA  1 
ATOM   496  C C   . SER A 1 64 ? 8.085   -22.729 -4.747  1.00 19.89 ? 64  SER A C   1 
ATOM   497  O O   . SER A 1 64 ? 7.340   -23.619 -5.160  1.00 19.59 ? 64  SER A O   1 
ATOM   498  C CB  . SER A 1 64 ? 9.994   -23.040 -3.152  1.00 18.13 ? 64  SER A CB  1 
ATOM   499  O OG  . SER A 1 64 ? 9.256   -24.041 -2.472  1.00 20.13 ? 64  SER A OG  1 
ATOM   500  N N   . LEU A 1 65 ? 7.646   -21.521 -4.397  1.00 19.43 ? 65  LEU A N   1 
ATOM   501  C CA  . LEU A 1 65 ? 6.232   -21.167 -4.461  1.00 21.35 ? 65  LEU A CA  1 
ATOM   502  C C   . LEU A 1 65 ? 5.640   -21.353 -5.853  1.00 23.77 ? 65  LEU A C   1 
ATOM   503  O O   . LEU A 1 65 ? 4.475   -21.728 -5.995  1.00 23.52 ? 65  LEU A O   1 
ATOM   504  C CB  . LEU A 1 65 ? 6.030   -19.717 -4.004  1.00 18.68 ? 65  LEU A CB  1 
ATOM   505  C CG  . LEU A 1 65 ? 6.225   -19.472 -2.503  1.00 17.31 ? 65  LEU A CG  1 
ATOM   506  C CD1 . LEU A 1 65 ? 6.278   -17.981 -2.206  1.00 16.06 ? 65  LEU A CD1 1 
ATOM   507  C CD2 . LEU A 1 65 ? 5.083   -20.133 -1.741  1.00 16.13 ? 65  LEU A CD2 1 
ATOM   508  N N   . GLU A 1 66 ? 6.442   -21.097 -6.882  1.00 26.02 ? 66  GLU A N   1 
ATOM   509  C CA  . GLU A 1 66 ? 5.965   -21.237 -8.249  1.00 30.20 ? 66  GLU A CA  1 
ATOM   510  C C   . GLU A 1 66 ? 5.782   -22.698 -8.639  1.00 31.22 ? 66  GLU A C   1 
ATOM   511  O O   . GLU A 1 66 ? 5.188   -23.001 -9.670  1.00 30.44 ? 66  GLU A O   1 
ATOM   512  C CB  . GLU A 1 66 ? 6.931   -20.551 -9.217  1.00 32.16 ? 66  GLU A CB  1 
ATOM   513  C CG  . GLU A 1 66 ? 7.095   -19.058 -8.962  1.00 37.68 ? 66  GLU A CG  1 
ATOM   514  C CD  . GLU A 1 66 ? 5.797   -18.284 -9.117  1.00 41.84 ? 66  GLU A CD  1 
ATOM   515  O OE1 . GLU A 1 66 ? 4.808   -18.633 -8.439  1.00 45.16 ? 66  GLU A OE1 1 
ATOM   516  O OE2 . GLU A 1 66 ? 5.764   -17.322 -9.913  1.00 43.81 ? 66  GLU A OE2 1 
ATOM   517  N N   . MET A 1 67 ? 6.293   -23.602 -7.810  1.00 34.85 ? 67  MET A N   1 
ATOM   518  C CA  . MET A 1 67 ? 6.171   -25.032 -8.074  1.00 38.73 ? 67  MET A CA  1 
ATOM   519  C C   . MET A 1 67 ? 4.925   -25.594 -7.413  1.00 41.06 ? 67  MET A C   1 
ATOM   520  O O   . MET A 1 67 ? 4.222   -26.421 -7.989  1.00 44.06 ? 67  MET A O   1 
ATOM   521  C CB  . MET A 1 67 ? 7.398   -25.782 -7.553  1.00 38.25 ? 67  MET A CB  1 
ATOM   522  C CG  . MET A 1 67 ? 8.616   -25.669 -8.440  1.00 37.17 ? 67  MET A CG  1 
ATOM   523  S SD  . MET A 1 67 ? 8.284   -26.258 -10.115 1.00 38.51 ? 67  MET A SD  1 
ATOM   524  C CE  . MET A 1 67 ? 9.516   -25.332 -11.024 1.00 33.65 ? 67  MET A CE  1 
ATOM   525  N N   . SER A 1 68 ? 4.657   -25.134 -6.196  1.00 43.78 ? 68  SER A N   1 
ATOM   526  C CA  . SER A 1 68 ? 3.502   -25.587 -5.434  1.00 45.60 ? 68  SER A CA  1 
ATOM   527  C C   . SER A 1 68 ? 2.191   -25.294 -6.158  1.00 47.01 ? 68  SER A C   1 
ATOM   528  O O   . SER A 1 68 ? 2.235   -24.688 -7.252  1.00 48.17 ? 68  SER A O   1 
ATOM   529  C CB  . SER A 1 68 ? 3.496   -24.910 -4.064  1.00 45.55 ? 68  SER A CB  1 
ATOM   530  O OG  . SER A 1 68 ? 4.738   -25.100 -3.408  1.00 45.89 ? 68  SER A OG  1 
ATOM   531  O OXT . SER A 1 68 ? 1.131   -25.678 -5.618  1.00 48.22 ? 68  SER A OXT 1 
ATOM   532  N N   . SER B 1 4  ? 9.336   -0.745  9.561   1.00 37.94 ? 4   SER B N   1 
ATOM   533  C CA  . SER B 1 4  ? 9.054   -2.210  9.633   1.00 38.77 ? 4   SER B CA  1 
ATOM   534  C C   . SER B 1 4  ? 8.972   -2.790  8.228   1.00 37.67 ? 4   SER B C   1 
ATOM   535  O O   . SER B 1 4  ? 8.863   -2.051  7.250   1.00 37.61 ? 4   SER B O   1 
ATOM   536  C CB  . SER B 1 4  ? 7.732   -2.465  10.363  1.00 39.09 ? 4   SER B CB  1 
ATOM   537  O OG  . SER B 1 4  ? 6.627   -2.067  9.569   1.00 41.22 ? 4   SER B OG  1 
ATOM   538  N N   . SER B 1 5  ? 9.015   -4.116  8.132   1.00 36.11 ? 5   SER B N   1 
ATOM   539  C CA  . SER B 1 5  ? 8.951   -4.785  6.838   1.00 33.88 ? 5   SER B CA  1 
ATOM   540  C C   . SER B 1 5  ? 7.517   -5.024  6.364   1.00 32.46 ? 5   SER B C   1 
ATOM   541  O O   . SER B 1 5  ? 7.280   -5.801  5.442   1.00 32.08 ? 5   SER B O   1 
ATOM   542  C CB  . SER B 1 5  ? 9.714   -6.112  6.899   1.00 34.29 ? 5   SER B CB  1 
ATOM   543  O OG  . SER B 1 5  ? 9.274   -6.904  7.986   1.00 37.54 ? 5   SER B OG  1 
ATOM   544  N N   . ASP B 1 6  ? 6.559   -4.359  7.001   1.00 30.41 ? 6   ASP B N   1 
ATOM   545  C CA  . ASP B 1 6  ? 5.158   -4.492  6.615   1.00 27.43 ? 6   ASP B CA  1 
ATOM   546  C C   . ASP B 1 6  ? 4.947   -3.525  5.452   1.00 22.91 ? 6   ASP B C   1 
ATOM   547  O O   . ASP B 1 6  ? 5.752   -2.617  5.271   1.00 18.49 ? 6   ASP B O   1 
ATOM   548  C CB  . ASP B 1 6  ? 4.250   -4.090  7.774   1.00 33.10 ? 6   ASP B CB  1 
ATOM   549  C CG  . ASP B 1 6  ? 2.926   -4.813  7.746   1.00 36.26 ? 6   ASP B CG  1 
ATOM   550  O OD1 . ASP B 1 6  ? 2.474   -5.167  6.638   1.00 38.69 ? 6   ASP B OD1 1 
ATOM   551  O OD2 . ASP B 1 6  ? 2.335   -5.020  8.826   1.00 39.40 ? 6   ASP B OD2 1 
ATOM   552  N N   . THR B 1 7  ? 3.884   -3.706  4.670   1.00 19.14 ? 7   THR B N   1 
ATOM   553  C CA  . THR B 1 7  ? 3.634   -2.809  3.543   1.00 17.21 ? 7   THR B CA  1 
ATOM   554  C C   . THR B 1 7  ? 3.026   -1.489  4.007   1.00 17.10 ? 7   THR B C   1 
ATOM   555  O O   . THR B 1 7  ? 2.479   -1.396  5.105   1.00 15.84 ? 7   THR B O   1 
ATOM   556  C CB  . THR B 1 7  ? 2.688   -3.432  2.492   1.00 17.41 ? 7   THR B CB  1 
ATOM   557  O OG1 . THR B 1 7  ? 1.367   -3.551  3.037   1.00 16.63 ? 7   THR B OG1 1 
ATOM   558  C CG2 . THR B 1 7  ? 3.199   -4.810  2.065   1.00 16.95 ? 7   THR B CG2 1 
ATOM   559  N N   . THR B 1 8  ? 3.134   -0.476  3.152   1.00 14.80 ? 8   THR B N   1 
ATOM   560  C CA  . THR B 1 8  ? 2.627   0.863   3.424   1.00 14.63 ? 8   THR B CA  1 
ATOM   561  C C   . THR B 1 8  ? 1.860   1.328   2.191   1.00 14.11 ? 8   THR B C   1 
ATOM   562  O O   . THR B 1 8  ? 2.352   1.217   1.070   1.00 13.75 ? 8   THR B O   1 
ATOM   563  C CB  . THR B 1 8  ? 3.790   1.843   3.661   1.00 18.38 ? 8   THR B CB  1 
ATOM   564  O OG1 . THR B 1 8  ? 4.503   1.461   4.842   1.00 19.16 ? 8   THR B OG1 1 
ATOM   565  C CG2 . THR B 1 8  ? 3.276   3.277   3.804   1.00 20.64 ? 8   THR B CG2 1 
ATOM   566  N N   . PRO B 1 9  ? 0.642   1.850   2.378   1.00 14.16 ? 9   PRO B N   1 
ATOM   567  C CA  . PRO B 1 9  ? -0.107  2.302   1.206   1.00 12.02 ? 9   PRO B CA  1 
ATOM   568  C C   . PRO B 1 9  ? 0.413   3.639   0.685   1.00 12.49 ? 9   PRO B C   1 
ATOM   569  O O   . PRO B 1 9  ? 0.594   4.586   1.452   1.00 10.48 ? 9   PRO B O   1 
ATOM   570  C CB  . PRO B 1 9  ? -1.536  2.396   1.734   1.00 12.31 ? 9   PRO B CB  1 
ATOM   571  C CG  . PRO B 1 9  ? -1.316  2.839   3.160   1.00 15.89 ? 9   PRO B CG  1 
ATOM   572  C CD  . PRO B 1 9  ? -0.172  1.957   3.605   1.00 12.58 ? 9   PRO B CD  1 
ATOM   573  N N   . CYS B 1 10 ? 0.675   3.702   -0.617  1.00 9.91  ? 10  CYS B N   1 
ATOM   574  C CA  . CYS B 1 10 ? 1.145   4.931   -1.238  1.00 10.69 ? 10  CYS B CA  1 
ATOM   575  C C   . CYS B 1 10 ? 0.228   5.277   -2.409  1.00 10.89 ? 10  CYS B C   1 
ATOM   576  O O   . CYS B 1 10 ? -0.516  4.431   -2.890  1.00 10.06 ? 10  CYS B O   1 
ATOM   577  C CB  . CYS B 1 10 ? 2.585   4.782   -1.734  1.00 11.41 ? 10  CYS B CB  1 
ATOM   578  S SG  . CYS B 1 10 ? 3.871   4.697   -0.442  1.00 11.42 ? 10  CYS B SG  1 
ATOM   579  N N   . CYS B 1 11 ? 0.294   6.526   -2.861  1.00 10.18 ? 11  CYS B N   1 
ATOM   580  C CA  . CYS B 1 11 ? -0.532  7.000   -3.961  1.00 10.56 ? 11  CYS B CA  1 
ATOM   581  C C   . CYS B 1 11 ? 0.279   7.406   -5.182  1.00 11.80 ? 11  CYS B C   1 
ATOM   582  O O   . CYS B 1 11 ? 1.299   8.086   -5.059  1.00 11.40 ? 11  CYS B O   1 
ATOM   583  C CB  . CYS B 1 11 ? -1.355  8.196   -3.505  1.00 10.15 ? 11  CYS B CB  1 
ATOM   584  S SG  . CYS B 1 11 ? -2.660  7.788   -2.310  1.00 10.74 ? 11  CYS B SG  1 
ATOM   585  N N   . PHE B 1 12 ? -0.181  7.000   -6.361  1.00 11.51 ? 12  PHE B N   1 
ATOM   586  C CA  . PHE B 1 12 ? 0.518   7.350   -7.589  1.00 12.93 ? 12  PHE B CA  1 
ATOM   587  C C   . PHE B 1 12 ? -0.379  8.073   -8.583  1.00 15.08 ? 12  PHE B C   1 
ATOM   588  O O   . PHE B 1 12 ? 0.037   8.392   -9.697  1.00 15.77 ? 12  PHE B O   1 
ATOM   589  C CB  . PHE B 1 12 ? 1.139   6.099   -8.211  1.00 13.41 ? 12  PHE B CB  1 
ATOM   590  C CG  . PHE B 1 12 ? 2.142   5.436   -7.318  1.00 11.09 ? 12  PHE B CG  1 
ATOM   591  C CD1 . PHE B 1 12 ? 3.387   6.013   -7.115  1.00 13.91 ? 12  PHE B CD1 1 
ATOM   592  C CD2 . PHE B 1 12 ? 1.815   4.290   -6.613  1.00 9.66  ? 12  PHE B CD2 1 
ATOM   593  C CE1 . PHE B 1 12 ? 4.292   5.460   -6.217  1.00 12.13 ? 12  PHE B CE1 1 
ATOM   594  C CE2 . PHE B 1 12 ? 2.713   3.729   -5.713  1.00 12.27 ? 12  PHE B CE2 1 
ATOM   595  C CZ  . PHE B 1 12 ? 3.950   4.315   -5.514  1.00 12.88 ? 12  PHE B CZ  1 
ATOM   596  N N   . ALA B 1 13 ? -1.612  8.337   -8.161  1.00 15.30 ? 13  ALA B N   1 
ATOM   597  C CA  . ALA B 1 13 ? -2.589  9.057   -8.974  1.00 15.83 ? 13  ALA B CA  1 
ATOM   598  C C   . ALA B 1 13 ? -3.658  9.603   -8.036  1.00 16.23 ? 13  ALA B C   1 
ATOM   599  O O   . ALA B 1 13 ? -3.937  9.007   -6.996  1.00 15.26 ? 13  ALA B O   1 
ATOM   600  C CB  . ALA B 1 13 ? -3.220  8.125   -10.004 1.00 17.80 ? 13  ALA B CB  1 
ATOM   601  N N   . TYR B 1 14 ? -4.243  10.744  -8.394  1.00 16.12 ? 14  TYR B N   1 
ATOM   602  C CA  . TYR B 1 14 ? -5.292  11.355  -7.583  1.00 18.31 ? 14  TYR B CA  1 
ATOM   603  C C   . TYR B 1 14 ? -6.622  11.230  -8.315  1.00 20.21 ? 14  TYR B C   1 
ATOM   604  O O   . TYR B 1 14 ? -6.672  11.323  -9.544  1.00 20.99 ? 14  TYR B O   1 
ATOM   605  C CB  . TYR B 1 14 ? -4.997  12.838  -7.341  1.00 16.68 ? 14  TYR B CB  1 
ATOM   606  C CG  . TYR B 1 14 ? -3.675  13.118  -6.660  1.00 16.20 ? 14  TYR B CG  1 
ATOM   607  C CD1 . TYR B 1 14 ? -3.407  12.640  -5.384  1.00 15.12 ? 14  TYR B CD1 1 
ATOM   608  C CD2 . TYR B 1 14 ? -2.694  13.869  -7.298  1.00 16.47 ? 14  TYR B CD2 1 
ATOM   609  C CE1 . TYR B 1 14 ? -2.199  12.900  -4.762  1.00 14.00 ? 14  TYR B CE1 1 
ATOM   610  C CE2 . TYR B 1 14 ? -1.490  14.135  -6.687  1.00 18.42 ? 14  TYR B CE2 1 
ATOM   611  C CZ  . TYR B 1 14 ? -1.245  13.649  -5.420  1.00 17.23 ? 14  TYR B CZ  1 
ATOM   612  O OH  . TYR B 1 14 ? -0.040  13.918  -4.817  1.00 17.96 ? 14  TYR B OH  1 
ATOM   613  N N   . ILE B 1 15 ? -7.703  11.007  -7.575  1.00 18.32 ? 15  ILE B N   1 
ATOM   614  C CA  . ILE B 1 15 ? -8.996  10.900  -8.226  1.00 18.97 ? 15  ILE B CA  1 
ATOM   615  C C   . ILE B 1 15 ? -9.281  12.248  -8.892  1.00 19.36 ? 15  ILE B C   1 
ATOM   616  O O   . ILE B 1 15 ? -9.053  13.301  -8.306  1.00 15.03 ? 15  ILE B O   1 
ATOM   617  C CB  . ILE B 1 15 ? -10.110 10.547  -7.227  1.00 18.56 ? 15  ILE B CB  1 
ATOM   618  C CG1 . ILE B 1 15 ? -11.424 10.370  -7.986  1.00 19.82 ? 15  ILE B CG1 1 
ATOM   619  C CG2 . ILE B 1 15 ? -10.220 11.627  -6.157  1.00 18.49 ? 15  ILE B CG2 1 
ATOM   620  C CD1 . ILE B 1 15 ? -12.507 9.705   -7.195  1.00 22.95 ? 15  ILE B CD1 1 
ATOM   621  N N   . ALA B 1 16 ? -9.766  12.202  -10.126 1.00 22.34 ? 16  ALA B N   1 
ATOM   622  C CA  . ALA B 1 16 ? -10.041 13.406  -10.904 1.00 24.71 ? 16  ALA B CA  1 
ATOM   623  C C   . ALA B 1 16 ? -11.180 14.280  -10.387 1.00 25.60 ? 16  ALA B C   1 
ATOM   624  O O   . ALA B 1 16 ? -11.039 15.498  -10.287 1.00 28.04 ? 16  ALA B O   1 
ATOM   625  C CB  . ALA B 1 16 ? -10.306 13.021  -12.359 1.00 26.44 ? 16  ALA B CB  1 
ATOM   626  N N   . ARG B 1 17 ? -12.311 13.665  -10.067 1.00 24.52 ? 17  ARG B N   1 
ATOM   627  C CA  . ARG B 1 17 ? -13.457 14.420  -9.586  1.00 24.18 ? 17  ARG B CA  1 
ATOM   628  C C   . ARG B 1 17 ? -13.724 14.155  -8.112  1.00 23.46 ? 17  ARG B C   1 
ATOM   629  O O   . ARG B 1 17 ? -13.410 13.085  -7.594  1.00 24.03 ? 17  ARG B O   1 
ATOM   630  C CB  . ARG B 1 17 ? -14.694 14.074  -10.416 1.00 22.92 ? 17  ARG B CB  1 
ATOM   631  N N   . PRO B 1 18 ? -14.310 15.138  -7.417  1.00 23.92 ? 18  PRO B N   1 
ATOM   632  C CA  . PRO B 1 18 ? -14.627 15.021  -5.992  1.00 22.89 ? 18  PRO B CA  1 
ATOM   633  C C   . PRO B 1 18 ? -15.472 13.787  -5.691  1.00 22.94 ? 18  PRO B C   1 
ATOM   634  O O   . PRO B 1 18 ? -16.434 13.496  -6.401  1.00 22.43 ? 18  PRO B O   1 
ATOM   635  C CB  . PRO B 1 18 ? -15.390 16.314  -5.704  1.00 23.18 ? 18  PRO B CB  1 
ATOM   636  C CG  . PRO B 1 18 ? -14.782 17.286  -6.661  1.00 22.76 ? 18  PRO B CG  1 
ATOM   637  C CD  . PRO B 1 18 ? -14.684 16.467  -7.933  1.00 23.99 ? 18  PRO B CD  1 
ATOM   638  N N   . LEU B 1 19 ? -15.103 13.055  -4.647  1.00 21.94 ? 19  LEU B N   1 
ATOM   639  C CA  . LEU B 1 19 ? -15.866 11.877  -4.247  1.00 22.83 ? 19  LEU B CA  1 
ATOM   640  C C   . LEU B 1 19 ? -17.109 12.372  -3.536  1.00 21.15 ? 19  LEU B C   1 
ATOM   641  O O   . LEU B 1 19 ? -17.137 13.494  -3.040  1.00 19.10 ? 19  LEU B O   1 
ATOM   642  C CB  . LEU B 1 19 ? -15.086 11.021  -3.247  1.00 26.05 ? 19  LEU B CB  1 
ATOM   643  C CG  . LEU B 1 19 ? -13.902 10.167  -3.683  1.00 28.69 ? 19  LEU B CG  1 
ATOM   644  C CD1 . LEU B 1 19 ? -14.380 9.104   -4.655  1.00 30.39 ? 19  LEU B CD1 1 
ATOM   645  C CD2 . LEU B 1 19 ? -12.834 11.052  -4.294  1.00 32.54 ? 19  LEU B CD2 1 
ATOM   646  N N   . PRO B 1 20 ? -18.163 11.550  -3.495  1.00 20.91 ? 20  PRO B N   1 
ATOM   647  C CA  . PRO B 1 20 ? -19.377 11.988  -2.801  1.00 21.66 ? 20  PRO B CA  1 
ATOM   648  C C   . PRO B 1 20 ? -19.022 12.026  -1.312  1.00 20.27 ? 20  PRO B C   1 
ATOM   649  O O   . PRO B 1 20 ? -18.451 11.069  -0.785  1.00 18.00 ? 20  PRO B O   1 
ATOM   650  C CB  . PRO B 1 20 ? -20.378 10.885  -3.133  1.00 22.36 ? 20  PRO B CB  1 
ATOM   651  C CG  . PRO B 1 20 ? -19.912 10.405  -4.484  1.00 23.70 ? 20  PRO B CG  1 
ATOM   652  C CD  . PRO B 1 20 ? -18.416 10.345  -4.299  1.00 22.28 ? 20  PRO B CD  1 
ATOM   653  N N   . ARG B 1 21 ? -19.344 13.125  -0.638  1.00 18.50 ? 21  ARG B N   1 
ATOM   654  C CA  . ARG B 1 21 ? -19.028 13.264  0.780   1.00 17.42 ? 21  ARG B CA  1 
ATOM   655  C C   . ARG B 1 21 ? -19.757 12.267  1.670   1.00 17.48 ? 21  ARG B C   1 
ATOM   656  O O   . ARG B 1 21 ? -19.221 11.814  2.680   1.00 16.60 ? 21  ARG B O   1 
ATOM   657  C CB  . ARG B 1 21 ? -19.359 14.682  1.257   1.00 16.84 ? 21  ARG B CB  1 
ATOM   658  C CG  . ARG B 1 21 ? -19.212 14.881  2.762   1.00 16.00 ? 21  ARG B CG  1 
ATOM   659  C CD  . ARG B 1 21 ? -17.751 14.817  3.195   1.00 16.53 ? 21  ARG B CD  1 
ATOM   660  N NE  . ARG B 1 21 ? -17.590 14.947  4.645   1.00 15.42 ? 21  ARG B NE  1 
ATOM   661  C CZ  . ARG B 1 21 ? -17.882 13.991  5.524   1.00 17.74 ? 21  ARG B CZ  1 
ATOM   662  N NH1 . ARG B 1 21 ? -18.354 12.822  5.109   1.00 19.55 ? 21  ARG B NH1 1 
ATOM   663  N NH2 . ARG B 1 21 ? -17.694 14.200  6.821   1.00 17.07 ? 21  ARG B NH2 1 
ATOM   664  N N   . ALA B 1 22 ? -20.981 11.931  1.285   1.00 18.97 ? 22  ALA B N   1 
ATOM   665  C CA  . ALA B 1 22 ? -21.824 11.025  2.056   1.00 21.05 ? 22  ALA B CA  1 
ATOM   666  C C   . ALA B 1 22 ? -21.261 9.645   2.377   1.00 22.82 ? 22  ALA B C   1 
ATOM   667  O O   . ALA B 1 22 ? -21.602 9.068   3.404   1.00 24.40 ? 22  ALA B O   1 
ATOM   668  C CB  . ALA B 1 22 ? -23.164 10.864  1.356   1.00 18.09 ? 22  ALA B CB  1 
ATOM   669  N N   . HIS B 1 23 ? -20.407 9.105   1.520   1.00 23.51 ? 23  HIS B N   1 
ATOM   670  C CA  . HIS B 1 23 ? -19.893 7.768   1.778   1.00 26.95 ? 23  HIS B CA  1 
ATOM   671  C C   . HIS B 1 23 ? -18.445 7.665   2.244   1.00 24.51 ? 23  HIS B C   1 
ATOM   672  O O   . HIS B 1 23 ? -17.813 6.622   2.102   1.00 25.64 ? 23  HIS B O   1 
ATOM   673  C CB  . HIS B 1 23 ? -20.131 6.904   0.543   1.00 30.90 ? 23  HIS B CB  1 
ATOM   674  C CG  . HIS B 1 23 ? -21.566 6.869   0.116   1.00 34.96 ? 23  HIS B CG  1 
ATOM   675  N ND1 . HIS B 1 23 ? -22.566 6.360   0.918   1.00 37.44 ? 23  HIS B ND1 1 
ATOM   676  C CD2 . HIS B 1 23 ? -22.175 7.323   -1.004  1.00 35.90 ? 23  HIS B CD2 1 
ATOM   677  C CE1 . HIS B 1 23 ? -23.730 6.504   0.310   1.00 37.45 ? 23  HIS B CE1 1 
ATOM   678  N NE2 . HIS B 1 23 ? -23.521 7.086   -0.858  1.00 38.67 ? 23  HIS B NE2 1 
ATOM   679  N N   . ILE B 1 24 ? -17.931 8.748   2.815   1.00 22.33 ? 24  ILE B N   1 
ATOM   680  C CA  . ILE B 1 24 ? -16.568 8.773   3.334   1.00 20.32 ? 24  ILE B CA  1 
ATOM   681  C C   . ILE B 1 24 ? -16.658 8.682   4.854   1.00 19.69 ? 24  ILE B C   1 
ATOM   682  O O   . ILE B 1 24 ? -17.334 9.494   5.480   1.00 21.18 ? 24  ILE B O   1 
ATOM   683  C CB  . ILE B 1 24 ? -15.849 10.086  2.954   1.00 16.85 ? 24  ILE B CB  1 
ATOM   684  C CG1 . ILE B 1 24 ? -15.658 10.159  1.438   1.00 17.81 ? 24  ILE B CG1 1 
ATOM   685  C CG2 . ILE B 1 24 ? -14.504 10.170  3.662   1.00 17.87 ? 24  ILE B CG2 1 
ATOM   686  C CD1 . ILE B 1 24 ? -14.996 11.451  0.973   1.00 17.75 ? 24  ILE B CD1 1 
ATOM   687  N N   . LYS B 1 25 ? -16.000 7.698   5.457   1.00 19.82 ? 25  LYS B N   1 
ATOM   688  C CA  . LYS B 1 25 ? -16.064 7.580   6.910   1.00 20.12 ? 25  LYS B CA  1 
ATOM   689  C C   . LYS B 1 25 ? -14.866 8.184   7.634   1.00 19.66 ? 25  LYS B C   1 
ATOM   690  O O   . LYS B 1 25 ? -14.973 8.581   8.793   1.00 19.29 ? 25  LYS B O   1 
ATOM   691  C CB  . LYS B 1 25 ? -16.271 6.120   7.333   1.00 22.41 ? 25  LYS B CB  1 
ATOM   692  C CG  . LYS B 1 25 ? -15.252 5.123   6.819   1.00 23.06 ? 25  LYS B CG  1 
ATOM   693  C CD  . LYS B 1 25 ? -15.637 3.731   7.299   1.00 22.47 ? 25  LYS B CD  1 
ATOM   694  C CE  . LYS B 1 25 ? -14.654 2.667   6.839   1.00 21.36 ? 25  LYS B CE  1 
ATOM   695  N NZ  . LYS B 1 25 ? -15.091 1.317   7.292   1.00 20.91 ? 25  LYS B NZ  1 
ATOM   696  N N   . GLU B 1 26 ? -13.727 8.263   6.953   1.00 18.93 ? 26  GLU B N   1 
ATOM   697  C CA  . GLU B 1 26 ? -12.538 8.855   7.555   1.00 17.91 ? 26  GLU B CA  1 
ATOM   698  C C   . GLU B 1 26 ? -11.486 9.150   6.495   1.00 17.18 ? 26  GLU B C   1 
ATOM   699  O O   . GLU B 1 26 ? -11.699 8.912   5.308   1.00 13.25 ? 26  GLU B O   1 
ATOM   700  C CB  . GLU B 1 26 ? -11.939 7.929   8.620   1.00 19.41 ? 26  GLU B CB  1 
ATOM   701  C CG  . GLU B 1 26 ? -11.255 6.693   8.057   1.00 18.58 ? 26  GLU B CG  1 
ATOM   702  C CD  . GLU B 1 26 ? -11.936 5.412   8.485   1.00 20.49 ? 26  GLU B CD  1 
ATOM   703  O OE1 . GLU B 1 26 ? -13.026 5.496   9.097   1.00 19.96 ? 26  GLU B OE1 1 
ATOM   704  O OE2 . GLU B 1 26 ? -11.386 4.326   8.205   1.00 17.87 ? 26  GLU B OE2 1 
ATOM   705  N N   . TYR B 1 27 ? -10.349 9.674   6.936   1.00 17.77 ? 27  TYR B N   1 
ATOM   706  C CA  . TYR B 1 27 ? -9.261  9.993   6.025   1.00 19.03 ? 27  TYR B CA  1 
ATOM   707  C C   . TYR B 1 27 ? -7.946  9.916   6.779   1.00 16.46 ? 27  TYR B C   1 
ATOM   708  O O   . TYR B 1 27 ? -7.920  9.918   8.009   1.00 16.64 ? 27  TYR B O   1 
ATOM   709  C CB  . TYR B 1 27 ? -9.428  11.412  5.477   1.00 18.23 ? 27  TYR B CB  1 
ATOM   710  C CG  . TYR B 1 27 ? -8.864  12.478  6.396   1.00 23.89 ? 27  TYR B CG  1 
ATOM   711  C CD1 . TYR B 1 27 ? -9.634  13.023  7.421   1.00 23.77 ? 27  TYR B CD1 1 
ATOM   712  C CD2 . TYR B 1 27 ? -7.548  12.912  6.264   1.00 24.04 ? 27  TYR B CD2 1 
ATOM   713  C CE1 . TYR B 1 27 ? -9.108  13.969  8.287   1.00 26.37 ? 27  TYR B CE1 1 
ATOM   714  C CE2 . TYR B 1 27 ? -7.016  13.854  7.124   1.00 26.86 ? 27  TYR B CE2 1 
ATOM   715  C CZ  . TYR B 1 27 ? -7.798  14.380  8.133   1.00 28.81 ? 27  TYR B CZ  1 
ATOM   716  O OH  . TYR B 1 27 ? -7.266  15.318  8.991   1.00 32.22 ? 27  TYR B OH  1 
ATOM   717  N N   . PHE B 1 28 ? -6.856  9.836   6.032   1.00 14.20 ? 28  PHE B N   1 
ATOM   718  C CA  . PHE B 1 28 ? -5.526  9.824   6.621   1.00 15.00 ? 28  PHE B CA  1 
ATOM   719  C C   . PHE B 1 28 ? -4.548  10.234  5.529   1.00 15.30 ? 28  PHE B C   1 
ATOM   720  O O   . PHE B 1 28 ? -4.866  10.149  4.340   1.00 13.40 ? 28  PHE B O   1 
ATOM   721  C CB  . PHE B 1 28 ? -5.178  8.442   7.225   1.00 12.07 ? 28  PHE B CB  1 
ATOM   722  C CG  . PHE B 1 28 ? -5.024  7.326   6.218   1.00 13.68 ? 28  PHE B CG  1 
ATOM   723  C CD1 . PHE B 1 28 ? -3.828  7.142   5.537   1.00 13.76 ? 28  PHE B CD1 1 
ATOM   724  C CD2 . PHE B 1 28 ? -6.069  6.442   5.974   1.00 13.94 ? 28  PHE B CD2 1 
ATOM   725  C CE1 . PHE B 1 28 ? -3.672  6.095   4.631   1.00 13.75 ? 28  PHE B CE1 1 
ATOM   726  C CE2 . PHE B 1 28 ? -5.924  5.393   5.069   1.00 12.13 ? 28  PHE B CE2 1 
ATOM   727  C CZ  . PHE B 1 28 ? -4.719  5.221   4.396   1.00 12.34 ? 28  PHE B CZ  1 
ATOM   728  N N   . TYR B 1 29 ? -3.382  10.729  5.933   1.00 15.70 ? 29  TYR B N   1 
ATOM   729  C CA  . TYR B 1 29 ? -2.360  11.135  4.980   1.00 15.99 ? 29  TYR B CA  1 
ATOM   730  C C   . TYR B 1 29 ? -1.418  9.962   4.776   1.00 15.58 ? 29  TYR B C   1 
ATOM   731  O O   . TYR B 1 29 ? -1.038  9.299   5.743   1.00 15.90 ? 29  TYR B O   1 
ATOM   732  C CB  . TYR B 1 29 ? -1.553  12.325  5.509   1.00 17.46 ? 29  TYR B CB  1 
ATOM   733  C CG  . TYR B 1 29 ? -2.346  13.596  5.701   1.00 20.41 ? 29  TYR B CG  1 
ATOM   734  C CD1 . TYR B 1 29 ? -3.023  13.845  6.885   1.00 22.06 ? 29  TYR B CD1 1 
ATOM   735  C CD2 . TYR B 1 29 ? -2.436  14.536  4.684   1.00 21.00 ? 29  TYR B CD2 1 
ATOM   736  C CE1 . TYR B 1 29 ? -3.768  14.998  7.050   1.00 23.10 ? 29  TYR B CE1 1 
ATOM   737  C CE2 . TYR B 1 29 ? -3.180  15.685  4.840   1.00 23.14 ? 29  TYR B CE2 1 
ATOM   738  C CZ  . TYR B 1 29 ? -3.844  15.910  6.025   1.00 22.46 ? 29  TYR B CZ  1 
ATOM   739  O OH  . TYR B 1 29 ? -4.601  17.046  6.173   1.00 26.21 ? 29  TYR B OH  1 
ATOM   740  N N   . THR B 1 30 ? -1.043  9.698   3.528   1.00 12.83 ? 30  THR B N   1 
ATOM   741  C CA  . THR B 1 30 ? -0.118  8.607   3.262   1.00 12.52 ? 30  THR B CA  1 
ATOM   742  C C   . THR B 1 30 ? 1.218   8.980   3.881   1.00 13.07 ? 30  THR B C   1 
ATOM   743  O O   . THR B 1 30 ? 1.515   10.160  4.076   1.00 13.57 ? 30  THR B O   1 
ATOM   744  C CB  . THR B 1 30 ? 0.085   8.356   1.749   1.00 10.94 ? 30  THR B CB  1 
ATOM   745  O OG1 . THR B 1 30 ? 0.410   9.586   1.091   1.00 14.25 ? 30  THR B OG1 1 
ATOM   746  C CG2 . THR B 1 30 ? -1.166  7.761   1.137   1.00 12.28 ? 30  THR B CG2 1 
ATOM   747  N N   . SER B 1 31 ? 2.009   7.962   4.191   1.00 13.52 ? 31  SER B N   1 
ATOM   748  C CA  . SER B 1 31 ? 3.321   8.127   4.799   1.00 13.41 ? 31  SER B CA  1 
ATOM   749  C C   . SER B 1 31 ? 4.255   9.056   4.034   1.00 15.23 ? 31  SER B C   1 
ATOM   750  O O   . SER B 1 31 ? 4.259   9.079   2.797   1.00 14.66 ? 31  SER B O   1 
ATOM   751  C CB  . SER B 1 31 ? 3.990   6.758   4.940   1.00 12.39 ? 31  SER B CB  1 
ATOM   752  O OG  . SER B 1 31 ? 5.321   6.883   5.402   1.00 14.68 ? 31  SER B OG  1 
ATOM   753  N N   . GLY B 1 32 ? 5.052   9.813   4.786   1.00 13.51 ? 32  GLY B N   1 
ATOM   754  C CA  . GLY B 1 32 ? 6.013   10.714  4.178   1.00 12.51 ? 32  GLY B CA  1 
ATOM   755  C C   . GLY B 1 32 ? 7.073   9.921   3.433   1.00 12.75 ? 32  GLY B C   1 
ATOM   756  O O   . GLY B 1 32 ? 7.847   10.479  2.657   1.00 14.10 ? 32  GLY B O   1 
ATOM   757  N N   . LYS B 1 33 ? 7.124   8.614   3.683   1.00 12.54 ? 33  LYS B N   1 
ATOM   758  C CA  . LYS B 1 33 ? 8.084   7.750   2.996   1.00 13.62 ? 33  LYS B CA  1 
ATOM   759  C C   . LYS B 1 33 ? 7.676   7.628   1.527   1.00 14.52 ? 33  LYS B C   1 
ATOM   760  O O   . LYS B 1 33 ? 8.518   7.412   0.653   1.00 13.42 ? 33  LYS B O   1 
ATOM   761  C CB  . LYS B 1 33 ? 8.118   6.354   3.631   1.00 14.62 ? 33  LYS B CB  1 
ATOM   762  C CG  . LYS B 1 33 ? 8.799   6.273   5.001   1.00 18.01 ? 33  LYS B CG  1 
ATOM   763  C CD  . LYS B 1 33 ? 8.807   4.830   5.499   1.00 18.73 ? 33  LYS B CD  1 
ATOM   764  C CE  . LYS B 1 33 ? 9.393   4.697   6.903   1.00 22.80 ? 33  LYS B CE  1 
ATOM   765  N NZ  . LYS B 1 33 ? 10.819  5.128   6.969   1.00 23.86 ? 33  LYS B NZ  1 
ATOM   766  N N   . CYS B 1 34 ? 6.377   7.751   1.263   1.00 13.43 ? 34  CYS B N   1 
ATOM   767  C CA  . CYS B 1 34 ? 5.868   7.672   -0.108  1.00 13.48 ? 34  CYS B CA  1 
ATOM   768  C C   . CYS B 1 34 ? 6.380   8.884   -0.876  1.00 14.21 ? 34  CYS B C   1 
ATOM   769  O O   . CYS B 1 34 ? 6.496   9.971   -0.310  1.00 13.34 ? 34  CYS B O   1 
ATOM   770  C CB  . CYS B 1 34 ? 4.339   7.685   -0.123  1.00 12.10 ? 34  CYS B CB  1 
ATOM   771  S SG  . CYS B 1 34 ? 3.503   6.314   0.735   1.00 12.45 ? 34  CYS B SG  1 
ATOM   772  N N   . SER B 1 35 ? 6.669   8.703   -2.161  1.00 13.45 ? 35  SER B N   1 
ATOM   773  C CA  . SER B 1 35 ? 7.196   9.794   -2.980  1.00 16.18 ? 35  SER B CA  1 
ATOM   774  C C   . SER B 1 35 ? 6.218   10.934  -3.234  1.00 14.63 ? 35  SER B C   1 
ATOM   775  O O   . SER B 1 35 ? 6.628   12.086  -3.323  1.00 14.84 ? 35  SER B O   1 
ATOM   776  C CB  . SER B 1 35 ? 7.713   9.254   -4.318  1.00 15.44 ? 35  SER B CB  1 
ATOM   777  O OG  . SER B 1 35 ? 8.909   8.517   -4.121  1.00 20.61 ? 35  SER B OG  1 
ATOM   778  N N   . ASN B 1 36 ? 4.934   10.617  -3.360  1.00 14.28 ? 36  ASN B N   1 
ATOM   779  C CA  . ASN B 1 36 ? 3.936   11.653  -3.603  1.00 16.26 ? 36  ASN B CA  1 
ATOM   780  C C   . ASN B 1 36 ? 3.126   11.929  -2.345  1.00 16.46 ? 36  ASN B C   1 
ATOM   781  O O   . ASN B 1 36 ? 2.747   11.004  -1.624  1.00 16.17 ? 36  ASN B O   1 
ATOM   782  C CB  . ASN B 1 36 ? 2.966   11.237  -4.715  1.00 15.20 ? 36  ASN B CB  1 
ATOM   783  C CG  . ASN B 1 36 ? 3.671   10.803  -5.981  1.00 18.52 ? 36  ASN B CG  1 
ATOM   784  O OD1 . ASN B 1 36 ? 4.556   11.495  -6.479  1.00 18.80 ? 36  ASN B OD1 1 
ATOM   785  N ND2 . ASN B 1 36 ? 3.273   9.653   -6.516  1.00 16.77 ? 36  ASN B ND2 1 
ATOM   786  N N   . PRO B 1 37 ? 2.862   13.210  -2.056  1.00 16.89 ? 37  PRO B N   1 
ATOM   787  C CA  . PRO B 1 37 ? 2.075   13.537  -0.866  1.00 16.66 ? 37  PRO B CA  1 
ATOM   788  C C   . PRO B 1 37 ? 0.631   13.185  -1.198  1.00 15.49 ? 37  PRO B C   1 
ATOM   789  O O   . PRO B 1 37 ? 0.217   13.305  -2.350  1.00 15.86 ? 37  PRO B O   1 
ATOM   790  C CB  . PRO B 1 37 ? 2.287   15.039  -0.718  1.00 17.02 ? 37  PRO B CB  1 
ATOM   791  C CG  . PRO B 1 37 ? 2.388   15.495  -2.144  1.00 19.19 ? 37  PRO B CG  1 
ATOM   792  C CD  . PRO B 1 37 ? 3.287   14.433  -2.763  1.00 18.79 ? 37  PRO B CD  1 
ATOM   793  N N   . ALA B 1 38 ? -0.141  12.741  -0.218  1.00 13.78 ? 38  ALA B N   1 
ATOM   794  C CA  . ALA B 1 38 ? -1.517  12.392  -0.526  1.00 12.95 ? 38  ALA B CA  1 
ATOM   795  C C   . ALA B 1 38 ? -2.440  12.250  0.664   1.00 13.15 ? 38  ALA B C   1 
ATOM   796  O O   . ALA B 1 38 ? -2.015  11.964  1.782   1.00 12.04 ? 38  ALA B O   1 
ATOM   797  C CB  . ALA B 1 38 ? -1.548  11.099  -1.344  1.00 10.24 ? 38  ALA B CB  1 
ATOM   798  N N   . VAL B 1 39 ? -3.720  12.465  0.395   1.00 14.48 ? 39  VAL B N   1 
ATOM   799  C CA  . VAL B 1 39 ? -4.749  12.304  1.397   1.00 16.23 ? 39  VAL B CA  1 
ATOM   800  C C   . VAL B 1 39 ? -5.506  11.076  0.923   1.00 16.07 ? 39  VAL B C   1 
ATOM   801  O O   . VAL B 1 39 ? -5.761  10.924  -0.273  1.00 17.37 ? 39  VAL B O   1 
ATOM   802  C CB  . VAL B 1 39 ? -5.733  13.489  1.426   1.00 17.89 ? 39  VAL B CB  1 
ATOM   803  C CG1 . VAL B 1 39 ? -6.920  13.140  2.306   1.00 19.05 ? 39  VAL B CG1 1 
ATOM   804  C CG2 . VAL B 1 39 ? -5.039  14.742  1.948   1.00 19.12 ? 39  VAL B CG2 1 
ATOM   805  N N   . VAL B 1 40 ? -5.839  10.183  1.843   1.00 13.87 ? 40  VAL B N   1 
ATOM   806  C CA  . VAL B 1 40 ? -6.594  8.998   1.473   1.00 12.64 ? 40  VAL B CA  1 
ATOM   807  C C   . VAL B 1 40 ? -7.973  9.095   2.104   1.00 12.30 ? 40  VAL B C   1 
ATOM   808  O O   . VAL B 1 40 ? -8.089  9.250   3.316   1.00 13.21 ? 40  VAL B O   1 
ATOM   809  C CB  . VAL B 1 40 ? -5.936  7.706   1.986   1.00 10.86 ? 40  VAL B CB  1 
ATOM   810  C CG1 . VAL B 1 40 ? -6.804  6.510   1.614   1.00 11.18 ? 40  VAL B CG1 1 
ATOM   811  C CG2 . VAL B 1 40 ? -4.547  7.551   1.405   1.00 11.38 ? 40  VAL B CG2 1 
ATOM   812  N N   . PHE B 1 41 ? -9.016  9.037   1.283   1.00 11.90 ? 41  PHE B N   1 
ATOM   813  C CA  . PHE B 1 41 ? -10.377 9.065   1.804   1.00 12.63 ? 41  PHE B CA  1 
ATOM   814  C C   . PHE B 1 41 ? -10.836 7.619   1.796   1.00 12.29 ? 41  PHE B C   1 
ATOM   815  O O   . PHE B 1 41 ? -10.745 6.942   0.770   1.00 11.19 ? 41  PHE B O   1 
ATOM   816  C CB  . PHE B 1 41 ? -11.309 9.914   0.920   1.00 12.78 ? 41  PHE B CB  1 
ATOM   817  C CG  . PHE B 1 41 ? -11.075 11.397  1.041   1.00 12.83 ? 41  PHE B CG  1 
ATOM   818  C CD1 . PHE B 1 41 ? -11.303 12.053  2.243   1.00 11.89 ? 41  PHE B CD1 1 
ATOM   819  C CD2 . PHE B 1 41 ? -10.614 12.132  -0.043  1.00 13.39 ? 41  PHE B CD2 1 
ATOM   820  C CE1 . PHE B 1 41 ? -11.074 13.414  2.362   1.00 14.26 ? 41  PHE B CE1 1 
ATOM   821  C CE2 . PHE B 1 41 ? -10.383 13.495  0.069   1.00 12.42 ? 41  PHE B CE2 1 
ATOM   822  C CZ  . PHE B 1 41 ? -10.613 14.137  1.274   1.00 11.33 ? 41  PHE B CZ  1 
ATOM   823  N N   . VAL B 1 42 ? -11.301 7.142   2.947   1.00 11.80 ? 42  VAL B N   1 
ATOM   824  C CA  . VAL B 1 42 ? -11.769 5.767   3.071   1.00 11.70 ? 42  VAL B CA  1 
ATOM   825  C C   . VAL B 1 42 ? -13.292 5.762   2.994   1.00 12.00 ? 42  VAL B C   1 
ATOM   826  O O   . VAL B 1 42 ? -13.960 6.424   3.784   1.00 11.31 ? 42  VAL B O   1 
ATOM   827  C CB  . VAL B 1 42 ? -11.312 5.155   4.416   1.00 12.59 ? 42  VAL B CB  1 
ATOM   828  C CG1 . VAL B 1 42 ? -11.735 3.700   4.504   1.00 13.41 ? 42  VAL B CG1 1 
ATOM   829  C CG2 . VAL B 1 42 ? -9.801  5.279   4.556   1.00 13.25 ? 42  VAL B CG2 1 
ATOM   830  N N   . THR B 1 43 ? -13.838 5.027   2.030   1.00 11.83 ? 43  THR B N   1 
ATOM   831  C CA  . THR B 1 43 ? -15.284 4.957   1.865   1.00 12.93 ? 43  THR B CA  1 
ATOM   832  C C   . THR B 1 43 ? -15.885 3.860   2.736   1.00 14.19 ? 43  THR B C   1 
ATOM   833  O O   . THR B 1 43 ? -15.176 2.981   3.223   1.00 13.71 ? 43  THR B O   1 
ATOM   834  C CB  . THR B 1 43 ? -15.673 4.670   0.405   1.00 13.24 ? 43  THR B CB  1 
ATOM   835  O OG1 . THR B 1 43 ? -15.318 3.323   0.072   1.00 13.16 ? 43  THR B OG1 1 
ATOM   836  C CG2 . THR B 1 43 ? -14.954 5.622   -0.536  1.00 14.31 ? 43  THR B CG2 1 
ATOM   837  N N   . ARG B 1 44 ? -17.199 3.924   2.927   1.00 14.36 ? 44  ARG B N   1 
ATOM   838  C CA  . ARG B 1 44 ? -17.909 2.943   3.736   1.00 16.43 ? 44  ARG B CA  1 
ATOM   839  C C   . ARG B 1 44 ? -17.707 1.524   3.198   1.00 16.37 ? 44  ARG B C   1 
ATOM   840  O O   . ARG B 1 44 ? -17.864 0.548   3.934   1.00 16.73 ? 44  ARG B O   1 
ATOM   841  C CB  . ARG B 1 44 ? -19.395 3.303   3.792   1.00 18.29 ? 44  ARG B CB  1 
ATOM   842  C CG  . ARG B 1 44 ? -19.705 4.521   4.656   1.00 23.50 ? 44  ARG B CG  1 
ATOM   843  C CD  . ARG B 1 44 ? -19.636 4.180   6.138   1.00 25.78 ? 44  ARG B CD  1 
ATOM   844  N NE  . ARG B 1 44 ? -19.697 5.366   6.994   1.00 29.72 ? 44  ARG B NE  1 
ATOM   845  C CZ  . ARG B 1 44 ? -19.640 5.323   8.322   1.00 27.62 ? 44  ARG B CZ  1 
ATOM   846  N NH1 . ARG B 1 44 ? -19.531 4.156   8.940   1.00 29.69 ? 44  ARG B NH1 1 
ATOM   847  N NH2 . ARG B 1 44 ? -19.668 6.442   9.030   1.00 28.37 ? 44  ARG B NH2 1 
ATOM   848  N N   . LYS B 1 45 ? -17.363 1.411   1.918   1.00 14.39 ? 45  LYS B N   1 
ATOM   849  C CA  . LYS B 1 45 ? -17.100 0.100   1.320   1.00 15.78 ? 45  LYS B CA  1 
ATOM   850  C C   . LYS B 1 45 ? -15.608 -0.208  1.415   1.00 15.05 ? 45  LYS B C   1 
ATOM   851  O O   . LYS B 1 45 ? -15.087 -1.109  0.750   1.00 15.18 ? 45  LYS B O   1 
ATOM   852  C CB  . LYS B 1 45 ? -17.553 0.061   -0.138  1.00 15.48 ? 45  LYS B CB  1 
ATOM   853  C CG  . LYS B 1 45 ? -19.057 -0.121  -0.290  1.00 19.82 ? 45  LYS B CG  1 
ATOM   854  C CD  . LYS B 1 45 ? -19.459 -0.296  -1.742  1.00 19.03 ? 45  LYS B CD  1 
ATOM   855  C CE  . LYS B 1 45 ? -20.934 -0.637  -1.853  1.00 22.37 ? 45  LYS B CE  1 
ATOM   856  N NZ  . LYS B 1 45 ? -21.785 0.407   -1.226  1.00 21.81 ? 45  LYS B NZ  1 
ATOM   857  N N   . ASN B 1 46 ? -14.931 0.569   2.250   1.00 15.35 ? 46  ASN B N   1 
ATOM   858  C CA  . ASN B 1 46 ? -13.507 0.417   2.507   1.00 16.68 ? 46  ASN B CA  1 
ATOM   859  C C   . ASN B 1 46 ? -12.544 0.617   1.345   1.00 16.05 ? 46  ASN B C   1 
ATOM   860  O O   . ASN B 1 46 ? -11.426 0.107   1.376   1.00 14.89 ? 46  ASN B O   1 
ATOM   861  C CB  . ASN B 1 46 ? -13.245 -0.936  3.166   1.00 16.14 ? 46  ASN B CB  1 
ATOM   862  C CG  . ASN B 1 46 ? -13.820 -1.010  4.564   1.00 18.14 ? 46  ASN B CG  1 
ATOM   863  O OD1 . ASN B 1 46 ? -13.555 -0.144  5.399   1.00 16.58 ? 46  ASN B OD1 1 
ATOM   864  N ND2 . ASN B 1 46 ? -14.610 -2.043  4.829   1.00 18.63 ? 46  ASN B ND2 1 
ATOM   865  N N   . ARG B 1 47 ? -12.961 1.356   0.324   1.00 16.51 ? 47  ARG B N   1 
ATOM   866  C CA  . ARG B 1 47 ? -12.052 1.623   -0.782  1.00 18.81 ? 47  ARG B CA  1 
ATOM   867  C C   . ARG B 1 47 ? -11.151 2.758   -0.286  1.00 18.44 ? 47  ARG B C   1 
ATOM   868  O O   . ARG B 1 47 ? -11.613 3.639   0.444   1.00 18.37 ? 47  ARG B O   1 
ATOM   869  C CB  . ARG B 1 47 ? -12.823 2.063   -2.031  1.00 22.51 ? 47  ARG B CB  1 
ATOM   870  C CG  . ARG B 1 47 ? -11.930 2.318   -3.248  1.00 27.32 ? 47  ARG B CG  1 
ATOM   871  C CD  . ARG B 1 47 ? -12.735 2.696   -4.483  1.00 32.09 ? 47  ARG B CD  1 
ATOM   872  N NE  . ARG B 1 47 ? -13.479 1.569   -5.046  1.00 38.04 ? 47  ARG B NE  1 
ATOM   873  C CZ  . ARG B 1 47 ? -12.920 0.543   -5.686  1.00 38.88 ? 47  ARG B CZ  1 
ATOM   874  N NH1 . ARG B 1 47 ? -11.605 0.496   -5.843  1.00 40.35 ? 47  ARG B NH1 1 
ATOM   875  N NH2 . ARG B 1 47 ? -13.676 -0.428  -6.184  1.00 39.22 ? 47  ARG B NH2 1 
ATOM   876  N N   . GLN B 1 48 ? -9.872  2.727   -0.644  1.00 16.77 ? 48  GLN B N   1 
ATOM   877  C CA  . GLN B 1 48 ? -8.949  3.781   -0.216  1.00 16.16 ? 48  GLN B CA  1 
ATOM   878  C C   . GLN B 1 48 ? -8.647  4.651   -1.427  1.00 15.18 ? 48  GLN B C   1 
ATOM   879  O O   . GLN B 1 48 ? -7.836  4.289   -2.277  1.00 14.35 ? 48  GLN B O   1 
ATOM   880  C CB  . GLN B 1 48 ? -7.644  3.190   0.341   1.00 15.89 ? 48  GLN B CB  1 
ATOM   881  C CG  . GLN B 1 48 ? -7.823  2.262   1.541   1.00 19.26 ? 48  GLN B CG  1 
ATOM   882  C CD  . GLN B 1 48 ? -6.542  2.076   2.346   1.00 21.38 ? 48  GLN B CD  1 
ATOM   883  O OE1 . GLN B 1 48 ? -5.440  1.994   1.789   1.00 20.25 ? 48  GLN B OE1 1 
ATOM   884  N NE2 . GLN B 1 48 ? -6.684  1.997   3.667   1.00 22.69 ? 48  GLN B NE2 1 
ATOM   885  N N   . VAL B 1 49 ? -9.301  5.804   -1.491  1.00 14.83 ? 49  VAL B N   1 
ATOM   886  C CA  . VAL B 1 49 ? -9.132  6.717   -2.612  1.00 14.33 ? 49  VAL B CA  1 
ATOM   887  C C   . VAL B 1 49 ? -8.112  7.819   -2.378  1.00 12.75 ? 49  VAL B C   1 
ATOM   888  O O   . VAL B 1 49 ? -8.176  8.543   -1.384  1.00 14.22 ? 49  VAL B O   1 
ATOM   889  C CB  . VAL B 1 49 ? -10.477 7.365   -2.985  1.00 14.09 ? 49  VAL B CB  1 
ATOM   890  C CG1 . VAL B 1 49 ? -10.286 8.321   -4.154  1.00 13.77 ? 49  VAL B CG1 1 
ATOM   891  C CG2 . VAL B 1 49 ? -11.488 6.281   -3.331  1.00 15.08 ? 49  VAL B CG2 1 
ATOM   892  N N   . CYS B 1 50 ? -7.182  7.944   -3.321  1.00 11.48 ? 50  CYS B N   1 
ATOM   893  C CA  . CYS B 1 50 ? -6.120  8.946   -3.272  1.00 11.75 ? 50  CYS B CA  1 
ATOM   894  C C   . CYS B 1 50 ? -6.585  10.301  -3.794  1.00 11.08 ? 50  CYS B C   1 
ATOM   895  O O   . CYS B 1 50 ? -7.206  10.380  -4.851  1.00 12.16 ? 50  CYS B O   1 
ATOM   896  C CB  . CYS B 1 50 ? -4.940  8.485   -4.121  1.00 11.03 ? 50  CYS B CB  1 
ATOM   897  S SG  . CYS B 1 50 ? -4.082  7.004   -3.520  1.00 10.74 ? 50  CYS B SG  1 
ATOM   898  N N   . ALA B 1 51 ? -6.266  11.364  -3.061  1.00 12.50 ? 51  ALA B N   1 
ATOM   899  C CA  . ALA B 1 51 ? -6.649  12.714  -3.458  1.00 12.72 ? 51  ALA B CA  1 
ATOM   900  C C   . ALA B 1 51 ? -5.508  13.698  -3.214  1.00 13.85 ? 51  ALA B C   1 
ATOM   901  O O   . ALA B 1 51 ? -4.677  13.497  -2.329  1.00 12.73 ? 51  ALA B O   1 
ATOM   902  C CB  . ALA B 1 51 ? -7.896  13.153  -2.697  1.00 13.50 ? 51  ALA B CB  1 
ATOM   903  N N   . ASN B 1 52 ? -5.471  14.760  -4.015  1.00 14.96 ? 52  ASN B N   1 
ATOM   904  C CA  . ASN B 1 52 ? -4.427  15.775  -3.914  1.00 15.49 ? 52  ASN B CA  1 
ATOM   905  C C   . ASN B 1 52 ? -4.741  16.755  -2.794  1.00 15.14 ? 52  ASN B C   1 
ATOM   906  O O   . ASN B 1 52 ? -5.732  17.473  -2.852  1.00 14.98 ? 52  ASN B O   1 
ATOM   907  C CB  . ASN B 1 52 ? -4.311  16.539  -5.233  1.00 18.24 ? 52  ASN B CB  1 
ATOM   908  C CG  . ASN B 1 52 ? -3.094  17.439  -5.281  1.00 19.73 ? 52  ASN B CG  1 
ATOM   909  O OD1 . ASN B 1 52 ? -2.572  17.858  -4.245  1.00 22.94 ? 52  ASN B OD1 1 
ATOM   910  N ND2 . ASN B 1 52 ? -2.640  17.750  -6.486  1.00 21.67 ? 52  ASN B ND2 1 
ATOM   911  N N   . PRO B 1 53 ? -3.879  16.805  -1.770  1.00 18.13 ? 53  PRO B N   1 
ATOM   912  C CA  . PRO B 1 53 ? -4.004  17.674  -0.595  1.00 20.12 ? 53  PRO B CA  1 
ATOM   913  C C   . PRO B 1 53 ? -4.162  19.158  -0.927  1.00 20.80 ? 53  PRO B C   1 
ATOM   914  O O   . PRO B 1 53 ? -4.725  19.918  -0.141  1.00 21.49 ? 53  PRO B O   1 
ATOM   915  C CB  . PRO B 1 53 ? -2.713  17.399  0.176   1.00 20.30 ? 53  PRO B CB  1 
ATOM   916  C CG  . PRO B 1 53 ? -2.390  15.991  -0.199  1.00 21.18 ? 53  PRO B CG  1 
ATOM   917  C CD  . PRO B 1 53 ? -2.656  15.989  -1.679  1.00 19.67 ? 53  PRO B CD  1 
ATOM   918  N N   . GLU B 1 54 ? -3.668  19.565  -2.092  1.00 22.09 ? 54  GLU B N   1 
ATOM   919  C CA  . GLU B 1 54 ? -3.749  20.961  -2.502  1.00 23.19 ? 54  GLU B CA  1 
ATOM   920  C C   . GLU B 1 54 ? -5.119  21.355  -3.050  1.00 23.97 ? 54  GLU B C   1 
ATOM   921  O O   . GLU B 1 54 ? -5.439  22.541  -3.129  1.00 25.54 ? 54  GLU B O   1 
ATOM   922  C CB  . GLU B 1 54 ? -2.670  21.263  -3.538  1.00 25.69 ? 54  GLU B CB  1 
ATOM   923  N N   . LYS B 1 55 ? -5.928  20.370  -3.425  1.00 22.04 ? 55  LYS B N   1 
ATOM   924  C CA  . LYS B 1 55 ? -7.248  20.655  -3.971  1.00 20.59 ? 55  LYS B CA  1 
ATOM   925  C C   . LYS B 1 55 ? -8.183  21.241  -2.917  1.00 21.96 ? 55  LYS B C   1 
ATOM   926  O O   . LYS B 1 55 ? -8.185  20.818  -1.760  1.00 21.28 ? 55  LYS B O   1 
ATOM   927  C CB  . LYS B 1 55 ? -7.850  19.389  -4.565  1.00 21.73 ? 55  LYS B CB  1 
ATOM   928  N N   . LYS B 1 56 ? -8.983  22.217  -3.325  1.00 22.35 ? 56  LYS B N   1 
ATOM   929  C CA  . LYS B 1 56 ? -9.916  22.862  -2.412  1.00 22.48 ? 56  LYS B CA  1 
ATOM   930  C C   . LYS B 1 56 ? -10.939 21.900  -1.808  1.00 21.22 ? 56  LYS B C   1 
ATOM   931  O O   . LYS B 1 56 ? -11.122 21.878  -0.589  1.00 19.17 ? 56  LYS B O   1 
ATOM   932  C CB  . LYS B 1 56 ? -10.634 24.010  -3.128  1.00 26.23 ? 56  LYS B CB  1 
ATOM   933  C CG  . LYS B 1 56 ? -11.601 24.787  -2.248  1.00 29.83 ? 56  LYS B CG  1 
ATOM   934  C CD  . LYS B 1 56 ? -12.011 26.088  -2.925  1.00 34.95 ? 56  LYS B CD  1 
ATOM   935  C CE  . LYS B 1 56 ? -13.023 26.862  -2.098  1.00 37.91 ? 56  LYS B CE  1 
ATOM   936  N NZ  . LYS B 1 56 ? -14.350 26.184  -2.074  1.00 42.40 ? 56  LYS B NZ  1 
ATOM   937  N N   . TRP B 1 57 ? -11.602 21.100  -2.642  1.00 19.26 ? 57  TRP B N   1 
ATOM   938  C CA  . TRP B 1 57 ? -12.595 20.174  -2.112  1.00 18.89 ? 57  TRP B CA  1 
ATOM   939  C C   . TRP B 1 57 ? -11.970 19.203  -1.122  1.00 17.87 ? 57  TRP B C   1 
ATOM   940  O O   . TRP B 1 57 ? -12.610 18.799  -0.149  1.00 18.31 ? 57  TRP B O   1 
ATOM   941  C CB  . TRP B 1 57 ? -13.304 19.395  -3.233  1.00 19.90 ? 57  TRP B CB  1 
ATOM   942  C CG  . TRP B 1 57 ? -12.467 18.367  -3.960  1.00 20.69 ? 57  TRP B CG  1 
ATOM   943  C CD1 . TRP B 1 57 ? -11.713 18.565  -5.079  1.00 20.84 ? 57  TRP B CD1 1 
ATOM   944  C CD2 . TRP B 1 57 ? -12.341 16.976  -3.633  1.00 19.79 ? 57  TRP B CD2 1 
ATOM   945  N NE1 . TRP B 1 57 ? -11.130 17.383  -5.474  1.00 20.29 ? 57  TRP B NE1 1 
ATOM   946  C CE2 . TRP B 1 57 ? -11.499 16.392  -4.602  1.00 21.07 ? 57  TRP B CE2 1 
ATOM   947  C CE3 . TRP B 1 57 ? -12.859 16.167  -2.616  1.00 20.72 ? 57  TRP B CE3 1 
ATOM   948  C CZ2 . TRP B 1 57 ? -11.163 15.037  -4.585  1.00 18.31 ? 57  TRP B CZ2 1 
ATOM   949  C CZ3 . TRP B 1 57 ? -12.526 14.820  -2.600  1.00 19.14 ? 57  TRP B CZ3 1 
ATOM   950  C CH2 . TRP B 1 57 ? -11.685 14.270  -3.580  1.00 19.89 ? 57  TRP B CH2 1 
ATOM   951  N N   . VAL B 1 58 ? -10.715 18.837  -1.360  1.00 18.17 ? 58  VAL B N   1 
ATOM   952  C CA  . VAL B 1 58 ? -10.024 17.918  -0.467  1.00 17.05 ? 58  VAL B CA  1 
ATOM   953  C C   . VAL B 1 58 ? -9.850  18.549  0.913   1.00 17.03 ? 58  VAL B C   1 
ATOM   954  O O   . VAL B 1 58 ? -10.118 17.916  1.937   1.00 15.83 ? 58  VAL B O   1 
ATOM   955  C CB  . VAL B 1 58 ? -8.647  17.523  -1.034  1.00 18.27 ? 58  VAL B CB  1 
ATOM   956  C CG1 . VAL B 1 58 ? -7.907  16.658  -0.031  1.00 16.56 ? 58  VAL B CG1 1 
ATOM   957  C CG2 . VAL B 1 58 ? -8.827  16.769  -2.353  1.00 16.46 ? 58  VAL B CG2 1 
ATOM   958  N N   . ARG B 1 59 ? -9.416  19.805  0.938   1.00 17.69 ? 59  ARG B N   1 
ATOM   959  C CA  . ARG B 1 59 ? -9.222  20.516  2.198   1.00 18.27 ? 59  ARG B CA  1 
ATOM   960  C C   . ARG B 1 59 ? -10.556 20.688  2.925   1.00 17.46 ? 59  ARG B C   1 
ATOM   961  O O   . ARG B 1 59 ? -10.626 20.562  4.146   1.00 17.85 ? 59  ARG B O   1 
ATOM   962  C CB  . ARG B 1 59 ? -8.584  21.879  1.939   1.00 18.34 ? 59  ARG B CB  1 
ATOM   963  N N   . GLU B 1 60 ? -11.615 20.974  2.171   1.00 17.65 ? 60  GLU B N   1 
ATOM   964  C CA  . GLU B 1 60 ? -12.937 21.155  2.768   1.00 19.10 ? 60  GLU B CA  1 
ATOM   965  C C   . GLU B 1 60 ? -13.419 19.854  3.405   1.00 17.78 ? 60  GLU B C   1 
ATOM   966  O O   . GLU B 1 60 ? -13.953 19.855  4.518   1.00 17.02 ? 60  GLU B O   1 
ATOM   967  C CB  . GLU B 1 60 ? -13.937 21.626  1.706   1.00 20.70 ? 60  GLU B CB  1 
ATOM   968  C CG  . GLU B 1 60 ? -13.507 22.909  1.007   1.00 26.45 ? 60  GLU B CG  1 
ATOM   969  C CD  . GLU B 1 60 ? -14.476 23.356  -0.070  1.00 30.07 ? 60  GLU B CD  1 
ATOM   970  O OE1 . GLU B 1 60 ? -14.954 22.497  -0.841  1.00 31.40 ? 60  GLU B OE1 1 
ATOM   971  O OE2 . GLU B 1 60 ? -14.745 24.574  -0.155  1.00 31.94 ? 60  GLU B OE2 1 
ATOM   972  N N   . TYR B 1 61 ? -13.227 18.743  2.697   1.00 15.93 ? 61  TYR B N   1 
ATOM   973  C CA  . TYR B 1 61 ? -13.630 17.438  3.208   1.00 13.98 ? 61  TYR B CA  1 
ATOM   974  C C   . TYR B 1 61 ? -12.863 17.132  4.490   1.00 14.56 ? 61  TYR B C   1 
ATOM   975  O O   . TYR B 1 61 ? -13.428 16.618  5.455   1.00 15.13 ? 61  TYR B O   1 
ATOM   976  C CB  . TYR B 1 61 ? -13.361 16.349  2.159   1.00 12.70 ? 61  TYR B CB  1 
ATOM   977  C CG  . TYR B 1 61 ? -14.456 16.186  1.118   1.00 12.77 ? 61  TYR B CG  1 
ATOM   978  C CD1 . TYR B 1 61 ? -15.255 17.261  0.739   1.00 13.51 ? 61  TYR B CD1 1 
ATOM   979  C CD2 . TYR B 1 61 ? -14.670 14.961  0.491   1.00 12.35 ? 61  TYR B CD2 1 
ATOM   980  C CE1 . TYR B 1 61 ? -16.237 17.121  -0.237  1.00 14.87 ? 61  TYR B CE1 1 
ATOM   981  C CE2 . TYR B 1 61 ? -15.646 14.813  -0.487  1.00 11.85 ? 61  TYR B CE2 1 
ATOM   982  C CZ  . TYR B 1 61 ? -16.426 15.895  -0.847  1.00 14.27 ? 61  TYR B CZ  1 
ATOM   983  O OH  . TYR B 1 61 ? -17.390 15.754  -1.826  1.00 14.57 ? 61  TYR B OH  1 
ATOM   984  N N   . ILE B 1 62 ? -11.573 17.447  4.499   1.00 16.53 ? 62  ILE B N   1 
ATOM   985  C CA  . ILE B 1 62 ? -10.748 17.203  5.678   1.00 17.48 ? 62  ILE B CA  1 
ATOM   986  C C   . ILE B 1 62 ? -11.267 18.030  6.853   1.00 19.31 ? 62  ILE B C   1 
ATOM   987  O O   . ILE B 1 62 ? -11.465 17.511  7.952   1.00 16.77 ? 62  ILE B O   1 
ATOM   988  C CB  . ILE B 1 62 ? -9.270  17.564  5.408   1.00 18.58 ? 62  ILE B CB  1 
ATOM   989  C CG1 . ILE B 1 62 ? -8.648  16.525  4.469   1.00 18.69 ? 62  ILE B CG1 1 
ATOM   990  C CG2 . ILE B 1 62 ? -8.507  17.650  6.722   1.00 18.97 ? 62  ILE B CG2 1 
ATOM   991  C CD1 . ILE B 1 62 ? -7.218  16.827  4.066   1.00 19.35 ? 62  ILE B CD1 1 
ATOM   992  N N   . ASN B 1 63 ? -11.501 19.317  6.617   1.00 20.10 ? 63  ASN B N   1 
ATOM   993  C CA  . ASN B 1 63 ? -12.010 20.181  7.675   1.00 23.56 ? 63  ASN B CA  1 
ATOM   994  C C   . ASN B 1 63 ? -13.322 19.616  8.207   1.00 22.67 ? 63  ASN B C   1 
ATOM   995  O O   . ASN B 1 63 ? -13.568 19.617  9.413   1.00 23.34 ? 63  ASN B O   1 
ATOM   996  C CB  . ASN B 1 63 ? -12.219 21.603  7.145   1.00 26.13 ? 63  ASN B CB  1 
ATOM   997  C CG  . ASN B 1 63 ? -10.909 22.295  6.801   1.00 30.44 ? 63  ASN B CG  1 
ATOM   998  O OD1 . ASN B 1 63 ? -10.898 23.431  6.324   1.00 32.30 ? 63  ASN B OD1 1 
ATOM   999  N ND2 . ASN B 1 63 ? -9.795  21.611  7.046   1.00 32.29 ? 63  ASN B ND2 1 
ATOM   1000 N N   . SER B 1 64 ? -14.155 19.116  7.299   1.00 23.17 ? 64  SER B N   1 
ATOM   1001 C CA  . SER B 1 64 ? -15.443 18.544  7.671   1.00 22.77 ? 64  SER B CA  1 
ATOM   1002 C C   . SER B 1 64 ? -15.261 17.319  8.561   1.00 24.02 ? 64  SER B C   1 
ATOM   1003 O O   . SER B 1 64 ? -15.966 17.155  9.561   1.00 22.95 ? 64  SER B O   1 
ATOM   1004 C CB  . SER B 1 64 ? -16.225 18.153  6.414   1.00 22.96 ? 64  SER B CB  1 
ATOM   1005 O OG  . SER B 1 64 ? -17.457 17.552  6.757   1.00 26.21 ? 64  SER B OG  1 
ATOM   1006 N N   . LEU B 1 65 ? -14.322 16.456  8.189   1.00 22.91 ? 65  LEU B N   1 
ATOM   1007 C CA  . LEU B 1 65 ? -14.046 15.250  8.960   1.00 25.63 ? 65  LEU B CA  1 
ATOM   1008 C C   . LEU B 1 65 ? -13.414 15.601  10.307  1.00 28.09 ? 65  LEU B C   1 
ATOM   1009 O O   . LEU B 1 65 ? -13.506 14.833  11.261  1.00 29.34 ? 65  LEU B O   1 
ATOM   1010 C CB  . LEU B 1 65 ? -13.127 14.321  8.160   1.00 24.46 ? 65  LEU B CB  1 
ATOM   1011 C CG  . LEU B 1 65 ? -13.791 13.702  6.923   1.00 23.28 ? 65  LEU B CG  1 
ATOM   1012 C CD1 . LEU B 1 65 ? -12.757 13.079  6.004   1.00 25.47 ? 65  LEU B CD1 1 
ATOM   1013 C CD2 . LEU B 1 65 ? -14.804 12.670  7.374   1.00 22.98 ? 65  LEU B CD2 1 
ATOM   1014 N N   . GLU B 1 66 ? -12.783 16.769  10.378  1.00 31.41 ? 66  GLU B N   1 
ATOM   1015 C CA  . GLU B 1 66 ? -12.143 17.231  11.607  1.00 34.31 ? 66  GLU B CA  1 
ATOM   1016 C C   . GLU B 1 66 ? -13.131 17.863  12.583  1.00 36.29 ? 66  GLU B C   1 
ATOM   1017 O O   . GLU B 1 66 ? -12.893 17.880  13.790  1.00 36.06 ? 66  GLU B O   1 
ATOM   1018 C CB  . GLU B 1 66 ? -11.042 18.243  11.285  1.00 35.08 ? 66  GLU B CB  1 
ATOM   1019 C CG  . GLU B 1 66 ? -9.797  17.628  10.684  1.00 36.71 ? 66  GLU B CG  1 
ATOM   1020 C CD  . GLU B 1 66 ? -9.169  16.608  11.604  1.00 38.70 ? 66  GLU B CD  1 
ATOM   1021 O OE1 . GLU B 1 66 ? -8.910  16.949  12.778  1.00 38.86 ? 66  GLU B OE1 1 
ATOM   1022 O OE2 . GLU B 1 66 ? -8.932  15.467  11.156  1.00 42.02 ? 66  GLU B OE2 1 
ATOM   1023 N N   . MET B 1 67 ? -14.234 18.388  12.060  1.00 39.45 ? 67  MET B N   1 
ATOM   1024 C CA  . MET B 1 67 ? -15.247 19.012  12.904  1.00 43.51 ? 67  MET B CA  1 
ATOM   1025 C C   . MET B 1 67 ? -16.114 17.952  13.575  1.00 45.70 ? 67  MET B C   1 
ATOM   1026 O O   . MET B 1 67 ? -16.842 18.243  14.526  1.00 45.69 ? 67  MET B O   1 
ATOM   1027 C CB  . MET B 1 67 ? -16.126 19.953  12.077  1.00 44.57 ? 67  MET B CB  1 
ATOM   1028 C CG  . MET B 1 67 ? -15.384 21.149  11.508  1.00 46.83 ? 67  MET B CG  1 
ATOM   1029 S SD  . MET B 1 67 ? -14.573 22.121  12.793  1.00 50.25 ? 67  MET B SD  1 
ATOM   1030 C CE  . MET B 1 67 ? -15.891 23.250  13.246  1.00 50.45 ? 67  MET B CE  1 
ATOM   1031 N N   . SER B 1 68 ? -16.025 16.724  13.069  1.00 47.39 ? 68  SER B N   1 
ATOM   1032 C CA  . SER B 1 68 ? -16.787 15.596  13.599  1.00 49.22 ? 68  SER B CA  1 
ATOM   1033 C C   . SER B 1 68 ? -18.224 15.972  13.935  1.00 49.70 ? 68  SER B C   1 
ATOM   1034 O O   . SER B 1 68 ? -18.616 15.800  15.109  1.00 50.23 ? 68  SER B O   1 
ATOM   1035 C CB  . SER B 1 68 ? -16.100 15.039  14.848  1.00 49.64 ? 68  SER B CB  1 
ATOM   1036 O OG  . SER B 1 68 ? -14.797 14.568  14.542  1.00 52.23 ? 68  SER B OG  1 
ATOM   1037 O OXT . SER B 1 68 ? -18.941 16.428  13.021  1.00 49.90 ? 68  SER B OXT 1 
HETATM 1038 C C1  . GNS C 2 .  ? 2.973   -4.959  -11.374 1.00 36.96 ? 1   GNS C C1  1 
HETATM 1039 C C2  . GNS C 2 .  ? 2.469   -3.651  -12.036 1.00 36.42 ? 1   GNS C C2  1 
HETATM 1040 N N2  . GNS C 2 .  ? 3.335   -2.549  -11.641 1.00 33.94 ? 1   GNS C N2  1 
HETATM 1041 S S1  . GNS C 2 .  ? 3.758   -1.428  -12.768 1.00 35.86 ? 1   GNS C S1  1 
HETATM 1042 O O1S . GNS C 2 .  ? 2.592   -0.772  -13.261 1.00 33.47 ? 1   GNS C O1S 1 
HETATM 1043 O O2S . GNS C 2 .  ? 4.612   -0.464  -12.166 1.00 32.11 ? 1   GNS C O2S 1 
HETATM 1044 O O3S . GNS C 2 .  ? 4.538   -2.188  -14.021 1.00 31.77 ? 1   GNS C O3S 1 
HETATM 1045 C C3  . GNS C 2 .  ? 1.017   -3.379  -11.588 1.00 36.35 ? 1   GNS C C3  1 
HETATM 1046 O O3  . GNS C 2 .  ? 0.510   -2.168  -12.170 1.00 37.03 ? 1   GNS C O3  1 
HETATM 1047 C C4  . GNS C 2 .  ? 0.095   -4.538  -12.012 1.00 36.17 ? 1   GNS C C4  1 
HETATM 1048 C C5  . GNS C 2 .  ? 0.702   -5.874  -11.384 1.00 36.09 ? 1   GNS C C5  1 
HETATM 1049 O O5  . GNS C 2 .  ? 2.109   -6.088  -11.738 1.00 37.00 ? 1   GNS C O5  1 
HETATM 1050 C C6  . GNS C 2 .  ? -0.138  -7.111  -11.800 1.00 37.32 ? 1   GNS C C6  1 
HETATM 1051 O O6  . GNS C 2 .  ? 0.038   -7.425  -13.193 1.00 37.87 ? 1   GNS C O6  1 
HETATM 1052 O O4  . GNS C 2 .  ? -1.292  -4.378  -11.658 1.00 34.35 ? 1   GNS C O4  1 
HETATM 1053 O O1  . GNS C 2 .  ? 3.003   -4.803  -9.930  1.00 37.96 ? 1   GNS C O1  1 
HETATM 1054 S S   . UAP C 2 .  ? -2.332  -1.643  -7.997  1.00 37.77 ? 2   UAP C S   1 
HETATM 1055 C C1  . UAP C 2 .  ? -1.560  -4.151  -10.207 1.00 33.98 ? 2   UAP C C1  1 
HETATM 1056 C C2  . UAP C 2 .  ? -2.749  -3.141  -9.981  1.00 34.44 ? 2   UAP C C2  1 
HETATM 1057 O O2  . UAP C 2 .  ? -2.940  -2.963  -8.550  1.00 35.70 ? 2   UAP C O2  1 
HETATM 1058 C C3  . UAP C 2 .  ? -4.083  -3.772  -10.569 1.00 34.21 ? 2   UAP C C3  1 
HETATM 1059 O O3  . UAP C 2 .  ? -4.146  -3.515  -11.979 1.00 35.75 ? 2   UAP C O3  1 
HETATM 1060 C C4  . UAP C 2 .  ? -4.198  -5.296  -10.332 1.00 33.39 ? 2   UAP C C4  1 
HETATM 1061 C C5  . UAP C 2 .  ? -3.147  -6.037  -9.849  1.00 32.57 ? 2   UAP C C5  1 
HETATM 1062 O O5  . UAP C 2 .  ? -1.936  -5.433  -9.558  1.00 33.91 ? 2   UAP C O5  1 
HETATM 1063 C C6  . UAP C 2 .  ? -3.269  -7.489  -9.615  1.00 30.71 ? 2   UAP C C6  1 
HETATM 1064 O O1S . UAP C 2 .  ? -2.596  -1.600  -6.596  1.00 37.52 ? 2   UAP C O1S 1 
HETATM 1065 O O2S . UAP C 2 .  ? -0.906  -1.612  -8.190  1.00 32.85 ? 2   UAP C O2S 1 
HETATM 1066 O O3S . UAP C 2 .  ? -3.036  -0.323  -8.715  1.00 34.20 ? 2   UAP C O3S 1 
HETATM 1067 O O6B . UAP C 2 .  ? -2.392  -8.068  -9.014  1.00 35.39 ? 2   UAP C O6B 1 
HETATM 1068 O O6A . UAP C 2 .  ? -4.376  -8.211  -10.063 1.00 30.38 ? 2   UAP C O6A 1 
HETATM 1069 C C   . ACY D 3 .  ? -20.749 8.392   6.563   1.00 46.08 ? 201 ACY B C   1 
HETATM 1070 O O   . ACY D 3 .  ? -21.565 7.432   6.306   1.00 45.58 ? 201 ACY B O   1 
HETATM 1071 O OXT . ACY D 3 .  ? -19.403 8.263   6.976   1.00 46.42 ? 201 ACY B OXT 1 
HETATM 1072 C CH3 . ACY D 3 .  ? -21.357 9.762   6.387   1.00 45.57 ? 201 ACY B CH3 1 
HETATM 1073 O O   . HOH E 4 .  ? 9.028   1.638   -1.815  1.00 13.85 ? 302 HOH A O   1 
HETATM 1074 O O   . HOH E 4 .  ? 8.092   -1.683  -2.669  1.00 7.10  ? 303 HOH A O   1 
HETATM 1075 O O   . HOH E 4 .  ? -2.311  4.944   -6.625  1.00 19.57 ? 304 HOH A O   1 
HETATM 1076 O O   . HOH E 4 .  ? 2.217   -2.583  -5.002  1.00 11.88 ? 305 HOH A O   1 
HETATM 1077 O O   . HOH E 4 .  ? 8.302   -2.467  -6.250  1.00 13.17 ? 306 HOH A O   1 
HETATM 1078 O O   . HOH E 4 .  ? 7.559   4.065   -2.647  1.00 13.31 ? 307 HOH A O   1 
HETATM 1079 O O   . HOH E 4 .  ? 10.751  -19.697 -10.498 1.00 17.26 ? 308 HOH A O   1 
HETATM 1080 O O   . HOH E 4 .  ? 6.644   6.087   -9.280  1.00 11.90 ? 309 HOH A O   1 
HETATM 1081 O O   . HOH E 4 .  ? 3.889   -23.188 -0.571  1.00 22.74 ? 310 HOH A O   1 
HETATM 1082 O O   . HOH E 4 .  ? 9.153   -5.068  -7.254  1.00 20.18 ? 311 HOH A O   1 
HETATM 1083 O O   . HOH E 4 .  ? 7.804   5.865   -5.653  1.00 11.17 ? 312 HOH A O   1 
HETATM 1084 O O   . HOH E 4 .  ? 14.803  -9.549  2.907   1.00 21.11 ? 313 HOH A O   1 
HETATM 1085 O O   . HOH E 4 .  ? -2.134  -8.819  5.898   1.00 24.21 ? 314 HOH A O   1 
HETATM 1086 O O   . HOH E 4 .  ? 8.949   8.005   -7.625  1.00 31.85 ? 315 HOH A O   1 
HETATM 1087 O O   . HOH E 4 .  ? 17.459  -11.024 4.266   1.00 34.46 ? 316 HOH A O   1 
HETATM 1088 O O   . HOH E 4 .  ? 10.706  -22.817 -9.785  1.00 24.76 ? 317 HOH A O   1 
HETATM 1089 O O   . HOH E 4 .  ? -2.804  -0.281  -0.918  1.00 16.81 ? 318 HOH A O   1 
HETATM 1090 O O   . HOH E 4 .  ? 13.032  2.479   2.022   1.00 26.62 ? 319 HOH A O   1 
HETATM 1091 O O   . HOH E 4 .  ? 13.822  -23.098 -4.198  1.00 23.36 ? 320 HOH A O   1 
HETATM 1092 O O   . HOH E 4 .  ? 16.295  -3.106  -2.896  1.00 42.14 ? 321 HOH A O   1 
HETATM 1093 O O   . HOH E 4 .  ? 15.465  -15.491 12.109  1.00 37.41 ? 322 HOH A O   1 
HETATM 1094 O O   . HOH E 4 .  ? -3.577  -19.152 -0.942  1.00 26.07 ? 323 HOH A O   1 
HETATM 1095 O O   . HOH E 4 .  ? -4.121  -19.324 5.424   1.00 22.12 ? 324 HOH A O   1 
HETATM 1096 O O   . HOH E 4 .  ? 12.470  4.834   -0.671  1.00 33.38 ? 325 HOH A O   1 
HETATM 1097 O O   . HOH E 4 .  ? 3.609   -23.329 2.715   1.00 23.57 ? 326 HOH A O   1 
HETATM 1098 O O   . HOH E 4 .  ? 1.606   -16.577 -4.923  1.00 26.01 ? 327 HOH A O   1 
HETATM 1099 O O   . HOH E 4 .  ? -0.220  -5.155  1.357   1.00 22.36 ? 328 HOH A O   1 
HETATM 1100 O O   . HOH E 4 .  ? 15.527  -3.125  5.036   1.00 37.09 ? 329 HOH A O   1 
HETATM 1101 O O   . HOH E 4 .  ? 15.923  -22.128 0.239   1.00 35.39 ? 330 HOH A O   1 
HETATM 1102 O O   . HOH E 4 .  ? 18.570  -6.365  2.113   1.00 38.58 ? 331 HOH A O   1 
HETATM 1103 O O   . HOH E 4 .  ? 6.094   -5.327  -9.946  1.00 31.43 ? 332 HOH A O   1 
HETATM 1104 O O   . HOH E 4 .  ? 22.025  -13.393 -1.318  1.00 30.30 ? 333 HOH A O   1 
HETATM 1105 O O   . HOH E 4 .  ? -8.243  4.072   -9.966  1.00 25.33 ? 334 HOH A O   1 
HETATM 1106 O O   . HOH E 4 .  ? -1.126  -15.467 -5.061  1.00 31.94 ? 335 HOH A O   1 
HETATM 1107 O O   . HOH E 4 .  ? 1.828   -22.106 -1.893  1.00 25.58 ? 336 HOH A O   1 
HETATM 1108 O O   . HOH E 4 .  ? 0.300   -12.990 -6.259  1.00 47.48 ? 337 HOH A O   1 
HETATM 1109 O O   . HOH E 4 .  ? 23.125  -13.787 -4.048  1.00 52.12 ? 338 HOH A O   1 
HETATM 1110 O O   . HOH E 4 .  ? 14.889  3.678   -2.307  1.00 47.53 ? 339 HOH A O   1 
HETATM 1111 O O   . HOH E 4 .  ? 3.959   -10.611 -8.361  1.00 30.19 ? 340 HOH A O   1 
HETATM 1112 O O   . HOH E 4 .  ? 4.236   7.571   -14.611 1.00 45.73 ? 341 HOH A O   1 
HETATM 1113 O O   . HOH E 4 .  ? -2.375  -7.036  -14.302 1.00 27.58 ? 342 HOH A O   1 
HETATM 1114 O O   . HOH E 4 .  ? 12.680  -22.024 6.509   1.00 24.18 ? 343 HOH A O   1 
HETATM 1115 O O   . HOH E 4 .  ? -3.132  -4.638  -14.047 1.00 26.63 ? 344 HOH A O   1 
HETATM 1116 O O   . HOH E 4 .  ? 5.711   1.415   -13.468 1.00 32.43 ? 345 HOH A O   1 
HETATM 1117 O O   . HOH E 4 .  ? 1.836   -9.436  -8.983  1.00 38.46 ? 346 HOH A O   1 
HETATM 1118 O O   . HOH E 4 .  ? 17.232  -7.754  3.717   1.00 33.54 ? 347 HOH A O   1 
HETATM 1119 O O   . HOH E 4 .  ? -8.110  0.760   -8.197  1.00 38.06 ? 348 HOH A O   1 
HETATM 1120 O O   . HOH E 4 .  ? 14.971  -23.837 -1.848  1.00 31.88 ? 349 HOH A O   1 
HETATM 1121 O O   . HOH E 4 .  ? -6.597  -8.640  -8.717  1.00 30.32 ? 350 HOH A O   1 
HETATM 1122 O O   . HOH E 4 .  ? -4.539  0.452   -6.297  1.00 27.35 ? 351 HOH A O   1 
HETATM 1123 O O   . HOH E 4 .  ? -0.154  -3.751  -6.365  1.00 28.47 ? 352 HOH A O   1 
HETATM 1124 O O   . HOH E 4 .  ? 12.076  2.632   6.217   1.00 36.98 ? 353 HOH A O   1 
HETATM 1125 O O   . HOH E 4 .  ? 1.472   4.864   -14.900 1.00 34.25 ? 354 HOH A O   1 
HETATM 1126 O O   . HOH E 4 .  ? -6.810  6.888   -12.046 1.00 40.95 ? 355 HOH A O   1 
HETATM 1127 O O   . HOH E 4 .  ? 12.288  -24.795 -5.928  1.00 45.02 ? 356 HOH A O   1 
HETATM 1128 O O   . HOH E 4 .  ? 7.142   -24.228 10.996  1.00 42.16 ? 357 HOH A O   1 
HETATM 1129 O O   . HOH E 4 .  ? 16.895  -6.371  5.930   1.00 42.35 ? 358 HOH A O   1 
HETATM 1130 O O   . HOH E 4 .  ? 15.980  -21.737 -6.440  1.00 37.07 ? 359 HOH A O   1 
HETATM 1131 O O   . HOH E 4 .  ? -3.270  -21.848 4.562   1.00 44.12 ? 360 HOH A O   1 
HETATM 1132 O O   . HOH E 4 .  ? -0.329  -6.657  -7.288  1.00 30.03 ? 361 HOH A O   1 
HETATM 1133 O O   . HOH E 4 .  ? 20.167  -16.010 1.967   1.00 33.89 ? 362 HOH A O   1 
HETATM 1134 O O   . HOH E 4 .  ? 1.870   -18.207 9.358   1.00 25.42 ? 363 HOH A O   1 
HETATM 1135 O O   . HOH E 4 .  ? 6.055   -16.521 10.439  1.00 32.94 ? 364 HOH A O   1 
HETATM 1136 O O   . HOH E 4 .  ? 1.741   -20.270 10.787  1.00 43.80 ? 365 HOH A O   1 
HETATM 1137 O O   . HOH E 4 .  ? 16.646  -5.153  -4.454  1.00 39.84 ? 366 HOH A O   1 
HETATM 1138 O O   . HOH E 4 .  ? 12.382  -24.243 -8.427  1.00 33.66 ? 367 HOH A O   1 
HETATM 1139 O O   . HOH E 4 .  ? 7.415   -7.425  -10.976 1.00 46.17 ? 368 HOH A O   1 
HETATM 1140 O O   . HOH E 4 .  ? 20.076  -12.789 4.610   1.00 46.16 ? 369 HOH A O   1 
HETATM 1141 O O   . HOH E 4 .  ? -4.784  -19.846 9.075   1.00 38.37 ? 370 HOH A O   1 
HETATM 1142 O O   . HOH E 4 .  ? 22.879  -10.389 -1.164  1.00 47.90 ? 371 HOH A O   1 
HETATM 1143 O O   . HOH E 4 .  ? 17.360  3.217   -1.058  1.00 54.70 ? 372 HOH A O   1 
HETATM 1144 O O   . HOH E 4 .  ? 13.394  -4.752  9.257   1.00 46.17 ? 373 HOH A O   1 
HETATM 1145 O O   . HOH E 4 .  ? -2.489  -14.047 12.434  1.00 39.73 ? 374 HOH A O   1 
HETATM 1146 O O   . HOH E 4 .  ? 11.855  1.644   8.736   1.00 61.91 ? 375 HOH A O   1 
HETATM 1147 O O   . HOH E 4 .  ? 3.111   -16.124 10.567  1.00 48.45 ? 376 HOH A O   1 
HETATM 1148 O O   . HOH E 4 .  ? 16.129  -5.649  -7.500  1.00 32.47 ? 377 HOH A O   1 
HETATM 1149 O O   . HOH E 4 .  ? 14.376  1.716   10.031  1.00 51.94 ? 378 HOH A O   1 
HETATM 1150 O O   . HOH F 4 .  ? 1.307   8.571   -1.441  1.00 6.43  ? 202 HOH B O   1 
HETATM 1151 O O   . HOH F 4 .  ? 8.958   6.484   -1.871  1.00 11.96 ? 203 HOH B O   1 
HETATM 1152 O O   . HOH F 4 .  ? 2.823   10.766  1.135   1.00 12.34 ? 204 HOH B O   1 
HETATM 1153 O O   . HOH F 4 .  ? -0.149  -1.394  2.936   1.00 18.82 ? 205 HOH B O   1 
HETATM 1154 O O   . HOH F 4 .  ? -14.232 3.700   10.678  1.00 16.35 ? 206 HOH B O   1 
HETATM 1155 O O   . HOH F 4 .  ? 11.166  6.788   1.002   1.00 23.13 ? 207 HOH B O   1 
HETATM 1156 O O   . HOH F 4 .  ? -7.514  14.982  -5.918  1.00 20.75 ? 208 HOH B O   1 
HETATM 1157 O O   . HOH F 4 .  ? 5.956   6.119   -3.418  1.00 14.25 ? 209 HOH B O   1 
HETATM 1158 O O   . HOH F 4 .  ? -11.550 21.673  -5.757  1.00 37.98 ? 210 HOH B O   1 
HETATM 1159 O O   . HOH F 4 .  ? 7.917   13.275  2.623   1.00 32.17 ? 211 HOH B O   1 
HETATM 1160 O O   . HOH F 4 .  ? -16.851 20.683  -0.369  1.00 19.24 ? 212 HOH B O   1 
HETATM 1161 O O   . HOH F 4 .  ? 1.006   12.869  2.333   1.00 19.65 ? 213 HOH B O   1 
HETATM 1162 O O   . HOH F 4 .  ? -15.995 21.636  4.788   1.00 29.83 ? 214 HOH B O   1 
HETATM 1163 O O   . HOH F 4 .  ? 3.695   7.776   -3.665  1.00 13.98 ? 215 HOH B O   1 
HETATM 1164 O O   . HOH F 4 .  ? 5.565   12.577  0.270   1.00 26.38 ? 216 HOH B O   1 
HETATM 1165 O O   . HOH F 4 .  ? -18.888 17.546  -3.315  1.00 25.55 ? 217 HOH B O   1 
HETATM 1166 O O   . HOH F 4 .  ? 6.507   -0.365  4.463   1.00 24.53 ? 218 HOH B O   1 
HETATM 1167 O O   . HOH F 4 .  ? -8.827  4.407   7.587   1.00 21.94 ? 219 HOH B O   1 
HETATM 1168 O O   . HOH F 4 .  ? -6.640  17.297  14.112  1.00 20.11 ? 220 HOH B O   1 
HETATM 1169 O O   . HOH F 4 .  ? -2.017  -1.343  1.351   1.00 22.59 ? 221 HOH B O   1 
HETATM 1170 O O   . HOH F 4 .  ? -10.175 13.051  11.763  1.00 27.53 ? 222 HOH B O   1 
HETATM 1171 O O   . HOH F 4 .  ? -4.336  -0.432  2.465   1.00 27.06 ? 223 HOH B O   1 
HETATM 1172 O O   . HOH F 4 .  ? 4.126   13.457  2.393   1.00 24.35 ? 224 HOH B O   1 
HETATM 1173 O O   . HOH F 4 .  ? 0.741   5.618   3.923   1.00 15.04 ? 225 HOH B O   1 
HETATM 1174 O O   . HOH F 4 .  ? -14.679 12.089  15.381  1.00 41.26 ? 226 HOH B O   1 
HETATM 1175 O O   . HOH F 4 .  ? 2.583   11.881  5.865   1.00 19.90 ? 227 HOH B O   1 
HETATM 1176 O O   . HOH F 4 .  ? -2.563  10.757  8.643   1.00 21.54 ? 228 HOH B O   1 
HETATM 1177 O O   . HOH F 4 .  ? -10.978 11.200  9.611   1.00 19.47 ? 229 HOH B O   1 
HETATM 1178 O O   . HOH F 4 .  ? -16.678 4.780   10.839  1.00 20.52 ? 230 HOH B O   1 
HETATM 1179 O O   . HOH F 4 .  ? -18.572 11.293  7.483   1.00 33.08 ? 231 HOH B O   1 
HETATM 1180 O O   . HOH F 4 .  ? -13.477 10.356  10.802  1.00 27.07 ? 232 HOH B O   1 
HETATM 1181 O O   . HOH F 4 .  ? 4.406   8.718   -9.108  1.00 32.43 ? 233 HOH B O   1 
HETATM 1182 O O   . HOH F 4 .  ? 9.204   15.366  1.765   1.00 28.27 ? 234 HOH B O   1 
HETATM 1183 O O   . HOH F 4 .  ? -16.129 7.393   10.870  1.00 33.37 ? 235 HOH B O   1 
HETATM 1184 O O   . HOH F 4 .  ? -16.655 2.954   -2.164  1.00 24.62 ? 236 HOH B O   1 
HETATM 1185 O O   . HOH F 4 .  ? -9.328  22.942  -6.280  1.00 45.88 ? 237 HOH B O   1 
HETATM 1186 O O   . HOH F 4 .  ? -2.566  -3.846  0.665   1.00 30.58 ? 238 HOH B O   1 
HETATM 1187 O O   . HOH F 4 .  ? 6.731   14.196  -1.396  1.00 38.13 ? 239 HOH B O   1 
HETATM 1188 O O   . HOH F 4 .  ? -6.515  16.148  -8.631  1.00 35.41 ? 240 HOH B O   1 
HETATM 1189 O O   . HOH F 4 .  ? -9.084  -0.051  3.930   1.00 41.27 ? 241 HOH B O   1 
HETATM 1190 O O   . HOH F 4 .  ? -0.228  12.192  9.230   1.00 23.19 ? 242 HOH B O   1 
HETATM 1191 O O   . HOH F 4 .  ? 9.623   12.660  4.949   1.00 33.60 ? 243 HOH B O   1 
HETATM 1192 O O   . HOH F 4 .  ? 11.034  7.928   -2.376  1.00 39.47 ? 244 HOH B O   1 
HETATM 1193 O O   . HOH F 4 .  ? -18.070 0.779   6.907   1.00 32.50 ? 245 HOH B O   1 
HETATM 1194 O O   . HOH F 4 .  ? -16.563 21.590  7.176   1.00 29.03 ? 246 HOH B O   1 
HETATM 1195 O O   . HOH F 4 .  ? 1.053   10.453  7.419   1.00 29.78 ? 247 HOH B O   1 
HETATM 1196 O O   . HOH F 4 .  ? -15.281 12.262  11.436  1.00 45.48 ? 248 HOH B O   1 
HETATM 1197 O O   . HOH F 4 .  ? 4.661   13.743  5.258   1.00 38.54 ? 249 HOH B O   1 
HETATM 1198 O O   . HOH F 4 .  ? -3.562  12.000  -10.838 1.00 27.23 ? 250 HOH B O   1 
HETATM 1199 O O   . HOH F 4 .  ? 2.425   8.127   -10.747 1.00 29.72 ? 251 HOH B O   1 
HETATM 1200 O O   . HOH F 4 .  ? -24.171 0.765   -2.735  1.00 38.89 ? 252 HOH B O   1 
HETATM 1201 O O   . HOH F 4 .  ? -0.463  9.352   -12.394 1.00 31.96 ? 253 HOH B O   1 
HETATM 1202 O O   . HOH F 4 .  ? -18.862 4.207   -2.366  1.00 40.85 ? 254 HOH B O   1 
HETATM 1203 O O   . HOH F 4 .  ? -18.528 16.984  10.580  1.00 33.06 ? 255 HOH B O   1 
HETATM 1204 O O   . HOH F 4 .  ? -17.397 9.623   9.330   1.00 32.53 ? 256 HOH B O   1 
HETATM 1205 O O   . HOH F 4 .  ? -7.736  21.099  9.163   1.00 51.14 ? 257 HOH B O   1 
HETATM 1206 O O   . HOH F 4 .  ? -8.807  24.619  5.334   1.00 39.06 ? 258 HOH B O   1 
HETATM 1207 O O   . HOH F 4 .  ? 0.176   18.055  -3.180  1.00 38.20 ? 259 HOH B O   1 
HETATM 1208 O O   . HOH F 4 .  ? -16.921 19.761  -3.043  1.00 53.61 ? 260 HOH B O   1 
HETATM 1209 O O   . HOH F 4 .  ? 9.131   11.472  0.314   1.00 37.09 ? 261 HOH B O   1 
HETATM 1210 O O   . HOH F 4 .  ? 8.475   0.471   6.915   1.00 30.95 ? 262 HOH B O   1 
HETATM 1211 O O   . HOH F 4 .  ? 0.960   18.324  -0.796  1.00 27.67 ? 263 HOH B O   1 
HETATM 1212 O O   . HOH F 4 .  ? 0.548   -5.575  5.394   1.00 31.04 ? 264 HOH B O   1 
HETATM 1213 O O   . HOH F 4 .  ? 10.540  10.498  -1.723  1.00 29.97 ? 265 HOH B O   1 
HETATM 1214 O O   . HOH F 4 .  ? -14.752 17.985  16.242  1.00 55.82 ? 266 HOH B O   1 
HETATM 1215 O O   . HOH F 4 .  ? -6.760  9.339   -11.431 1.00 43.35 ? 267 HOH B O   1 
HETATM 1216 O O   . HOH F 4 .  ? 2.191   15.782  -5.470  1.00 56.11 ? 268 HOH B O   1 
HETATM 1217 O O   . HOH F 4 .  ? 5.273   14.451  -5.574  1.00 44.92 ? 269 HOH B O   1 
HETATM 1218 O O   . HOH F 4 .  ? 0.747   -7.343  9.406   1.00 48.72 ? 270 HOH B O   1 
HETATM 1219 O O   . HOH F 4 .  ? 1.006   12.684  -8.793  1.00 44.70 ? 271 HOH B O   1 
HETATM 1220 O O   . HOH F 4 .  ? -6.213  23.195  0.480   1.00 45.47 ? 272 HOH B O   1 
HETATM 1221 O O   . HOH F 4 .  ? -20.999 6.997   -3.687  1.00 56.86 ? 273 HOH B O   1 
HETATM 1222 O O   . HOH F 4 .  ? -11.733 18.594  -9.796  1.00 51.57 ? 274 HOH B O   1 
# 
